data_9PRU
#
_entry.id   9PRU
#
_cell.length_a   130.062
_cell.length_b   130.594
_cell.length_c   170.511
_cell.angle_alpha   90.00
_cell.angle_beta   90.00
_cell.angle_gamma   90.00
#
_symmetry.space_group_name_H-M   'P 21 21 21'
#
loop_
_entity.id
_entity.type
_entity.pdbx_description
1 polymer '3G8 Fab light chain'
2 polymer '3G8 Fab Heavy Chain'
3 polymer 'Low affinity immunoglobulin gamma Fc region receptor III-A'
4 branched beta-D-mannopyranose-(1-4)-2-acetamido-2-deoxy-beta-D-glucopyranose-(1-4)-2-acetamido-2-deoxy-beta-D-glucopyranose
5 branched 2-acetamido-2-deoxy-beta-D-glucopyranose-(1-4)-2-acetamido-2-deoxy-beta-D-glucopyranose
6 non-polymer GLYCEROL
7 non-polymer 'SODIUM ION'
8 non-polymer 'CHLORIDE ION'
9 non-polymer 2-acetamido-2-deoxy-beta-D-glucopyranose
10 water water
#
loop_
_entity_poly.entity_id
_entity_poly.type
_entity_poly.pdbx_seq_one_letter_code
_entity_poly.pdbx_strand_id
1 'polypeptide(L)'
;AIVLTQSPASLAVSLGQRATISCKASQSVDFDGDSFMNWYQQKPGQPPKLLIYTTSNLESGIPARFSASGSGTDFTLNIH
PVEEEDTATYYCQQSNEDPYTFGGGTKLELKRADAAPTVSIFPPSSEQLTSGGASVVCFLNNFYPKDINVKWKIDGSERQ
NGVLNSWTDQDSKDSTYSMSSTLTLTKDEYERHNSYTCEATHKTSTSPIVKSFNRNEC
;
A,C,E,G
2 'polypeptide(L)'
;QVTLKESGPGILQPSQTLSLTCSFSGFSLRTSGMGVGWIRQPSGKGLEWLAHIWWDDDKRYNPALKSRLTISKDTSSNQV
FLKIASVDTADTATYYCAQINPAWFAYWGQGTLVTVSAAKTTPPSVYPLAPGSAAQTNSMVTLGCLVKGYFPEPVTVTWN
SGSLSSGVHTFPAVLQSDLYTLSSSVTVPSSTWPSETVTCNVAHPASSTKVDKKIVPRDCG
;
B,D,F,H
3 'polypeptide(L)'
;RTEDLPKAVVFLEPQWYRVLEKDSVTLKCQGAYSPEDQSTQWFHNESLISSQASSYFIDAATVDDSGEYRCQTQLSTLSD
PVQLEVHIGWLLLQAPRWVFKEEDPIHLRCHSWKNTALHKVTYLQNGKGRKYFHHNSDFYIPKATLKDSGSYFCRGLFGS
KNVSSETVQITITQG
;
W,X,Y,Z
#
# COMPACT_ATOMS: atom_id res chain seq x y z
N ALA A 1 8.11 45.77 3.87
CA ALA A 1 9.06 44.66 3.75
C ALA A 1 9.91 44.57 5.02
N ILE A 2 10.08 43.37 5.53
CA ILE A 2 10.75 43.17 6.81
C ILE A 2 12.25 43.27 6.62
N VAL A 3 12.89 44.08 7.45
CA VAL A 3 14.33 44.27 7.40
C VAL A 3 14.95 43.51 8.56
N LEU A 4 15.91 42.65 8.24
CA LEU A 4 16.61 41.82 9.22
C LEU A 4 18.04 42.31 9.33
N THR A 5 18.46 42.70 10.52
CA THR A 5 19.81 43.22 10.71
C THR A 5 20.55 42.36 11.72
N GLN A 6 21.72 41.88 11.30
CA GLN A 6 22.52 40.96 12.11
C GLN A 6 23.65 41.70 12.80
N SER A 7 23.91 41.31 14.05
CA SER A 7 24.97 41.90 14.86
C SER A 7 25.67 40.76 15.58
N PRO A 8 27.03 40.71 15.56
CA PRO A 8 27.93 41.62 14.84
C PRO A 8 27.94 41.29 13.36
N ALA A 9 28.62 42.10 12.55
CA ALA A 9 28.87 41.76 11.15
C ALA A 9 30.01 40.76 11.00
N SER A 10 30.88 40.63 12.01
CA SER A 10 31.97 39.68 11.96
C SER A 10 32.46 39.42 13.37
N LEU A 11 33.01 38.24 13.57
CA LEU A 11 33.37 37.77 14.90
C LEU A 11 34.59 36.88 14.72
N ALA A 12 35.59 37.06 15.59
CA ALA A 12 36.65 36.08 15.76
C ALA A 12 36.41 35.36 17.08
N VAL A 13 36.49 34.04 17.07
CA VAL A 13 36.06 33.23 18.19
C VAL A 13 37.14 32.24 18.57
N SER A 14 37.30 31.99 19.86
CA SER A 14 38.21 30.96 20.31
C SER A 14 37.55 29.59 20.29
N LEU A 15 38.36 28.56 20.06
CA LEU A 15 37.87 27.19 20.13
C LEU A 15 37.19 26.93 21.46
N GLY A 16 35.97 26.37 21.40
CA GLY A 16 35.25 25.97 22.58
C GLY A 16 34.39 27.03 23.22
N GLN A 17 34.46 28.27 22.76
CA GLN A 17 33.68 29.29 23.42
C GLN A 17 32.29 29.44 22.78
N ARG A 18 31.38 30.00 23.55
CA ARG A 18 30.07 30.35 23.01
C ARG A 18 30.20 31.51 22.04
N ALA A 19 29.50 31.42 20.92
CA ALA A 19 29.32 32.51 19.97
C ALA A 19 27.85 32.79 19.85
N THR A 20 27.50 34.07 19.86
CA THR A 20 26.13 34.54 19.78
C THR A 20 26.01 35.47 18.58
N ILE A 21 24.98 35.29 17.78
CA ILE A 21 24.67 36.18 16.67
C ILE A 21 23.24 36.64 16.84
N SER A 22 23.02 37.95 16.75
CA SER A 22 21.70 38.53 16.88
C SER A 22 21.15 38.88 15.51
N CYS A 23 19.84 38.71 15.34
CA CYS A 23 19.14 39.11 14.13
C CYS A 23 17.88 39.82 14.57
N LYS A 24 17.77 41.11 14.22
CA LYS A 24 16.69 41.96 14.67
C LYS A 24 15.78 42.25 13.50
N ALA A 25 14.49 41.98 13.68
CA ALA A 25 13.48 42.21 12.65
C ALA A 25 12.83 43.57 12.87
N SER A 26 12.63 44.30 11.77
CA SER A 26 11.98 45.63 11.86
C SER A 26 10.52 45.47 12.28
N GLN A 27 9.91 44.32 11.97
CA GLN A 27 8.47 44.12 12.28
C GLN A 27 8.31 42.95 13.28
N SER A 28 7.28 43.01 14.14
CA SER A 28 7.02 41.91 15.10
C SER A 28 5.78 41.13 14.66
N VAL A 29 5.83 39.79 14.71
CA VAL A 29 4.71 38.94 14.32
C VAL A 29 4.47 37.91 15.43
N ASP A 30 3.78 38.33 16.48
CA ASP A 30 3.47 37.47 17.63
C ASP A 30 4.72 36.81 18.22
N ASP A 34 5.08 30.38 16.54
CA ASP A 34 6.47 30.84 16.44
C ASP A 34 6.77 31.46 15.06
N SER A 35 7.53 32.54 15.07
CA SER A 35 7.87 33.24 13.83
C SER A 35 8.67 32.31 12.90
N PHE A 36 8.45 32.47 11.60
CA PHE A 36 9.19 31.70 10.59
C PHE A 36 10.57 32.32 10.38
N MET A 37 11.39 32.25 11.42
CA MET A 37 12.76 32.73 11.35
C MET A 37 13.69 31.53 11.19
N ASN A 38 14.51 31.56 10.15
CA ASN A 38 15.40 30.46 9.80
C ASN A 38 16.84 30.93 9.80
N TRP A 39 17.76 30.00 10.03
CA TRP A 39 19.19 30.26 10.07
C TRP A 39 19.89 29.27 9.16
N TYR A 40 20.86 29.77 8.39
CA TYR A 40 21.61 28.99 7.43
C TYR A 40 23.10 29.24 7.63
N GLN A 41 23.89 28.19 7.42
CA GLN A 41 25.34 28.30 7.47
C GLN A 41 25.84 28.19 6.04
N GLN A 42 26.73 29.12 5.65
CA GLN A 42 27.30 29.06 4.30
C GLN A 42 28.81 29.09 4.41
N LYS A 43 29.41 27.95 4.18
CA LYS A 43 30.85 27.83 4.06
C LYS A 43 31.27 28.36 2.70
N PRO A 44 32.44 29.01 2.64
CA PRO A 44 32.82 29.76 1.42
C PRO A 44 32.62 29.03 0.10
N GLY A 45 32.94 27.75 -0.02
CA GLY A 45 32.75 27.24 -1.36
C GLY A 45 31.36 26.71 -1.73
N GLN A 46 30.38 26.75 -0.82
CA GLN A 46 29.22 25.88 -0.88
C GLN A 46 27.91 26.64 -0.83
N PRO A 47 26.78 25.97 -1.10
CA PRO A 47 25.47 26.60 -0.87
C PRO A 47 25.22 26.82 0.61
N PRO A 48 24.26 27.65 0.96
CA PRO A 48 23.78 27.69 2.34
C PRO A 48 23.18 26.35 2.73
N LYS A 49 23.26 26.04 4.02
CA LYS A 49 22.73 24.81 4.57
C LYS A 49 21.88 25.19 5.78
N LEU A 50 20.66 24.67 5.83
CA LEU A 50 19.75 24.98 6.93
C LEU A 50 20.29 24.50 8.29
N LEU A 51 20.26 25.38 9.27
CA LEU A 51 20.63 25.04 10.65
C LEU A 51 19.44 24.97 11.58
N ILE A 52 18.61 26.01 11.56
CA ILE A 52 17.49 26.22 12.46
C ILE A 52 16.31 26.63 11.59
N TYR A 53 15.14 26.04 11.86
CA TYR A 53 13.91 26.43 11.18
C TYR A 53 12.86 26.82 12.22
N THR A 54 12.04 27.81 11.87
CA THR A 54 10.96 28.34 12.70
C THR A 54 11.46 28.69 14.11
N THR A 55 12.42 29.62 14.14
CA THR A 55 12.96 30.26 15.34
C THR A 55 13.89 29.38 16.17
N SER A 56 13.52 28.14 16.48
CA SER A 56 14.28 27.37 17.47
C SER A 56 14.47 25.91 17.12
N ASN A 57 14.00 25.43 15.99
CA ASN A 57 14.01 24.01 15.71
C ASN A 57 15.30 23.60 15.01
N LEU A 58 16.03 22.71 15.67
CA LEU A 58 17.30 22.21 15.15
C LEU A 58 17.05 21.21 14.03
N GLU A 59 17.63 21.47 12.86
CA GLU A 59 17.46 20.59 11.71
C GLU A 59 18.23 19.30 11.94
N SER A 60 17.63 18.17 11.55
CA SER A 60 18.26 16.89 11.85
C SER A 60 19.58 16.76 11.09
N GLY A 61 20.55 16.12 11.74
CA GLY A 61 21.89 16.02 11.23
C GLY A 61 22.80 17.18 11.60
N ILE A 62 22.26 18.21 12.25
CA ILE A 62 23.04 19.36 12.71
C ILE A 62 23.35 19.14 14.18
N PRO A 63 24.59 19.33 14.62
CA PRO A 63 24.90 19.10 16.04
C PRO A 63 24.15 20.05 16.94
N ALA A 64 23.84 19.57 18.16
CA ALA A 64 23.03 20.31 19.13
C ALA A 64 23.77 21.46 19.78
N ARG A 65 25.05 21.65 19.48
CA ARG A 65 25.71 22.88 19.90
C ARG A 65 25.23 24.10 19.12
N PHE A 66 24.49 23.91 18.03
CA PHE A 66 23.71 24.98 17.42
C PHE A 66 22.33 25.04 18.07
N SER A 67 21.92 26.23 18.48
CA SER A 67 20.58 26.41 19.00
C SER A 67 20.17 27.86 18.76
N ALA A 68 18.89 28.15 18.91
CA ALA A 68 18.40 29.49 18.60
C ALA A 68 17.12 29.76 19.38
N SER A 69 16.85 31.05 19.58
CA SER A 69 15.72 31.47 20.39
C SER A 69 15.26 32.81 19.85
N GLY A 70 14.00 33.12 20.11
CA GLY A 70 13.42 34.37 19.64
C GLY A 70 12.70 35.09 20.77
N SER A 71 12.89 36.42 20.82
CA SER A 71 12.31 37.23 21.91
C SER A 71 11.60 38.44 21.30
N GLY A 72 10.70 38.19 20.35
CA GLY A 72 9.96 39.29 19.71
C GLY A 72 10.57 39.67 18.40
N THR A 73 11.35 40.75 18.37
CA THR A 73 12.06 41.15 17.14
C THR A 73 13.51 40.78 17.33
N ASP A 74 13.82 40.03 18.38
CA ASP A 74 15.19 39.76 18.78
C ASP A 74 15.42 38.25 18.67
N PHE A 75 16.08 37.82 17.60
CA PHE A 75 16.36 36.41 17.35
C PHE A 75 17.85 36.15 17.47
N THR A 76 18.21 35.08 18.18
CA THR A 76 19.60 34.86 18.57
C THR A 76 20.02 33.44 18.20
N LEU A 77 21.11 33.32 17.44
CA LEU A 77 21.75 32.05 17.15
C LEU A 77 22.90 31.84 18.13
N ASN A 78 23.01 30.63 18.66
CA ASN A 78 24.03 30.30 19.64
C ASN A 78 24.81 29.09 19.17
N ILE A 79 26.12 29.22 19.14
CA ILE A 79 27.03 28.13 18.84
C ILE A 79 27.90 27.92 20.06
N HIS A 80 27.83 26.75 20.65
CA HIS A 80 28.64 26.51 21.84
C HIS A 80 28.73 25.01 22.09
N PRO A 81 29.93 24.43 22.05
CA PRO A 81 31.25 25.02 21.77
C PRO A 81 31.48 25.31 20.29
N VAL A 82 32.28 26.32 19.99
CA VAL A 82 32.66 26.62 18.61
C VAL A 82 33.81 25.71 18.20
N GLU A 83 33.76 25.18 16.97
CA GLU A 83 34.78 24.27 16.46
C GLU A 83 35.46 24.88 15.22
N GLU A 84 36.61 24.30 14.85
CA GLU A 84 37.34 24.72 13.64
C GLU A 84 36.45 24.81 12.42
N GLU A 85 35.56 23.83 12.24
CA GLU A 85 34.76 23.75 11.03
C GLU A 85 33.59 24.73 11.00
N ASP A 86 33.45 25.58 12.00
CA ASP A 86 32.37 26.56 11.99
C ASP A 86 32.75 27.84 11.25
N THR A 87 33.99 27.99 10.82
CA THR A 87 34.32 29.18 10.05
C THR A 87 33.45 29.26 8.78
N ALA A 88 32.62 30.30 8.70
CA ALA A 88 31.57 30.41 7.69
C ALA A 88 30.87 31.74 7.90
N THR A 89 29.97 32.08 6.97
CA THR A 89 28.99 33.16 7.14
C THR A 89 27.62 32.58 7.50
N TYR A 90 26.97 33.16 8.50
CA TYR A 90 25.67 32.72 9.02
C TYR A 90 24.62 33.76 8.66
N TYR A 91 23.49 33.29 8.13
CA TYR A 91 22.40 34.13 7.65
C TYR A 91 21.10 33.78 8.37
N CYS A 92 20.39 34.79 8.86
CA CYS A 92 19.00 34.64 9.26
C CYS A 92 18.10 34.96 8.06
N GLN A 93 16.84 34.51 8.14
CA GLN A 93 15.94 34.63 7.00
C GLN A 93 14.52 34.48 7.50
N GLN A 94 13.60 35.29 6.97
CA GLN A 94 12.20 35.23 7.40
C GLN A 94 11.32 34.78 6.24
N SER A 95 10.39 33.87 6.54
CA SER A 95 9.36 33.48 5.60
C SER A 95 8.00 33.99 6.05
N ASN A 96 7.96 34.91 7.02
CA ASN A 96 6.72 35.40 7.56
C ASN A 96 5.89 36.16 6.53
N GLU A 97 6.54 36.92 5.64
CA GLU A 97 5.79 37.77 4.72
C GLU A 97 6.54 37.87 3.40
N ASP A 98 5.77 37.98 2.30
CA ASP A 98 6.36 38.35 1.01
C ASP A 98 6.85 39.80 1.07
N PRO A 99 7.99 40.11 0.48
CA PRO A 99 8.95 39.20 -0.16
C PRO A 99 9.81 38.56 0.91
N TYR A 100 10.26 37.32 0.72
CA TYR A 100 11.16 36.71 1.70
C TYR A 100 12.49 37.45 1.73
N THR A 101 13.01 37.71 2.91
CA THR A 101 14.24 38.49 3.04
C THR A 101 15.25 37.81 3.96
N PHE A 102 16.53 38.07 3.67
CA PHE A 102 17.65 37.57 4.44
C PHE A 102 18.31 38.67 5.26
N GLY A 103 18.96 38.28 6.33
CA GLY A 103 19.84 39.19 7.01
C GLY A 103 21.11 39.36 6.19
N GLY A 104 21.90 40.36 6.57
CA GLY A 104 23.10 40.63 5.80
C GLY A 104 24.24 39.66 6.03
N GLY A 105 24.17 38.82 7.06
CA GLY A 105 25.27 37.87 7.23
C GLY A 105 26.22 38.23 8.37
N THR A 106 26.70 37.21 9.06
CA THR A 106 27.72 37.37 10.09
C THR A 106 28.85 36.42 9.75
N LYS A 107 30.06 36.95 9.57
CA LYS A 107 31.20 36.15 9.14
C LYS A 107 31.97 35.73 10.38
N LEU A 108 31.91 34.44 10.70
CA LEU A 108 32.59 33.84 11.85
C LEU A 108 33.94 33.30 11.40
N GLU A 109 35.00 33.71 12.08
CA GLU A 109 36.34 33.21 11.83
C GLU A 109 36.90 32.64 13.12
N LEU A 110 37.75 31.62 12.97
CA LEU A 110 38.39 30.97 14.11
C LEU A 110 39.74 31.60 14.42
N LYS A 111 40.07 31.62 15.70
CA LYS A 111 41.40 31.97 16.19
C LYS A 111 42.20 30.70 16.43
N ARG A 112 43.53 30.83 16.37
CA ARG A 112 44.45 29.72 16.59
C ARG A 112 45.80 30.30 16.99
N ALA A 113 46.77 29.43 17.26
CA ALA A 113 48.11 29.90 17.57
C ALA A 113 48.76 30.52 16.34
N ASP A 114 49.56 31.55 16.54
CA ASP A 114 50.25 32.19 15.42
C ASP A 114 51.06 31.16 14.67
N ALA A 115 51.08 31.29 13.34
CA ALA A 115 51.82 30.37 12.50
C ALA A 115 52.48 31.19 11.40
N ALA A 116 53.75 30.94 11.16
CA ALA A 116 54.44 31.74 10.17
C ALA A 116 54.20 31.18 8.76
N PRO A 117 54.19 32.03 7.73
CA PRO A 117 53.99 31.52 6.37
C PRO A 117 55.18 30.70 5.90
N THR A 118 54.86 29.63 5.17
CA THR A 118 55.85 28.89 4.40
C THR A 118 55.92 29.56 3.04
N VAL A 119 57.08 30.09 2.67
CA VAL A 119 57.18 30.97 1.51
C VAL A 119 57.99 30.29 0.43
N SER A 120 57.48 30.35 -0.81
CA SER A 120 58.13 29.73 -1.96
C SER A 120 58.02 30.69 -3.13
N ILE A 121 59.12 30.83 -3.90
CA ILE A 121 59.13 31.75 -5.03
C ILE A 121 59.40 30.97 -6.31
N PHE A 122 58.84 31.46 -7.42
CA PHE A 122 58.87 30.73 -8.69
C PHE A 122 59.08 31.70 -9.84
N PRO A 123 60.05 31.45 -10.70
CA PRO A 123 60.30 32.36 -11.82
C PRO A 123 59.31 32.10 -12.95
N PRO A 124 59.26 32.98 -13.95
CA PRO A 124 58.49 32.67 -15.16
C PRO A 124 58.91 31.33 -15.74
N SER A 125 57.92 30.58 -16.24
CA SER A 125 58.23 29.35 -16.94
C SER A 125 58.71 29.66 -18.34
N SER A 126 59.31 28.67 -19.00
CA SER A 126 59.77 28.88 -20.38
C SER A 126 58.59 29.19 -21.29
N GLU A 127 57.55 28.33 -21.24
CA GLU A 127 56.33 28.49 -22.02
C GLU A 127 55.79 29.91 -21.98
N GLN A 128 55.61 30.47 -20.78
CA GLN A 128 55.10 31.83 -20.71
C GLN A 128 56.07 32.82 -21.35
N LEU A 129 57.38 32.60 -21.17
CA LEU A 129 58.38 33.51 -21.73
C LEU A 129 58.35 33.50 -23.25
N THR A 130 58.36 32.30 -23.86
CA THR A 130 58.22 32.21 -25.31
C THR A 130 56.99 32.96 -25.77
N SER A 131 55.87 32.81 -25.06
CA SER A 131 54.62 33.48 -25.42
C SER A 131 54.67 34.98 -25.23
N GLY A 132 55.67 35.51 -24.52
CA GLY A 132 55.92 36.95 -24.47
C GLY A 132 55.78 37.59 -23.11
N GLY A 133 55.17 36.92 -22.12
CA GLY A 133 54.97 37.47 -20.80
C GLY A 133 55.82 36.76 -19.75
N ALA A 134 55.87 37.37 -18.57
CA ALA A 134 56.71 36.89 -17.47
C ALA A 134 55.99 37.10 -16.14
N SER A 135 55.60 36.01 -15.49
CA SER A 135 54.95 36.09 -14.19
C SER A 135 55.81 35.42 -13.14
N VAL A 136 56.07 36.15 -12.06
CA VAL A 136 56.84 35.68 -10.91
C VAL A 136 55.86 35.42 -9.78
N VAL A 137 55.82 34.18 -9.27
CA VAL A 137 54.78 33.73 -8.36
C VAL A 137 55.37 33.47 -6.98
N CYS A 138 54.72 33.97 -5.95
CA CYS A 138 55.13 33.74 -4.58
C CYS A 138 53.95 33.17 -3.81
N PHE A 139 54.16 32.06 -3.11
CA PHE A 139 53.16 31.45 -2.24
C PHE A 139 53.56 31.66 -0.79
N LEU A 140 52.59 32.03 0.04
CA LEU A 140 52.80 32.24 1.47
C LEU A 140 51.72 31.41 2.15
N ASN A 141 52.06 30.19 2.53
CA ASN A 141 51.03 29.21 2.86
C ASN A 141 50.95 28.94 4.37
N ASN A 142 49.73 28.73 4.85
CA ASN A 142 49.47 28.17 6.18
C ASN A 142 49.96 29.06 7.31
N PHE A 143 49.48 30.29 7.32
CA PHE A 143 49.91 31.23 8.36
C PHE A 143 48.71 31.70 9.15
N TYR A 144 49.00 32.40 10.22
CA TYR A 144 48.00 32.99 11.09
C TYR A 144 48.70 34.01 11.98
N PRO A 145 48.12 35.20 12.20
CA PRO A 145 46.80 35.68 11.73
C PRO A 145 46.77 36.01 10.24
N LYS A 146 45.60 36.38 9.69
CA LYS A 146 45.47 36.56 8.24
C LYS A 146 46.24 37.78 7.73
N ASP A 147 46.44 38.79 8.58
CA ASP A 147 47.15 40.00 8.18
C ASP A 147 48.58 39.68 7.72
N ILE A 148 48.91 40.07 6.50
CA ILE A 148 50.24 39.80 5.96
C ILE A 148 50.54 40.81 4.87
N ASN A 149 51.81 41.14 4.71
CA ASN A 149 52.24 42.11 3.70
C ASN A 149 53.36 41.49 2.89
N VAL A 150 53.24 41.57 1.57
CA VAL A 150 54.27 41.10 0.64
C VAL A 150 54.91 42.30 -0.04
N LYS A 151 56.23 42.28 -0.13
CA LYS A 151 57.00 43.31 -0.83
C LYS A 151 57.82 42.64 -1.92
N TRP A 152 57.58 43.02 -3.17
CA TRP A 152 58.37 42.52 -4.28
C TRP A 152 59.57 43.41 -4.54
N LYS A 153 60.73 42.78 -4.81
CA LYS A 153 61.92 43.50 -5.20
C LYS A 153 62.46 42.96 -6.52
N ILE A 154 63.07 43.86 -7.29
CA ILE A 154 63.77 43.53 -8.53
C ILE A 154 65.17 44.11 -8.39
N ASP A 155 66.16 43.25 -8.15
CA ASP A 155 67.55 43.66 -7.96
C ASP A 155 67.67 44.75 -6.89
N GLY A 156 66.91 44.59 -5.81
CA GLY A 156 66.99 45.49 -4.67
C GLY A 156 66.02 46.66 -4.69
N SER A 157 65.36 46.91 -5.82
CA SER A 157 64.39 48.00 -5.93
C SER A 157 62.98 47.45 -5.80
N GLU A 158 62.21 48.04 -4.90
CA GLU A 158 60.83 47.60 -4.70
C GLU A 158 60.01 47.89 -5.95
N ARG A 159 59.15 46.93 -6.32
CA ARG A 159 58.24 47.07 -7.44
C ARG A 159 56.81 47.03 -6.91
N GLN A 160 56.09 48.14 -7.05
CA GLN A 160 54.71 48.23 -6.59
C GLN A 160 53.69 47.90 -7.67
N ASN A 161 53.87 48.41 -8.89
CA ASN A 161 52.93 48.13 -9.97
C ASN A 161 53.13 46.72 -10.49
N GLY A 162 52.01 46.10 -10.88
CA GLY A 162 52.04 44.76 -11.45
C GLY A 162 51.85 43.60 -10.49
N VAL A 163 51.66 43.87 -9.18
CA VAL A 163 51.50 42.80 -8.20
C VAL A 163 50.01 42.50 -8.02
N LEU A 164 49.66 41.22 -7.99
CA LEU A 164 48.27 40.78 -7.84
C LEU A 164 48.18 39.73 -6.75
N ASN A 165 47.41 40.02 -5.71
CA ASN A 165 47.36 39.22 -4.50
C ASN A 165 45.99 38.61 -4.30
N SER A 166 45.98 37.39 -3.76
CA SER A 166 44.76 36.63 -3.56
C SER A 166 44.94 35.78 -2.31
N TRP A 167 43.96 35.84 -1.40
CA TRP A 167 43.94 35.03 -0.17
C TRP A 167 42.92 33.90 -0.26
N THR A 168 43.26 32.75 0.33
CA THR A 168 42.28 31.69 0.50
C THR A 168 41.35 32.01 1.66
N ASP A 169 40.20 31.34 1.70
CA ASP A 169 39.35 31.37 2.87
C ASP A 169 39.98 30.55 3.98
N GLN A 170 39.56 30.82 5.22
CA GLN A 170 40.14 30.12 6.35
C GLN A 170 40.00 28.62 6.18
N ASP A 171 41.05 27.88 6.54
CA ASP A 171 41.00 26.44 6.42
C ASP A 171 40.07 25.86 7.50
N SER A 172 39.16 24.97 7.10
CA SER A 172 38.16 24.48 8.03
C SER A 172 38.69 23.42 8.97
N LYS A 173 39.91 22.92 8.75
CA LYS A 173 40.53 21.92 9.62
C LYS A 173 41.58 22.52 10.54
N ASP A 174 42.43 23.42 10.03
CA ASP A 174 43.51 23.95 10.85
C ASP A 174 43.46 25.45 11.05
N SER A 175 42.48 26.14 10.48
CA SER A 175 42.19 27.55 10.74
C SER A 175 43.29 28.49 10.24
N THR A 176 44.21 28.01 9.40
CA THR A 176 45.19 28.90 8.79
C THR A 176 44.63 29.56 7.53
N TYR A 177 45.40 30.52 7.00
CA TYR A 177 45.20 31.19 5.73
C TYR A 177 46.42 31.00 4.87
N SER A 178 46.23 31.14 3.55
CA SER A 178 47.34 31.16 2.61
C SER A 178 47.09 32.30 1.63
N MET A 179 48.16 32.72 0.95
CA MET A 179 48.05 33.84 0.02
C MET A 179 49.00 33.61 -1.15
N SER A 180 48.60 34.04 -2.34
CA SER A 180 49.50 34.08 -3.49
C SER A 180 49.73 35.52 -3.91
N SER A 181 50.93 35.78 -4.43
CA SER A 181 51.32 37.09 -4.90
C SER A 181 52.01 36.91 -6.25
N THR A 182 51.46 37.52 -7.28
CA THR A 182 51.89 37.29 -8.65
C THR A 182 52.32 38.59 -9.27
N LEU A 183 53.61 38.69 -9.62
CA LEU A 183 54.17 39.87 -10.27
C LEU A 183 54.20 39.63 -11.77
N THR A 184 53.52 40.50 -12.51
CA THR A 184 53.39 40.37 -13.96
C THR A 184 54.30 41.36 -14.68
N LEU A 185 55.03 40.86 -15.66
CA LEU A 185 55.94 41.63 -16.49
C LEU A 185 55.87 41.11 -17.91
N THR A 186 56.52 41.81 -18.84
CA THR A 186 56.74 41.24 -20.15
C THR A 186 58.13 40.60 -20.20
N LYS A 187 58.35 39.75 -21.21
CA LYS A 187 59.62 39.06 -21.31
C LYS A 187 60.77 40.06 -21.38
N ASP A 188 60.57 41.19 -22.04
CA ASP A 188 61.64 42.17 -22.22
C ASP A 188 62.00 42.84 -20.90
N GLU A 189 61.02 43.37 -20.18
CA GLU A 189 61.33 44.02 -18.92
C GLU A 189 61.78 43.03 -17.86
N TYR A 190 61.58 41.73 -18.09
CA TYR A 190 62.04 40.70 -17.15
C TYR A 190 63.52 40.42 -17.35
N GLU A 191 63.94 40.23 -18.59
CA GLU A 191 65.31 39.86 -18.88
C GLU A 191 66.29 41.01 -18.78
N ARG A 192 65.85 42.18 -18.33
CA ARG A 192 66.78 43.27 -18.06
C ARG A 192 67.47 43.12 -16.71
N HIS A 193 66.79 42.49 -15.75
CA HIS A 193 67.25 42.41 -14.38
C HIS A 193 67.45 40.95 -13.98
N ASN A 194 68.26 40.73 -12.94
CA ASN A 194 68.66 39.37 -12.57
C ASN A 194 67.93 38.81 -11.35
N SER A 195 67.93 39.50 -10.22
CA SER A 195 67.46 38.93 -8.96
C SER A 195 66.06 39.46 -8.64
N TYR A 196 65.17 38.53 -8.25
CA TYR A 196 63.78 38.86 -7.96
C TYR A 196 63.44 38.30 -6.59
N THR A 197 62.82 39.12 -5.75
CA THR A 197 62.69 38.81 -4.34
C THR A 197 61.25 39.00 -3.86
N CYS A 198 60.79 38.02 -3.08
CA CYS A 198 59.50 38.04 -2.39
C CYS A 198 59.76 38.18 -0.90
N GLU A 199 59.20 39.21 -0.27
CA GLU A 199 59.51 39.54 1.11
C GLU A 199 58.22 39.62 1.94
N ALA A 200 58.10 38.75 2.93
CA ALA A 200 56.86 38.59 3.70
C ALA A 200 57.02 39.16 5.11
N THR A 201 56.25 40.20 5.42
CA THR A 201 56.23 40.75 6.77
C THR A 201 54.99 40.23 7.50
N HIS A 202 55.21 39.60 8.64
CA HIS A 202 54.11 38.98 9.36
C HIS A 202 54.36 39.09 10.86
N LYS A 203 53.26 39.00 11.63
CA LYS A 203 53.33 39.13 13.09
C LYS A 203 54.36 38.19 13.70
N THR A 204 54.62 37.06 13.06
CA THR A 204 55.42 36.00 13.67
C THR A 204 56.92 36.28 13.63
N SER A 205 57.36 37.39 13.07
CA SER A 205 58.79 37.67 13.00
C SER A 205 59.01 39.18 12.96
N THR A 206 60.03 39.63 13.71
CA THR A 206 60.49 41.00 13.58
C THR A 206 61.18 41.22 12.23
N SER A 207 61.80 40.16 11.68
CA SER A 207 62.52 40.18 10.42
C SER A 207 61.69 39.53 9.33
N PRO A 208 61.62 40.13 8.15
CA PRO A 208 60.82 39.52 7.07
C PRO A 208 61.39 38.19 6.61
N ILE A 209 60.51 37.34 6.11
CA ILE A 209 60.92 36.13 5.40
C ILE A 209 61.22 36.52 3.96
N VAL A 210 62.42 36.15 3.49
CA VAL A 210 62.91 36.59 2.19
C VAL A 210 63.23 35.37 1.33
N LYS A 211 62.55 35.26 0.19
CA LYS A 211 62.83 34.23 -0.78
C LYS A 211 63.14 34.91 -2.11
N SER A 212 64.13 34.37 -2.82
CA SER A 212 64.63 35.06 -4.01
C SER A 212 65.13 34.04 -5.01
N PHE A 213 65.29 34.48 -6.25
CA PHE A 213 65.99 33.69 -7.25
C PHE A 213 66.79 34.63 -8.14
N ASN A 214 67.83 34.09 -8.75
CA ASN A 214 68.64 34.80 -9.72
C ASN A 214 68.39 34.18 -11.08
N ARG A 215 68.04 35.03 -12.06
CA ARG A 215 67.76 34.52 -13.40
C ARG A 215 68.97 33.76 -13.95
N ASN A 216 70.17 34.27 -13.74
CA ASN A 216 71.40 33.57 -14.09
C ASN A 216 71.84 32.66 -12.96
N GLU A 217 70.91 31.82 -12.48
CA GLU A 217 71.11 30.92 -11.33
C GLU A 217 72.36 30.06 -11.47
N GLN B 1 18.92 11.92 -0.54
CA GLN B 1 17.63 11.82 -1.22
C GLN B 1 17.34 13.09 -2.02
N VAL B 2 16.77 14.11 -1.37
CA VAL B 2 16.43 15.34 -2.06
C VAL B 2 17.69 16.03 -2.55
N THR B 3 17.75 16.32 -3.85
CA THR B 3 18.88 17.01 -4.46
C THR B 3 18.35 17.93 -5.55
N LEU B 4 19.05 19.04 -5.76
CA LEU B 4 18.71 19.99 -6.81
C LEU B 4 19.98 20.39 -7.54
N LYS B 5 19.91 20.47 -8.86
CA LYS B 5 21.05 20.91 -9.65
C LYS B 5 20.61 21.98 -10.63
N GLU B 6 21.23 23.16 -10.54
CA GLU B 6 20.96 24.26 -11.43
C GLU B 6 21.76 24.11 -12.72
N SER B 7 21.26 24.75 -13.78
CA SER B 7 22.00 24.88 -15.03
C SER B 7 21.72 26.25 -15.65
N GLY B 8 22.75 26.83 -16.22
CA GLY B 8 22.65 28.08 -16.94
C GLY B 8 23.55 28.04 -18.15
N PRO B 9 23.77 29.19 -18.79
CA PRO B 9 24.67 29.27 -19.95
C PRO B 9 26.12 29.62 -19.60
N GLY B 10 26.43 29.83 -18.32
CA GLY B 10 27.76 30.26 -17.92
C GLY B 10 27.96 31.75 -18.18
N ILE B 11 27.79 32.15 -19.44
CA ILE B 11 27.99 33.52 -19.90
C ILE B 11 26.89 33.85 -20.91
N LEU B 12 26.37 35.07 -20.83
CA LEU B 12 25.50 35.64 -21.84
C LEU B 12 25.77 37.13 -21.89
N GLN B 13 25.48 37.72 -23.05
CA GLN B 13 25.74 39.13 -23.29
C GLN B 13 24.64 39.99 -22.69
N PRO B 14 24.94 41.24 -22.32
CA PRO B 14 23.91 42.11 -21.74
C PRO B 14 22.74 42.32 -22.70
N SER B 15 21.61 42.74 -22.12
CA SER B 15 20.29 42.90 -22.71
C SER B 15 19.68 41.59 -23.20
N GLN B 16 20.37 40.46 -23.05
CA GLN B 16 19.83 39.17 -23.45
C GLN B 16 18.91 38.62 -22.34
N THR B 17 18.39 37.42 -22.57
CA THR B 17 17.43 36.80 -21.67
C THR B 17 18.08 35.58 -21.02
N LEU B 18 18.23 35.65 -19.70
CA LEU B 18 18.86 34.57 -18.95
C LEU B 18 17.87 33.42 -18.78
N SER B 19 18.27 32.24 -19.23
CA SER B 19 17.52 31.01 -19.04
C SER B 19 18.24 30.16 -17.99
N LEU B 20 17.55 29.84 -16.89
CA LEU B 20 18.06 28.97 -15.83
C LEU B 20 17.14 27.76 -15.69
N THR B 21 17.72 26.59 -15.45
CA THR B 21 16.97 25.35 -15.23
C THR B 21 17.37 24.71 -13.90
N CYS B 22 16.39 24.27 -13.14
CA CYS B 22 16.57 23.54 -11.90
C CYS B 22 15.99 22.14 -12.08
N SER B 23 16.83 21.12 -11.95
CA SER B 23 16.39 19.73 -12.03
C SER B 23 16.57 19.09 -10.67
N PHE B 24 15.53 18.43 -10.17
CA PHE B 24 15.50 17.98 -8.79
C PHE B 24 15.06 16.53 -8.69
N SER B 25 15.30 15.94 -7.53
CA SER B 25 14.85 14.59 -7.22
C SER B 25 14.65 14.48 -5.71
N GLY B 26 13.97 13.40 -5.30
CA GLY B 26 13.71 13.16 -3.89
C GLY B 26 12.40 13.74 -3.39
N PHE B 27 11.72 14.52 -4.21
CA PHE B 27 10.39 15.03 -3.94
C PHE B 27 9.75 15.31 -5.28
N SER B 28 8.46 15.58 -5.25
CA SER B 28 7.70 15.92 -6.44
C SER B 28 6.96 17.21 -6.21
N LEU B 29 6.98 18.07 -7.18
CA LEU B 29 6.25 19.33 -7.08
C LEU B 29 4.72 19.15 -7.15
N ARG B 30 4.20 17.92 -7.12
CA ARG B 30 2.77 17.70 -7.00
C ARG B 30 2.31 17.58 -5.56
N THR B 31 3.23 17.37 -4.62
CA THR B 31 2.88 17.18 -3.23
C THR B 31 2.50 18.51 -2.59
N SER B 32 1.42 18.50 -1.82
CA SER B 32 0.97 19.71 -1.14
C SER B 32 2.08 20.24 -0.22
N GLY B 33 2.34 21.54 -0.30
CA GLY B 33 3.32 22.20 0.52
C GLY B 33 4.68 22.38 -0.14
N MET B 34 4.95 21.68 -1.24
CA MET B 34 6.25 21.76 -1.88
C MET B 34 6.32 22.94 -2.85
N GLY B 35 7.50 23.54 -2.93
CA GLY B 35 7.75 24.64 -3.85
C GLY B 35 9.22 24.63 -4.21
N VAL B 36 9.55 25.35 -5.27
CA VAL B 36 10.94 25.52 -5.70
C VAL B 36 11.20 26.99 -5.88
N GLY B 37 12.29 27.47 -5.28
CA GLY B 37 12.60 28.89 -5.29
C GLY B 37 13.99 29.12 -5.84
N TRP B 38 14.24 30.39 -6.21
CA TRP B 38 15.50 30.85 -6.79
C TRP B 38 16.06 31.97 -5.92
N ILE B 39 17.34 31.88 -5.61
CA ILE B 39 18.03 32.86 -4.78
C ILE B 39 19.34 33.19 -5.50
N ARG B 40 19.81 34.41 -5.37
CA ARG B 40 21.07 34.75 -6.02
C ARG B 40 21.99 35.43 -5.02
N GLN B 41 23.28 35.40 -5.36
CA GLN B 41 24.33 35.91 -4.50
C GLN B 41 25.45 36.45 -5.37
N PRO B 42 25.60 37.77 -5.47
CA PRO B 42 26.83 38.32 -6.05
C PRO B 42 28.05 37.94 -5.23
N SER B 43 29.18 37.76 -5.92
CA SER B 43 30.41 37.32 -5.28
C SER B 43 30.69 38.18 -4.04
N GLY B 44 30.92 37.52 -2.93
CA GLY B 44 31.23 38.23 -1.69
C GLY B 44 30.09 39.06 -1.11
N LYS B 45 28.87 38.92 -1.64
CA LYS B 45 27.72 39.66 -1.14
C LYS B 45 26.71 38.70 -0.48
N GLY B 46 25.59 39.26 -0.03
CA GLY B 46 24.54 38.49 0.61
C GLY B 46 23.56 37.86 -0.38
N LEU B 47 22.49 37.28 0.17
CA LEU B 47 21.56 36.50 -0.63
C LEU B 47 20.28 37.28 -0.89
N GLU B 48 19.78 37.17 -2.13
CA GLU B 48 18.57 37.88 -2.55
C GLU B 48 17.58 36.88 -3.11
N TRP B 49 16.42 36.74 -2.45
CA TRP B 49 15.36 35.88 -2.97
C TRP B 49 14.79 36.51 -4.24
N LEU B 50 14.64 35.70 -5.29
CA LEU B 50 14.13 36.17 -6.57
C LEU B 50 12.67 35.81 -6.80
N ALA B 51 12.34 34.51 -6.76
CA ALA B 51 11.04 34.02 -7.16
C ALA B 51 10.87 32.59 -6.68
N HIS B 52 9.62 32.16 -6.52
CA HIS B 52 9.39 30.74 -6.31
C HIS B 52 8.04 30.34 -6.89
N ILE B 53 7.87 29.04 -7.06
CA ILE B 53 6.64 28.47 -7.61
C ILE B 53 6.16 27.36 -6.68
N TRP B 54 4.87 27.37 -6.37
CA TRP B 54 4.27 26.40 -5.49
C TRP B 54 3.70 25.22 -6.28
N TRP B 55 3.30 24.17 -5.55
CA TRP B 55 2.77 22.94 -6.14
C TRP B 55 1.48 23.20 -6.93
N ASP B 56 0.73 24.25 -6.58
CA ASP B 56 -0.51 24.60 -7.23
C ASP B 56 -0.33 25.68 -8.30
N ASP B 57 0.91 25.89 -8.77
CA ASP B 57 1.27 26.82 -9.83
C ASP B 57 1.16 28.28 -9.43
N ASP B 58 0.88 28.55 -8.16
CA ASP B 58 1.00 29.90 -7.61
C ASP B 58 2.46 30.37 -7.67
N LYS B 59 2.71 31.54 -8.27
CA LYS B 59 4.06 32.05 -8.51
C LYS B 59 4.25 33.40 -7.82
N ARG B 60 5.35 33.55 -7.07
CA ARG B 60 5.65 34.77 -6.35
C ARG B 60 7.00 35.33 -6.80
N TYR B 61 7.08 36.66 -6.92
CA TYR B 61 8.22 37.31 -7.57
C TYR B 61 8.74 38.45 -6.71
N ASN B 62 10.04 38.68 -6.78
CA ASN B 62 10.61 39.83 -6.09
C ASN B 62 10.09 41.09 -6.76
N PRO B 63 9.40 41.98 -6.04
CA PRO B 63 8.82 43.17 -6.67
C PRO B 63 9.84 44.23 -7.05
N ALA B 64 11.12 44.00 -6.75
CA ALA B 64 12.19 44.89 -7.18
C ALA B 64 12.78 44.48 -8.51
N LEU B 65 12.68 43.20 -8.88
CA LEU B 65 13.12 42.79 -10.21
C LEU B 65 12.06 43.03 -11.26
N LYS B 66 11.42 44.21 -11.20
CA LYS B 66 10.47 44.71 -12.19
C LYS B 66 9.47 43.64 -12.61
N SER B 67 9.44 43.36 -13.91
CA SER B 67 8.70 42.21 -14.41
C SER B 67 9.56 41.42 -15.37
N ARG B 68 10.87 41.35 -15.08
CA ARG B 68 11.78 40.58 -15.91
C ARG B 68 11.72 39.10 -15.61
N LEU B 69 11.17 38.70 -14.47
CA LEU B 69 11.25 37.32 -14.02
C LEU B 69 10.04 36.52 -14.47
N THR B 70 10.29 35.28 -14.91
CA THR B 70 9.22 34.36 -15.26
C THR B 70 9.61 32.94 -14.84
N ILE B 71 8.86 32.38 -13.88
CA ILE B 71 9.13 31.05 -13.35
C ILE B 71 8.07 30.09 -13.87
N SER B 72 8.50 28.89 -14.27
CA SER B 72 7.60 27.82 -14.68
C SER B 72 8.13 26.50 -14.14
N LYS B 73 7.28 25.47 -14.18
CA LYS B 73 7.63 24.15 -13.70
C LYS B 73 7.18 23.09 -14.71
N ASP B 74 7.72 21.88 -14.58
CA ASP B 74 7.29 20.73 -15.36
C ASP B 74 7.25 19.51 -14.43
N THR B 75 6.04 19.11 -14.04
CA THR B 75 5.87 17.98 -13.13
C THR B 75 6.34 16.67 -13.75
N SER B 76 6.11 16.50 -15.05
CA SER B 76 6.48 15.26 -15.73
C SER B 76 7.97 14.98 -15.61
N SER B 77 8.81 16.00 -15.80
CA SER B 77 10.25 15.82 -15.92
C SER B 77 11.01 16.32 -14.70
N ASN B 78 10.31 16.72 -13.64
CA ASN B 78 10.91 17.17 -12.39
C ASN B 78 11.90 18.32 -12.61
N GLN B 79 11.42 19.39 -13.24
CA GLN B 79 12.26 20.55 -13.53
C GLN B 79 11.49 21.84 -13.28
N VAL B 80 12.23 22.90 -12.93
CA VAL B 80 11.70 24.25 -12.79
C VAL B 80 12.62 25.21 -13.54
N PHE B 81 12.04 26.23 -14.15
CA PHE B 81 12.79 27.15 -14.99
C PHE B 81 12.57 28.59 -14.52
N LEU B 82 13.62 29.41 -14.65
CA LEU B 82 13.53 30.84 -14.39
C LEU B 82 14.10 31.59 -15.57
N LYS B 83 13.34 32.56 -16.08
CA LYS B 83 13.79 33.44 -17.14
C LYS B 83 13.93 34.86 -16.58
N ILE B 84 15.10 35.46 -16.78
CA ILE B 84 15.35 36.86 -16.44
C ILE B 84 15.57 37.58 -17.75
N ALA B 85 14.84 38.67 -17.97
CA ALA B 85 14.95 39.42 -19.21
C ALA B 85 15.74 40.70 -18.98
N SER B 86 16.38 41.17 -20.06
CA SER B 86 17.07 42.47 -20.09
C SER B 86 18.21 42.54 -19.09
N VAL B 87 19.06 41.50 -19.09
CA VAL B 87 20.11 41.39 -18.08
C VAL B 87 21.15 42.49 -18.28
N ASP B 88 21.79 42.85 -17.17
CA ASP B 88 22.91 43.77 -17.17
C ASP B 88 23.97 43.22 -16.23
N THR B 89 25.08 43.96 -16.09
CA THR B 89 26.19 43.46 -15.28
C THR B 89 25.76 43.23 -13.83
N ALA B 90 24.79 43.98 -13.33
CA ALA B 90 24.38 43.79 -11.94
C ALA B 90 23.64 42.48 -11.71
N ASP B 91 23.26 41.77 -12.78
CA ASP B 91 22.67 40.45 -12.63
C ASP B 91 23.72 39.34 -12.53
N THR B 92 25.01 39.64 -12.73
CA THR B 92 26.02 38.60 -12.52
C THR B 92 26.01 38.15 -11.07
N ALA B 93 25.95 36.84 -10.86
CA ALA B 93 25.86 36.27 -9.52
C ALA B 93 25.80 34.76 -9.65
N THR B 94 25.98 34.10 -8.50
CA THR B 94 25.63 32.69 -8.40
C THR B 94 24.13 32.56 -8.19
N TYR B 95 23.50 31.69 -8.97
CA TYR B 95 22.07 31.46 -8.91
C TYR B 95 21.79 30.08 -8.32
N TYR B 96 21.05 30.06 -7.23
CA TYR B 96 20.70 28.85 -6.50
C TYR B 96 19.22 28.57 -6.68
N CYS B 97 18.88 27.31 -6.90
CA CYS B 97 17.50 26.88 -6.72
C CYS B 97 17.40 26.04 -5.45
N ALA B 98 16.21 26.02 -4.87
CA ALA B 98 16.03 25.39 -3.57
C ALA B 98 14.65 24.77 -3.49
N GLN B 99 14.56 23.66 -2.76
CA GLN B 99 13.27 23.08 -2.43
C GLN B 99 12.79 23.74 -1.16
N ILE B 100 11.62 24.40 -1.24
CA ILE B 100 11.12 25.13 -0.09
C ILE B 100 9.76 24.60 0.33
N ASN B 101 9.24 25.15 1.40
CA ASN B 101 7.89 24.91 1.91
C ASN B 101 7.43 26.25 2.49
N PRO B 102 6.18 26.40 2.94
CA PRO B 102 5.70 27.72 3.34
C PRO B 102 6.41 28.35 4.53
N ALA B 103 7.29 27.62 5.21
CA ALA B 103 7.91 28.16 6.41
C ALA B 103 9.44 28.28 6.34
N TRP B 104 10.13 27.51 5.49
CA TRP B 104 11.58 27.65 5.38
C TRP B 104 12.04 27.06 4.06
N PHE B 105 13.34 27.22 3.79
CA PHE B 105 13.98 26.65 2.61
C PHE B 105 14.75 25.42 3.07
N ALA B 106 14.42 24.26 2.51
CA ALA B 106 14.90 23.00 3.08
C ALA B 106 16.22 22.53 2.48
N TYR B 107 16.32 22.47 1.16
CA TYR B 107 17.51 21.97 0.48
C TYR B 107 17.88 22.91 -0.65
N TRP B 108 19.16 23.24 -0.76
CA TRP B 108 19.67 24.07 -1.85
C TRP B 108 20.45 23.24 -2.84
N GLY B 109 20.56 23.80 -4.06
CA GLY B 109 21.42 23.19 -5.06
C GLY B 109 22.82 23.74 -4.97
N GLN B 110 23.71 23.18 -5.80
CA GLN B 110 25.11 23.59 -5.76
C GLN B 110 25.29 25.02 -6.22
N GLY B 111 24.38 25.55 -7.02
CA GLY B 111 24.51 26.89 -7.56
C GLY B 111 25.22 26.87 -8.90
N THR B 112 24.89 27.86 -9.74
CA THR B 112 25.58 28.05 -11.01
C THR B 112 25.94 29.52 -11.18
N LEU B 113 27.18 29.77 -11.54
CA LEU B 113 27.62 31.13 -11.80
C LEU B 113 27.15 31.57 -13.19
N VAL B 114 26.66 32.80 -13.25
CA VAL B 114 26.25 33.43 -14.50
C VAL B 114 26.94 34.78 -14.56
N THR B 115 27.79 34.96 -15.56
CA THR B 115 28.42 36.24 -15.82
C THR B 115 27.70 36.91 -17.00
N VAL B 116 27.39 38.18 -16.83
CA VAL B 116 26.73 38.99 -17.85
C VAL B 116 27.78 39.94 -18.38
N SER B 117 28.32 39.64 -19.56
CA SER B 117 29.43 40.42 -20.07
C SER B 117 29.54 40.21 -21.58
N ALA B 118 30.09 41.21 -22.26
CA ALA B 118 30.31 41.13 -23.71
C ALA B 118 31.71 40.65 -24.06
N ALA B 119 32.56 40.39 -23.08
CA ALA B 119 33.90 39.90 -23.36
C ALA B 119 33.85 38.54 -24.06
N LYS B 120 35.01 38.11 -24.56
CA LYS B 120 35.12 36.89 -25.35
C LYS B 120 35.57 35.74 -24.48
N THR B 121 34.97 34.57 -24.70
CA THR B 121 35.35 33.34 -23.99
C THR B 121 36.75 32.93 -24.42
N THR B 122 37.74 33.21 -23.55
CA THR B 122 39.14 32.88 -23.79
C THR B 122 39.53 31.69 -22.94
N PRO B 123 40.14 30.66 -23.49
CA PRO B 123 40.58 29.53 -22.68
C PRO B 123 41.87 29.88 -21.94
N PRO B 124 42.15 29.21 -20.82
CA PRO B 124 43.32 29.58 -20.02
C PRO B 124 44.62 29.02 -20.56
N SER B 125 45.69 29.79 -20.35
CA SER B 125 47.04 29.26 -20.43
C SER B 125 47.45 28.65 -19.09
N VAL B 126 48.10 27.50 -19.14
CA VAL B 126 48.61 26.84 -17.95
C VAL B 126 50.13 26.78 -18.02
N TYR B 127 50.78 27.19 -16.94
CA TYR B 127 52.22 27.27 -16.82
C TYR B 127 52.68 26.55 -15.56
N PRO B 128 53.73 25.75 -15.63
CA PRO B 128 54.24 25.07 -14.44
C PRO B 128 55.07 26.01 -13.57
N LEU B 129 54.98 25.79 -12.26
CA LEU B 129 55.78 26.50 -11.26
C LEU B 129 56.68 25.46 -10.59
N ALA B 130 57.93 25.38 -11.05
CA ALA B 130 58.91 24.36 -10.69
C ALA B 130 59.88 24.87 -9.63
N PRO B 131 60.18 24.07 -8.60
CA PRO B 131 61.16 24.50 -7.59
C PRO B 131 62.56 24.61 -8.17
N GLY B 132 63.37 25.48 -7.55
CA GLY B 132 64.79 25.52 -7.84
C GLY B 132 65.52 24.36 -7.16
N SER B 133 66.81 24.21 -7.50
CA SER B 133 67.60 23.13 -6.93
C SER B 133 67.74 23.28 -5.42
N ALA B 134 67.92 24.50 -4.93
CA ALA B 134 68.06 24.71 -3.50
C ALA B 134 66.81 24.30 -2.75
N ALA B 135 65.63 24.46 -3.37
CA ALA B 135 64.39 24.17 -2.70
C ALA B 135 64.25 22.68 -2.39
N GLN B 136 64.85 21.84 -3.21
CA GLN B 136 64.72 20.40 -3.03
C GLN B 136 65.54 19.84 -1.88
N THR B 137 66.42 20.64 -1.28
CA THR B 137 67.19 20.16 -0.13
C THR B 137 66.44 20.35 1.19
N ASN B 138 65.21 20.86 1.15
CA ASN B 138 64.31 20.85 2.29
C ASN B 138 63.50 19.56 2.33
N SER B 139 62.89 19.29 3.48
CA SER B 139 62.09 18.09 3.66
C SER B 139 60.87 18.09 2.75
N MET B 140 60.17 19.22 2.68
CA MET B 140 59.00 19.38 1.83
C MET B 140 59.34 20.30 0.68
N VAL B 141 58.71 20.05 -0.48
CA VAL B 141 58.89 20.84 -1.69
C VAL B 141 57.52 21.28 -2.18
N THR B 142 57.37 22.56 -2.49
CA THR B 142 56.12 23.11 -2.98
C THR B 142 56.22 23.34 -4.48
N LEU B 143 55.24 22.82 -5.22
CA LEU B 143 55.11 22.99 -6.67
C LEU B 143 53.84 23.79 -6.95
N GLY B 144 53.72 24.23 -8.20
CA GLY B 144 52.60 25.08 -8.53
C GLY B 144 52.20 25.00 -10.00
N CYS B 145 51.17 25.77 -10.31
CA CYS B 145 50.48 25.74 -11.59
C CYS B 145 49.83 27.11 -11.70
N LEU B 146 50.16 27.86 -12.74
CA LEU B 146 49.63 29.19 -12.96
C LEU B 146 48.63 29.12 -14.12
N VAL B 147 47.40 29.59 -13.88
CA VAL B 147 46.29 29.50 -14.83
C VAL B 147 45.92 30.92 -15.21
N LYS B 148 46.37 31.39 -16.38
CA LYS B 148 46.34 32.79 -16.72
C LYS B 148 45.45 33.07 -17.93
N GLY B 149 44.90 34.29 -17.96
CA GLY B 149 44.25 34.83 -19.13
C GLY B 149 43.00 34.13 -19.63
N TYR B 150 42.13 33.68 -18.72
CA TYR B 150 40.91 33.03 -19.13
C TYR B 150 39.70 33.88 -18.78
N PHE B 151 38.58 33.51 -19.37
CA PHE B 151 37.30 34.19 -19.16
C PHE B 151 36.21 33.33 -19.78
N PRO B 152 35.07 33.15 -19.11
CA PRO B 152 34.70 33.66 -17.79
C PRO B 152 34.99 32.63 -16.70
N GLU B 153 34.78 32.93 -15.41
CA GLU B 153 34.82 31.89 -14.40
C GLU B 153 33.78 30.82 -14.73
N PRO B 154 33.98 29.57 -14.28
CA PRO B 154 35.05 29.06 -13.40
C PRO B 154 36.04 28.11 -14.04
N VAL B 155 37.15 27.87 -13.34
CA VAL B 155 38.10 26.82 -13.66
C VAL B 155 38.06 25.76 -12.56
N THR B 156 38.43 24.53 -12.91
CA THR B 156 38.57 23.42 -11.96
C THR B 156 40.00 22.86 -12.00
N VAL B 157 40.74 23.01 -10.91
CA VAL B 157 42.13 22.58 -10.81
C VAL B 157 42.21 21.37 -9.89
N THR B 158 42.78 20.28 -10.41
CA THR B 158 43.09 19.08 -9.64
C THR B 158 44.57 18.77 -9.75
N TRP B 159 45.05 17.87 -8.90
CA TRP B 159 46.44 17.43 -8.95
C TRP B 159 46.49 15.92 -8.98
N ASN B 160 47.28 15.37 -9.91
CA ASN B 160 47.38 13.93 -10.13
C ASN B 160 45.99 13.31 -10.24
N SER B 161 45.12 14.02 -10.96
CA SER B 161 43.73 13.61 -11.20
C SER B 161 42.98 13.34 -9.90
N GLY B 162 43.28 14.14 -8.88
CA GLY B 162 42.60 14.04 -7.60
C GLY B 162 43.26 13.15 -6.58
N SER B 163 44.37 12.48 -6.93
CA SER B 163 45.06 11.67 -5.93
C SER B 163 45.77 12.54 -4.90
N LEU B 164 46.15 13.76 -5.27
CA LEU B 164 46.82 14.69 -4.38
C LEU B 164 45.81 15.73 -3.92
N SER B 165 45.41 15.66 -2.67
CA SER B 165 44.46 16.63 -2.14
C SER B 165 44.92 17.30 -0.86
N SER B 166 45.60 16.56 0.02
CA SER B 166 46.17 17.17 1.21
C SER B 166 47.27 18.13 0.81
N GLY B 167 47.27 19.32 1.41
CA GLY B 167 48.33 20.26 1.14
C GLY B 167 48.24 20.94 -0.21
N VAL B 168 47.04 21.05 -0.77
CA VAL B 168 46.81 21.82 -1.99
C VAL B 168 46.16 23.12 -1.59
N HIS B 169 46.58 24.22 -2.22
CA HIS B 169 45.93 25.52 -2.09
C HIS B 169 45.64 26.04 -3.48
N THR B 170 44.36 26.08 -3.86
CA THR B 170 43.96 26.71 -5.10
C THR B 170 43.39 28.09 -4.78
N PHE B 171 44.04 29.14 -5.25
CA PHE B 171 43.69 30.49 -4.81
C PHE B 171 42.53 31.05 -5.62
N PRO B 172 41.78 32.01 -5.05
CA PRO B 172 40.73 32.68 -5.82
C PRO B 172 41.32 33.47 -6.99
N ALA B 173 40.64 33.43 -8.12
CA ALA B 173 41.10 34.15 -9.30
C ALA B 173 40.98 35.66 -9.09
N VAL B 174 41.83 36.40 -9.79
CA VAL B 174 41.79 37.86 -9.82
C VAL B 174 41.46 38.29 -11.25
N LEU B 175 40.68 39.37 -11.38
CA LEU B 175 40.13 39.79 -12.66
C LEU B 175 40.90 41.02 -13.14
N GLN B 176 41.54 40.89 -14.31
CA GLN B 176 42.26 41.98 -14.95
C GLN B 176 41.87 42.03 -16.41
N SER B 177 41.28 43.15 -16.84
CA SER B 177 41.03 43.41 -18.26
C SER B 177 40.31 42.25 -18.93
N ASP B 178 39.18 41.84 -18.32
CA ASP B 178 38.33 40.77 -18.85
C ASP B 178 39.05 39.44 -18.93
N LEU B 179 40.08 39.26 -18.12
CA LEU B 179 40.83 38.03 -18.08
C LEU B 179 41.10 37.67 -16.62
N TYR B 180 40.96 36.40 -16.28
CA TYR B 180 41.14 35.90 -14.93
C TYR B 180 42.48 35.18 -14.80
N THR B 181 43.07 35.27 -13.62
CA THR B 181 44.34 34.61 -13.33
C THR B 181 44.24 33.99 -11.93
N LEU B 182 44.38 32.66 -11.84
CA LEU B 182 44.50 31.97 -10.57
C LEU B 182 45.80 31.17 -10.51
N SER B 183 46.22 30.82 -9.30
CA SER B 183 47.33 29.90 -9.13
C SER B 183 46.94 28.83 -8.13
N SER B 184 47.67 27.72 -8.15
CA SER B 184 47.42 26.58 -7.29
C SER B 184 48.75 26.02 -6.81
N SER B 185 48.87 25.75 -5.50
CA SER B 185 50.09 25.19 -4.94
C SER B 185 49.82 23.80 -4.40
N VAL B 186 50.86 22.97 -4.42
CA VAL B 186 50.82 21.64 -3.82
C VAL B 186 52.16 21.34 -3.16
N THR B 187 52.11 20.72 -1.98
CA THR B 187 53.31 20.49 -1.18
C THR B 187 53.45 19.01 -0.92
N VAL B 188 54.62 18.46 -1.24
CA VAL B 188 54.89 17.03 -1.14
C VAL B 188 56.28 16.84 -0.53
N PRO B 189 56.56 15.63 -0.02
CA PRO B 189 57.95 15.35 0.41
C PRO B 189 58.89 15.40 -0.78
N SER B 190 60.07 15.97 -0.56
CA SER B 190 61.12 15.95 -1.58
C SER B 190 61.58 14.54 -1.90
N SER B 191 61.21 13.56 -1.07
CA SER B 191 61.48 12.16 -1.32
C SER B 191 60.49 11.54 -2.30
N THR B 192 59.61 12.38 -2.85
CA THR B 192 58.61 11.92 -3.84
C THR B 192 58.74 12.70 -5.14
N TRP B 193 59.58 13.74 -5.20
CA TRP B 193 59.68 14.57 -6.43
C TRP B 193 61.12 14.98 -6.70
N PRO B 194 61.65 14.80 -7.93
CA PRO B 194 60.83 14.51 -9.15
C PRO B 194 60.82 13.02 -9.43
N SER B 195 61.05 12.21 -8.42
CA SER B 195 60.84 10.75 -8.48
C SER B 195 59.44 10.24 -8.85
N GLU B 196 58.41 10.66 -8.12
CA GLU B 196 57.00 10.36 -8.48
C GLU B 196 56.45 11.57 -9.22
N THR B 197 55.62 11.33 -10.23
CA THR B 197 55.17 12.41 -11.08
C THR B 197 54.17 13.31 -10.35
N VAL B 198 54.16 14.60 -10.72
CA VAL B 198 53.16 15.55 -10.21
C VAL B 198 52.70 16.39 -11.39
N THR B 199 51.40 16.34 -11.69
CA THR B 199 50.84 17.14 -12.77
C THR B 199 49.52 17.75 -12.33
N CYS B 200 49.26 18.99 -12.76
CA CYS B 200 47.99 19.66 -12.50
C CYS B 200 47.08 19.51 -13.71
N ASN B 201 45.78 19.34 -13.44
CA ASN B 201 44.76 19.20 -14.47
C ASN B 201 43.82 20.39 -14.36
N VAL B 202 43.86 21.28 -15.35
CA VAL B 202 43.00 22.44 -15.37
C VAL B 202 41.85 22.16 -16.33
N ALA B 203 40.68 22.69 -16.00
CA ALA B 203 39.49 22.50 -16.81
C ALA B 203 38.72 23.81 -16.87
N HIS B 204 38.35 24.22 -18.08
CA HIS B 204 37.56 25.44 -18.29
C HIS B 204 36.34 25.07 -19.12
N PRO B 205 35.20 24.79 -18.48
CA PRO B 205 34.02 24.32 -19.25
C PRO B 205 33.59 25.28 -20.34
N ALA B 206 33.58 26.59 -20.04
CA ALA B 206 33.05 27.57 -20.98
C ALA B 206 33.74 27.50 -22.34
N SER B 207 34.99 27.06 -22.38
CA SER B 207 35.72 26.90 -23.64
C SER B 207 36.00 25.44 -23.96
N SER B 208 35.40 24.51 -23.22
CA SER B 208 35.56 23.08 -23.48
C SER B 208 37.03 22.69 -23.57
N THR B 209 37.85 23.28 -22.71
CA THR B 209 39.28 23.00 -22.67
C THR B 209 39.64 22.21 -21.42
N LYS B 210 40.50 21.22 -21.60
CA LYS B 210 41.04 20.41 -20.52
C LYS B 210 42.53 20.21 -20.80
N VAL B 211 43.38 20.53 -19.83
CA VAL B 211 44.83 20.50 -20.01
C VAL B 211 45.51 19.96 -18.76
N ASP B 212 46.65 19.31 -18.97
CA ASP B 212 47.51 18.83 -17.90
C ASP B 212 48.94 19.24 -18.20
N LYS B 213 49.65 19.69 -17.16
CA LYS B 213 51.07 20.02 -17.27
C LYS B 213 51.81 19.29 -16.17
N LYS B 214 52.74 18.40 -16.55
CA LYS B 214 53.62 17.79 -15.58
C LYS B 214 54.63 18.81 -15.06
N ILE B 215 55.06 18.63 -13.82
CA ILE B 215 56.04 19.51 -13.17
C ILE B 215 57.39 18.80 -13.17
N VAL B 216 58.37 19.43 -13.82
CA VAL B 216 59.74 18.91 -13.94
C VAL B 216 60.71 20.03 -13.57
N PRO B 217 61.94 19.67 -13.16
CA PRO B 217 63.01 20.65 -12.90
C PRO B 217 63.24 21.68 -14.00
N ALA C 1 8.03 5.60 -17.67
CA ALA C 1 7.57 4.32 -17.13
C ALA C 1 6.11 4.38 -16.67
N ILE C 2 5.32 3.38 -17.06
CA ILE C 2 3.99 3.18 -16.48
C ILE C 2 4.17 2.56 -15.11
N VAL C 3 3.77 3.28 -14.07
CA VAL C 3 3.94 2.83 -12.70
C VAL C 3 2.60 2.31 -12.20
N LEU C 4 2.61 1.12 -11.62
CA LEU C 4 1.39 0.47 -11.14
C LEU C 4 1.42 0.44 -9.62
N THR C 5 0.43 1.08 -8.99
CA THR C 5 0.32 1.09 -7.54
C THR C 5 -0.85 0.19 -7.12
N GLN C 6 -0.54 -0.88 -6.39
CA GLN C 6 -1.56 -1.79 -5.89
C GLN C 6 -2.01 -1.35 -4.51
N SER C 7 -3.29 -1.61 -4.23
CA SER C 7 -3.89 -1.28 -2.96
C SER C 7 -4.91 -2.36 -2.62
N PRO C 8 -4.94 -2.85 -1.38
CA PRO C 8 -4.01 -2.55 -0.27
C PRO C 8 -2.75 -3.35 -0.42
N ALA C 9 -1.69 -3.05 0.33
CA ALA C 9 -0.51 -3.90 0.33
C ALA C 9 -0.81 -5.28 0.93
N SER C 10 -1.80 -5.36 1.83
CA SER C 10 -2.06 -6.62 2.52
C SER C 10 -3.52 -6.64 2.96
N LEU C 11 -4.11 -7.82 2.96
CA LEU C 11 -5.54 -8.00 3.20
C LEU C 11 -5.75 -9.30 3.96
N ALA C 12 -6.55 -9.26 5.02
CA ALA C 12 -7.00 -10.45 5.73
C ALA C 12 -8.50 -10.62 5.47
N VAL C 13 -8.91 -11.79 4.99
CA VAL C 13 -10.29 -12.04 4.55
C VAL C 13 -10.83 -13.32 5.21
N SER C 14 -12.12 -13.31 5.54
CA SER C 14 -12.80 -14.51 6.01
C SER C 14 -13.22 -15.43 4.85
N LEU C 15 -13.26 -16.72 5.14
CA LEU C 15 -13.65 -17.71 4.16
C LEU C 15 -15.01 -17.36 3.58
N GLY C 16 -15.12 -17.46 2.24
CA GLY C 16 -16.34 -17.14 1.53
C GLY C 16 -16.59 -15.68 1.24
N GLN C 17 -15.84 -14.77 1.85
CA GLN C 17 -16.08 -13.36 1.62
C GLN C 17 -15.38 -12.95 0.31
N ARG C 18 -15.51 -11.68 -0.04
CA ARG C 18 -14.97 -11.16 -1.28
C ARG C 18 -13.69 -10.40 -0.96
N ALA C 19 -12.64 -10.63 -1.75
CA ALA C 19 -11.41 -9.86 -1.68
C ALA C 19 -11.31 -9.03 -2.96
N THR C 20 -11.01 -7.74 -2.81
CA THR C 20 -10.96 -6.80 -3.94
C THR C 20 -9.60 -6.14 -3.89
N ILE C 21 -8.84 -6.32 -4.95
CA ILE C 21 -7.48 -5.81 -5.02
C ILE C 21 -7.44 -4.83 -6.18
N SER C 22 -6.91 -3.64 -5.93
CA SER C 22 -6.94 -2.55 -6.88
C SER C 22 -5.54 -2.26 -7.42
N CYS C 23 -5.49 -1.82 -8.67
CA CYS C 23 -4.23 -1.54 -9.36
C CYS C 23 -4.41 -0.25 -10.13
N LYS C 24 -3.67 0.79 -9.78
CA LYS C 24 -3.81 2.09 -10.42
C LYS C 24 -2.58 2.36 -11.27
N ALA C 25 -2.81 2.54 -12.57
CA ALA C 25 -1.74 2.89 -13.50
C ALA C 25 -1.46 4.39 -13.43
N SER C 26 -0.18 4.75 -13.61
CA SER C 26 0.19 6.15 -13.53
C SER C 26 -0.08 6.91 -14.82
N GLN C 27 -0.54 6.24 -15.88
CA GLN C 27 -0.83 6.88 -17.17
C GLN C 27 -1.97 6.15 -17.82
N SER C 28 -2.89 6.91 -18.42
CA SER C 28 -4.10 6.37 -19.04
C SER C 28 -3.80 5.33 -20.11
N VAL C 29 -3.18 5.74 -21.21
CA VAL C 29 -2.93 4.89 -22.36
C VAL C 29 -4.24 4.21 -22.83
CA ASP C 34 -9.11 -3.70 -23.79
C ASP C 34 -7.61 -3.44 -23.64
N SER C 35 -7.20 -3.12 -22.42
CA SER C 35 -5.81 -2.84 -22.07
C SER C 35 -5.07 -4.12 -21.72
N PHE C 36 -3.76 -4.13 -21.93
CA PHE C 36 -2.94 -5.32 -21.71
C PHE C 36 -2.58 -5.44 -20.22
N MET C 37 -3.60 -5.50 -19.37
CA MET C 37 -3.42 -5.57 -17.93
C MET C 37 -3.66 -7.00 -17.47
N ASN C 38 -2.69 -7.56 -16.75
CA ASN C 38 -2.68 -8.98 -16.41
C ASN C 38 -2.50 -9.15 -14.91
N TRP C 39 -3.11 -10.18 -14.34
CA TRP C 39 -2.99 -10.47 -12.92
C TRP C 39 -2.38 -11.85 -12.70
N TYR C 40 -1.46 -11.95 -11.73
CA TYR C 40 -0.81 -13.21 -11.42
C TYR C 40 -0.97 -13.52 -9.94
N GLN C 41 -1.02 -14.79 -9.63
CA GLN C 41 -1.01 -15.27 -8.25
C GLN C 41 0.33 -15.92 -7.97
N GLN C 42 1.00 -15.52 -6.87
CA GLN C 42 2.26 -16.13 -6.48
C GLN C 42 2.15 -16.71 -5.08
N LYS C 43 2.11 -18.02 -5.00
CA LYS C 43 2.23 -18.70 -3.72
C LYS C 43 3.69 -18.78 -3.30
N PRO C 44 3.97 -18.82 -1.99
CA PRO C 44 5.37 -18.83 -1.53
C PRO C 44 6.17 -19.99 -2.10
N GLY C 45 7.39 -19.68 -2.55
CA GLY C 45 8.25 -20.67 -3.19
C GLY C 45 7.83 -21.12 -4.57
N GLN C 46 6.84 -20.48 -5.18
CA GLN C 46 6.38 -20.80 -6.52
C GLN C 46 6.56 -19.59 -7.40
N PRO C 47 6.67 -19.78 -8.72
CA PRO C 47 6.59 -18.64 -9.63
C PRO C 47 5.20 -18.06 -9.65
N PRO C 48 5.04 -16.84 -10.12
CA PRO C 48 3.69 -16.34 -10.40
C PRO C 48 3.03 -17.21 -11.46
N LYS C 49 1.69 -17.25 -11.39
CA LYS C 49 0.88 -18.00 -12.33
C LYS C 49 -0.23 -17.10 -12.86
N LEU C 50 -0.55 -17.22 -14.13
CA LEU C 50 -1.48 -16.27 -14.73
C LEU C 50 -2.92 -16.54 -14.26
N LEU C 51 -3.58 -15.50 -13.79
CA LEU C 51 -4.99 -15.61 -13.46
C LEU C 51 -5.87 -15.01 -14.55
N ILE C 52 -5.55 -13.79 -14.94
CA ILE C 52 -6.38 -12.96 -15.80
C ILE C 52 -5.48 -12.25 -16.80
N TYR C 53 -5.83 -12.31 -18.08
CA TYR C 53 -5.06 -11.64 -19.12
C TYR C 53 -5.92 -10.59 -19.83
N THR C 54 -5.26 -9.51 -20.25
CA THR C 54 -5.88 -8.37 -20.96
C THR C 54 -7.16 -7.90 -20.27
N THR C 55 -6.99 -7.53 -19.00
CA THR C 55 -7.94 -6.80 -18.15
C THR C 55 -9.00 -7.70 -17.54
N SER C 56 -9.66 -8.55 -18.34
CA SER C 56 -10.79 -9.28 -17.79
C SER C 56 -10.93 -10.72 -18.28
N ASN C 57 -10.00 -11.26 -19.05
CA ASN C 57 -10.15 -12.63 -19.50
C ASN C 57 -9.59 -13.62 -18.49
N LEU C 58 -10.42 -14.60 -18.12
CA LEU C 58 -10.03 -15.61 -17.16
C LEU C 58 -9.21 -16.69 -17.86
N GLU C 59 -8.04 -17.01 -17.32
CA GLU C 59 -7.20 -18.02 -17.93
C GLU C 59 -7.80 -19.40 -17.71
N SER C 60 -7.72 -20.26 -18.72
CA SER C 60 -8.28 -21.59 -18.58
C SER C 60 -7.65 -22.32 -17.40
N GLY C 61 -8.48 -23.10 -16.71
CA GLY C 61 -8.07 -23.81 -15.53
C GLY C 61 -8.13 -23.02 -14.24
N ILE C 62 -8.40 -21.72 -14.30
CA ILE C 62 -8.54 -20.88 -13.12
C ILE C 62 -10.03 -20.81 -12.78
N PRO C 63 -10.42 -21.02 -11.52
CA PRO C 63 -11.86 -20.99 -11.18
C PRO C 63 -12.50 -19.64 -11.45
N ALA C 64 -13.80 -19.66 -11.77
CA ALA C 64 -14.53 -18.44 -12.12
C ALA C 64 -14.77 -17.50 -10.94
N ARG C 65 -14.45 -17.90 -9.70
CA ARG C 65 -14.48 -16.95 -8.59
C ARG C 65 -13.40 -15.88 -8.71
N PHE C 66 -12.45 -16.01 -9.63
CA PHE C 66 -11.51 -14.94 -9.95
C PHE C 66 -12.07 -14.13 -11.12
N SER C 67 -12.15 -12.82 -10.96
CA SER C 67 -12.61 -11.96 -12.05
C SER C 67 -11.92 -10.61 -11.91
N ALA C 68 -11.86 -9.89 -13.01
CA ALA C 68 -11.29 -8.56 -12.97
C ALA C 68 -11.96 -7.69 -14.02
N SER C 69 -11.83 -6.39 -13.81
CA SER C 69 -12.35 -5.38 -14.71
C SER C 69 -11.38 -4.22 -14.70
N GLY C 70 -11.58 -3.28 -15.62
CA GLY C 70 -10.75 -2.11 -15.60
C GLY C 70 -11.32 -1.06 -16.53
N SER C 71 -10.90 0.19 -16.31
CA SER C 71 -11.35 1.31 -17.17
C SER C 71 -10.12 1.98 -17.78
N GLY C 72 -9.83 3.22 -17.37
CA GLY C 72 -8.64 3.93 -17.87
C GLY C 72 -7.39 3.48 -17.12
N THR C 73 -7.28 3.87 -15.85
CA THR C 73 -6.09 3.52 -15.03
C THR C 73 -6.52 2.68 -13.85
N ASP C 74 -7.83 2.58 -13.59
CA ASP C 74 -8.27 1.87 -12.40
C ASP C 74 -8.62 0.43 -12.76
N PHE C 75 -7.89 -0.52 -12.18
CA PHE C 75 -8.14 -1.94 -12.43
C PHE C 75 -8.36 -2.61 -11.08
N THR C 76 -9.26 -3.59 -11.04
CA THR C 76 -9.44 -4.32 -9.79
C THR C 76 -9.63 -5.79 -10.07
N LEU C 77 -9.05 -6.59 -9.19
CA LEU C 77 -9.19 -8.03 -9.20
C LEU C 77 -10.12 -8.40 -8.05
N ASN C 78 -11.10 -9.24 -8.31
CA ASN C 78 -12.04 -9.69 -7.30
C ASN C 78 -11.89 -11.19 -7.15
N ILE C 79 -11.84 -11.65 -5.90
CA ILE C 79 -11.90 -13.07 -5.59
C ILE C 79 -13.13 -13.28 -4.69
N HIS C 80 -14.07 -14.11 -5.12
CA HIS C 80 -15.30 -14.30 -4.35
C HIS C 80 -16.01 -15.56 -4.82
N PRO C 81 -16.14 -16.57 -3.98
CA PRO C 81 -15.72 -16.65 -2.55
C PRO C 81 -14.21 -16.87 -2.37
N VAL C 82 -13.58 -16.41 -1.28
CA VAL C 82 -12.18 -16.70 -1.00
C VAL C 82 -12.11 -18.05 -0.29
N GLU C 83 -11.08 -18.84 -0.62
CA GLU C 83 -10.87 -20.18 -0.08
C GLU C 83 -9.52 -20.22 0.63
N GLU C 84 -9.33 -21.23 1.50
CA GLU C 84 -8.06 -21.40 2.20
C GLU C 84 -6.85 -21.30 1.28
N GLU C 85 -6.92 -21.92 0.11
CA GLU C 85 -5.75 -21.98 -0.78
C GLU C 85 -5.46 -20.68 -1.53
N ASP C 86 -6.19 -19.60 -1.26
CA ASP C 86 -5.92 -18.32 -1.89
C ASP C 86 -4.90 -17.49 -1.13
N THR C 87 -4.41 -17.97 0.01
CA THR C 87 -3.34 -17.26 0.70
C THR C 87 -2.12 -17.22 -0.23
N ALA C 88 -1.67 -16.01 -0.54
CA ALA C 88 -0.78 -15.78 -1.69
C ALA C 88 -0.54 -14.29 -1.86
N THR C 89 0.40 -13.90 -2.74
CA THR C 89 0.59 -12.52 -3.15
C THR C 89 0.10 -12.38 -4.59
N TYR C 90 -0.65 -11.34 -4.85
CA TYR C 90 -1.26 -11.09 -6.15
C TYR C 90 -0.60 -9.87 -6.78
N TYR C 91 -0.28 -9.97 -8.08
CA TYR C 91 0.39 -8.90 -8.80
C TYR C 91 -0.39 -8.50 -10.04
N CYS C 92 -0.51 -7.21 -10.26
CA CYS C 92 -0.87 -6.72 -11.58
C CYS C 92 0.39 -6.46 -12.40
N GLN C 93 0.23 -6.41 -13.72
CA GLN C 93 1.36 -6.26 -14.63
C GLN C 93 0.81 -5.68 -15.93
N GLN C 94 1.59 -4.79 -16.59
CA GLN C 94 1.15 -4.20 -17.85
C GLN C 94 2.11 -4.55 -18.98
N SER C 95 1.55 -4.99 -20.11
CA SER C 95 2.30 -5.14 -21.35
C SER C 95 1.96 -4.08 -22.38
N ASN C 96 1.44 -2.93 -21.93
CA ASN C 96 1.06 -1.89 -22.89
C ASN C 96 2.28 -1.19 -23.49
N GLU C 97 3.34 -1.02 -22.69
CA GLU C 97 4.53 -0.29 -23.13
C GLU C 97 5.78 -0.91 -22.52
N ASP C 98 6.91 -0.79 -23.24
CA ASP C 98 8.21 -1.01 -22.61
C ASP C 98 8.52 0.19 -21.72
N PRO C 99 9.13 -0.03 -20.55
CA PRO C 99 9.50 -1.31 -19.95
C PRO C 99 8.23 -1.96 -19.37
N TYR C 100 7.99 -3.27 -19.57
CA TYR C 100 6.91 -3.94 -18.85
C TYR C 100 7.12 -3.82 -17.35
N THR C 101 6.02 -3.59 -16.61
CA THR C 101 6.12 -3.32 -15.19
C THR C 101 5.04 -4.09 -14.43
N PHE C 102 5.34 -4.35 -13.15
CA PHE C 102 4.45 -5.05 -12.23
C PHE C 102 4.06 -4.12 -11.09
N GLY C 103 2.85 -4.29 -10.58
CA GLY C 103 2.49 -3.70 -9.30
C GLY C 103 3.36 -4.23 -8.17
N GLY C 104 3.25 -3.57 -7.01
CA GLY C 104 4.07 -3.95 -5.87
C GLY C 104 3.56 -5.17 -5.13
N GLY C 105 2.38 -5.64 -5.47
CA GLY C 105 1.91 -6.86 -4.84
C GLY C 105 0.91 -6.59 -3.73
N THR C 106 -0.04 -7.49 -3.59
CA THR C 106 -0.99 -7.49 -2.48
C THR C 106 -0.92 -8.87 -1.82
N LYS C 107 -0.57 -8.92 -0.54
CA LYS C 107 -0.52 -10.18 0.19
C LYS C 107 -1.88 -10.48 0.82
N LEU C 108 -2.47 -11.60 0.44
CA LEU C 108 -3.79 -12.01 0.91
C LEU C 108 -3.63 -13.11 1.92
N GLU C 109 -4.23 -12.95 3.10
CA GLU C 109 -4.20 -14.02 4.08
C GLU C 109 -5.60 -14.34 4.56
N LEU C 110 -5.78 -15.56 5.01
CA LEU C 110 -7.10 -16.04 5.44
C LEU C 110 -7.24 -15.92 6.95
N LYS C 111 -8.48 -15.73 7.41
CA LYS C 111 -8.84 -15.82 8.82
C LYS C 111 -9.37 -17.20 9.12
N ARG C 112 -9.25 -17.61 10.39
CA ARG C 112 -9.79 -18.88 10.83
C ARG C 112 -10.02 -18.76 12.34
N ALA C 113 -10.56 -19.82 12.94
CA ALA C 113 -10.71 -19.86 14.39
C ALA C 113 -9.34 -19.87 15.06
N ASP C 114 -9.25 -19.23 16.23
CA ASP C 114 -8.02 -19.23 17.03
C ASP C 114 -7.55 -20.65 17.29
N ALA C 115 -6.23 -20.83 17.27
CA ALA C 115 -5.61 -22.14 17.47
C ALA C 115 -4.37 -21.97 18.33
N ALA C 116 -4.25 -22.77 19.39
CA ALA C 116 -3.06 -22.65 20.25
C ALA C 116 -1.86 -23.32 19.58
N PRO C 117 -0.65 -22.82 19.83
CA PRO C 117 0.54 -23.50 19.30
C PRO C 117 0.81 -24.82 20.02
N THR C 118 1.31 -25.79 19.26
CA THR C 118 1.87 -27.01 19.81
C THR C 118 3.36 -26.80 19.95
N VAL C 119 3.85 -26.85 21.19
CA VAL C 119 5.20 -26.39 21.51
C VAL C 119 6.08 -27.60 21.82
N SER C 120 7.27 -27.61 21.24
CA SER C 120 8.25 -28.68 21.46
C SER C 120 9.63 -28.06 21.61
N ILE C 121 10.42 -28.56 22.56
CA ILE C 121 11.76 -28.05 22.79
C ILE C 121 12.75 -29.19 22.64
N PHE C 122 13.95 -28.89 22.12
CA PHE C 122 15.02 -29.86 21.87
C PHE C 122 16.37 -29.34 22.36
N PRO C 123 17.16 -30.15 23.05
CA PRO C 123 18.51 -29.71 23.46
C PRO C 123 19.46 -29.73 22.29
N PRO C 124 20.63 -29.12 22.43
CA PRO C 124 21.69 -29.34 21.44
C PRO C 124 22.05 -30.82 21.40
N SER C 125 22.43 -31.27 20.22
CA SER C 125 22.79 -32.67 20.02
C SER C 125 24.24 -32.92 20.41
N SER C 126 24.52 -34.17 20.77
CA SER C 126 25.90 -34.61 21.00
C SER C 126 26.80 -34.17 19.86
N GLU C 127 26.33 -34.37 18.62
CA GLU C 127 27.13 -34.04 17.45
C GLU C 127 27.54 -32.57 17.44
N GLN C 128 26.56 -31.67 17.63
CA GLN C 128 26.89 -30.26 17.65
C GLN C 128 27.79 -29.91 18.83
N LEU C 129 27.49 -30.46 20.02
CA LEU C 129 28.27 -30.09 21.21
C LEU C 129 29.74 -30.38 21.00
N THR C 130 30.07 -31.59 20.54
CA THR C 130 31.47 -31.93 20.33
C THR C 130 32.15 -31.05 19.28
N SER C 131 31.43 -30.10 18.67
CA SER C 131 32.02 -29.14 17.74
C SER C 131 32.07 -27.73 18.29
N GLY C 132 31.66 -27.52 19.54
CA GLY C 132 31.85 -26.25 20.21
C GLY C 132 30.61 -25.41 20.38
N GLY C 133 29.57 -25.64 19.56
CA GLY C 133 28.36 -24.84 19.61
C GLY C 133 27.22 -25.57 20.29
N ALA C 134 26.19 -24.81 20.66
CA ALA C 134 25.03 -25.38 21.36
C ALA C 134 23.78 -24.58 20.99
N SER C 135 22.91 -25.18 20.19
CA SER C 135 21.67 -24.56 19.75
C SER C 135 20.52 -25.27 20.43
N VAL C 136 19.69 -24.51 21.14
CA VAL C 136 18.46 -25.04 21.74
C VAL C 136 17.31 -24.61 20.85
N VAL C 137 16.47 -25.55 20.42
CA VAL C 137 15.45 -25.29 19.41
C VAL C 137 14.07 -25.49 20.01
N CYS C 138 13.18 -24.54 19.72
CA CYS C 138 11.79 -24.60 20.13
C CYS C 138 10.92 -24.42 18.90
N PHE C 139 9.98 -25.34 18.70
CA PHE C 139 8.99 -25.22 17.64
C PHE C 139 7.65 -24.85 18.27
N LEU C 140 6.98 -23.88 17.65
CA LEU C 140 5.62 -23.48 18.04
C LEU C 140 4.76 -23.64 16.80
N ASN C 141 3.99 -24.71 16.72
CA ASN C 141 3.43 -25.12 15.44
C ASN C 141 1.92 -24.96 15.39
N ASN C 142 1.43 -24.54 14.22
CA ASN C 142 0.00 -24.62 13.86
C ASN C 142 -0.89 -23.77 14.78
N PHE C 143 -0.56 -22.49 14.87
CA PHE C 143 -1.33 -21.56 15.68
C PHE C 143 -1.96 -20.49 14.82
N TYR C 144 -2.95 -19.79 15.42
CA TYR C 144 -3.66 -18.68 14.81
C TYR C 144 -4.30 -17.87 15.92
N PRO C 145 -4.25 -16.54 15.87
CA PRO C 145 -3.59 -15.67 14.88
C PRO C 145 -2.07 -15.65 15.00
N LYS C 146 -1.34 -14.99 14.07
CA LYS C 146 0.12 -15.07 14.09
C LYS C 146 0.77 -14.27 15.21
N ASP C 147 0.04 -13.33 15.83
CA ASP C 147 0.57 -12.60 16.99
C ASP C 147 0.92 -13.57 18.11
N ILE C 148 2.21 -13.62 18.48
CA ILE C 148 2.66 -14.52 19.53
C ILE C 148 3.98 -14.00 20.08
N ASN C 149 4.31 -14.42 21.29
CA ASN C 149 5.55 -14.05 21.94
C ASN C 149 6.23 -15.31 22.46
N VAL C 150 7.54 -15.39 22.30
CA VAL C 150 8.33 -16.51 22.79
C VAL C 150 9.40 -15.95 23.70
N LYS C 151 9.54 -16.55 24.87
CA LYS C 151 10.49 -16.10 25.88
C LYS C 151 11.28 -17.32 26.35
N TRP C 152 12.59 -17.17 26.44
CA TRP C 152 13.48 -18.24 26.89
C TRP C 152 13.92 -17.97 28.31
N LYS C 153 13.98 -19.01 29.14
CA LYS C 153 14.53 -18.92 30.47
C LYS C 153 15.64 -19.95 30.65
N ILE C 154 16.69 -19.54 31.35
CA ILE C 154 17.80 -20.42 31.70
C ILE C 154 17.90 -20.41 33.22
N ASP C 155 17.68 -21.57 33.84
CA ASP C 155 17.60 -21.67 35.31
C ASP C 155 16.63 -20.65 35.89
N GLY C 156 15.55 -20.36 35.18
CA GLY C 156 14.54 -19.43 35.64
C GLY C 156 14.81 -17.97 35.37
N SER C 157 15.96 -17.64 34.78
CA SER C 157 16.30 -16.28 34.42
C SER C 157 16.12 -16.07 32.91
N GLU C 158 15.42 -15.01 32.55
CA GLU C 158 15.11 -14.70 31.16
C GLU C 158 16.37 -14.42 30.36
N ARG C 159 16.42 -14.93 29.13
CA ARG C 159 17.57 -14.77 28.26
C ARG C 159 17.10 -14.17 26.94
N GLN C 160 17.63 -12.99 26.60
CA GLN C 160 17.27 -12.35 25.35
C GLN C 160 18.32 -12.47 24.26
N ASN C 161 19.60 -12.55 24.60
CA ASN C 161 20.62 -12.55 23.57
C ASN C 161 20.80 -13.93 22.96
N GLY C 162 21.09 -13.96 21.67
CA GLY C 162 21.32 -15.22 20.99
C GLY C 162 20.09 -15.95 20.51
N VAL C 163 18.91 -15.32 20.56
CA VAL C 163 17.67 -15.94 20.08
C VAL C 163 17.40 -15.44 18.66
N LEU C 164 17.16 -16.38 17.73
CA LEU C 164 16.70 -16.09 16.38
C LEU C 164 15.39 -16.84 16.10
N ASN C 165 14.41 -16.11 15.56
CA ASN C 165 13.09 -16.66 15.25
C ASN C 165 12.87 -16.75 13.74
N SER C 166 12.02 -17.69 13.32
CA SER C 166 11.69 -17.87 11.92
C SER C 166 10.22 -18.30 11.82
N TRP C 167 9.53 -17.81 10.81
CA TRP C 167 8.10 -18.03 10.65
C TRP C 167 7.81 -18.67 9.29
N THR C 168 6.91 -19.65 9.27
CA THR C 168 6.44 -20.21 8.02
C THR C 168 5.40 -19.30 7.40
N ASP C 169 5.20 -19.45 6.10
CA ASP C 169 4.09 -18.81 5.44
C ASP C 169 2.79 -19.48 5.88
N GLN C 170 1.68 -18.76 5.76
CA GLN C 170 0.40 -19.30 6.19
C GLN C 170 0.10 -20.59 5.43
N ASP C 171 -0.38 -21.60 6.15
CA ASP C 171 -0.68 -22.88 5.54
C ASP C 171 -1.88 -22.75 4.60
N SER C 172 -1.73 -23.30 3.39
CA SER C 172 -2.73 -23.18 2.35
C SER C 172 -3.92 -24.12 2.54
N LYS C 173 -3.85 -25.03 3.52
CA LYS C 173 -4.95 -25.92 3.79
C LYS C 173 -5.64 -25.65 5.12
N ASP C 174 -4.92 -25.29 6.18
CA ASP C 174 -5.59 -25.02 7.46
C ASP C 174 -5.41 -23.60 7.98
N SER C 175 -4.68 -22.74 7.26
CA SER C 175 -4.62 -21.31 7.54
C SER C 175 -3.88 -20.97 8.82
N THR C 176 -3.13 -21.92 9.38
CA THR C 176 -2.33 -21.67 10.56
C THR C 176 -0.92 -21.21 10.19
N TYR C 177 -0.19 -20.80 11.22
CA TYR C 177 1.18 -20.34 11.16
C TYR C 177 2.02 -21.22 12.07
N SER C 178 3.31 -21.32 11.77
CA SER C 178 4.22 -22.00 12.67
C SER C 178 5.45 -21.14 12.82
N MET C 179 6.17 -21.36 13.92
CA MET C 179 7.32 -20.52 14.24
C MET C 179 8.40 -21.36 14.91
N SER C 180 9.66 -21.15 14.55
CA SER C 180 10.76 -21.77 15.29
C SER C 180 11.53 -20.67 16.02
N SER C 181 12.10 -21.04 17.17
CA SER C 181 12.88 -20.10 17.98
C SER C 181 14.12 -20.86 18.41
N THR C 182 15.31 -20.33 18.09
CA THR C 182 16.56 -21.04 18.31
C THR C 182 17.47 -20.18 19.18
N LEU C 183 17.80 -20.67 20.37
CA LEU C 183 18.75 -20.03 21.27
C LEU C 183 20.12 -20.63 21.01
N THR C 184 21.10 -19.81 20.61
CA THR C 184 22.44 -20.28 20.32
C THR C 184 23.42 -19.81 21.40
N LEU C 185 24.12 -20.77 22.01
CA LEU C 185 25.13 -20.52 23.03
C LEU C 185 26.38 -21.25 22.62
N THR C 186 27.50 -20.91 23.28
CA THR C 186 28.65 -21.80 23.19
C THR C 186 28.45 -22.98 24.11
N LYS C 187 29.25 -24.02 23.88
CA LYS C 187 29.18 -25.23 24.69
C LYS C 187 29.49 -24.92 26.15
N ASP C 188 30.50 -24.07 26.40
CA ASP C 188 30.85 -23.73 27.78
C ASP C 188 29.69 -23.07 28.50
N GLU C 189 29.01 -22.11 27.84
CA GLU C 189 27.90 -21.43 28.50
C GLU C 189 26.72 -22.37 28.69
N TYR C 190 26.43 -23.21 27.71
CA TYR C 190 25.34 -24.16 27.85
C TYR C 190 25.55 -25.10 29.04
N GLU C 191 26.77 -25.64 29.20
CA GLU C 191 27.01 -26.62 30.26
C GLU C 191 27.13 -25.99 31.65
N ARG C 192 26.91 -24.68 31.75
CA ARG C 192 26.96 -23.90 32.97
C ARG C 192 25.61 -23.86 33.68
N HIS C 193 24.55 -24.37 33.07
CA HIS C 193 23.21 -24.25 33.60
C HIS C 193 22.46 -25.55 33.37
N ASN C 194 21.36 -25.72 34.10
CA ASN C 194 20.62 -26.97 34.06
C ASN C 194 19.33 -26.89 33.26
N SER C 195 18.42 -25.98 33.64
CA SER C 195 17.05 -25.94 33.14
C SER C 195 16.96 -25.00 31.94
N TYR C 196 16.20 -25.41 30.93
CA TYR C 196 16.04 -24.63 29.71
C TYR C 196 14.57 -24.60 29.33
N THR C 197 14.04 -23.41 29.14
CA THR C 197 12.59 -23.21 29.05
C THR C 197 12.24 -22.34 27.84
N CYS C 198 11.28 -22.81 27.05
CA CYS C 198 10.68 -22.05 25.96
C CYS C 198 9.23 -21.79 26.33
N GLU C 199 8.81 -20.52 26.35
CA GLU C 199 7.45 -20.17 26.82
C GLU C 199 6.77 -19.28 25.78
N ALA C 200 5.57 -19.69 25.39
CA ALA C 200 4.77 -18.97 24.39
C ALA C 200 3.63 -18.26 25.08
N THR C 201 3.44 -16.97 24.78
CA THR C 201 2.27 -16.23 25.21
C THR C 201 1.40 -15.92 23.99
N HIS C 202 0.18 -16.44 23.99
CA HIS C 202 -0.71 -16.42 22.84
C HIS C 202 -2.12 -16.18 23.33
N LYS C 203 -2.95 -15.56 22.49
CA LYS C 203 -4.29 -15.15 22.93
C LYS C 203 -5.18 -16.31 23.32
N THR C 204 -4.83 -17.56 22.97
CA THR C 204 -5.64 -18.70 23.32
C THR C 204 -5.55 -19.08 24.81
N SER C 205 -4.73 -18.42 25.62
CA SER C 205 -4.63 -18.79 27.03
C SER C 205 -4.10 -17.64 27.85
N THR C 206 -4.58 -17.53 29.09
CA THR C 206 -4.04 -16.57 30.05
C THR C 206 -2.91 -17.14 30.88
N SER C 207 -2.40 -18.31 30.52
CA SER C 207 -1.17 -18.87 31.06
C SER C 207 -0.22 -19.17 29.91
N PRO C 208 1.08 -19.02 30.09
CA PRO C 208 1.99 -19.36 28.99
C PRO C 208 1.96 -20.86 28.76
N ILE C 209 2.25 -21.25 27.52
CA ILE C 209 2.55 -22.64 27.22
C ILE C 209 4.06 -22.77 27.37
N VAL C 210 4.48 -23.66 28.26
CA VAL C 210 5.86 -23.79 28.72
C VAL C 210 6.33 -25.20 28.44
N LYS C 211 7.47 -25.31 27.78
CA LYS C 211 8.14 -26.60 27.60
C LYS C 211 9.58 -26.46 28.06
N SER C 212 10.09 -27.49 28.72
CA SER C 212 11.43 -27.36 29.24
C SER C 212 12.13 -28.71 29.22
N PHE C 213 13.45 -28.64 29.36
CA PHE C 213 14.21 -29.83 29.65
C PHE C 213 15.28 -29.48 30.66
N ASN C 214 15.79 -30.51 31.31
CA ASN C 214 16.95 -30.41 32.19
C ASN C 214 18.11 -31.16 31.56
N ARG C 215 19.30 -30.55 31.59
CA ARG C 215 20.47 -31.29 31.12
C ARG C 215 20.66 -32.62 31.87
N ASN C 216 20.31 -32.67 33.15
CA ASN C 216 20.51 -33.91 33.92
C ASN C 216 19.43 -34.95 33.68
N GLU C 217 18.47 -34.70 32.78
CA GLU C 217 17.38 -35.65 32.56
C GLU C 217 17.26 -36.03 31.09
N GLN D 1 2.22 -28.69 -21.25
CA GLN D 1 3.38 -29.25 -21.91
C GLN D 1 4.41 -28.16 -22.25
N VAL D 2 4.03 -26.90 -22.11
CA VAL D 2 4.98 -25.79 -22.15
C VAL D 2 5.67 -25.73 -20.79
N THR D 3 7.01 -25.80 -20.78
CA THR D 3 7.79 -25.69 -19.56
C THR D 3 9.02 -24.85 -19.82
N LEU D 4 9.54 -24.24 -18.76
CA LEU D 4 10.82 -23.53 -18.84
C LEU D 4 11.62 -23.83 -17.60
N LYS D 5 12.93 -23.98 -17.77
CA LYS D 5 13.83 -24.32 -16.69
C LYS D 5 15.02 -23.37 -16.76
N GLU D 6 15.27 -22.65 -15.67
CA GLU D 6 16.39 -21.74 -15.59
C GLU D 6 17.62 -22.47 -15.05
N SER D 7 18.79 -22.01 -15.48
CA SER D 7 20.07 -22.55 -15.06
C SER D 7 21.01 -21.40 -14.78
N GLY D 8 21.65 -21.44 -13.62
CA GLY D 8 22.52 -20.37 -13.20
C GLY D 8 23.70 -20.91 -12.43
N PRO D 9 24.62 -20.03 -12.04
CA PRO D 9 25.80 -20.46 -11.27
C PRO D 9 25.54 -20.68 -9.77
N GLY D 10 24.34 -20.38 -9.28
CA GLY D 10 24.07 -20.41 -7.83
C GLY D 10 24.69 -19.26 -7.06
N ILE D 11 26.01 -19.05 -7.22
CA ILE D 11 26.72 -17.97 -6.57
C ILE D 11 27.84 -17.53 -7.51
N LEU D 12 28.14 -16.24 -7.49
CA LEU D 12 29.27 -15.73 -8.25
C LEU D 12 29.71 -14.46 -7.56
N GLN D 13 30.97 -14.09 -7.79
CA GLN D 13 31.53 -12.97 -7.07
C GLN D 13 31.13 -11.65 -7.72
N PRO D 14 31.04 -10.59 -6.93
CA PRO D 14 30.74 -9.28 -7.52
C PRO D 14 31.80 -8.88 -8.54
N SER D 15 31.37 -8.01 -9.46
CA SER D 15 32.05 -7.53 -10.66
C SER D 15 32.07 -8.59 -11.77
N GLN D 16 31.73 -9.84 -11.50
CA GLN D 16 31.76 -10.84 -12.56
C GLN D 16 30.50 -10.74 -13.42
N THR D 17 30.48 -11.52 -14.51
CA THR D 17 29.35 -11.55 -15.42
C THR D 17 28.47 -12.75 -15.12
N LEU D 18 27.19 -12.49 -14.86
CA LEU D 18 26.22 -13.54 -14.62
C LEU D 18 25.72 -14.12 -15.95
N SER D 19 25.78 -15.45 -16.08
CA SER D 19 25.36 -16.17 -17.27
C SER D 19 24.20 -17.09 -16.91
N LEU D 20 23.02 -16.82 -17.48
CA LEU D 20 21.81 -17.59 -17.22
C LEU D 20 21.32 -18.27 -18.49
N THR D 21 20.74 -19.46 -18.35
CA THR D 21 20.17 -20.17 -19.49
C THR D 21 18.76 -20.63 -19.19
N CYS D 22 17.85 -20.36 -20.14
CA CYS D 22 16.50 -20.89 -20.14
C CYS D 22 16.45 -22.05 -21.12
N SER D 23 16.06 -23.23 -20.64
CA SER D 23 15.86 -24.40 -21.49
C SER D 23 14.38 -24.74 -21.50
N PHE D 24 13.75 -24.65 -22.67
CA PHE D 24 12.30 -24.70 -22.75
C PHE D 24 11.85 -25.75 -23.75
N SER D 25 10.57 -26.09 -23.67
CA SER D 25 9.92 -26.97 -24.63
C SER D 25 8.41 -26.71 -24.61
N GLY D 26 7.71 -27.39 -25.51
CA GLY D 26 6.28 -27.19 -25.69
C GLY D 26 5.92 -26.03 -26.58
N PHE D 27 6.90 -25.29 -27.08
CA PHE D 27 6.66 -24.18 -27.99
C PHE D 27 7.97 -23.90 -28.73
N SER D 28 7.87 -23.13 -29.80
CA SER D 28 9.03 -22.79 -30.62
C SER D 28 9.22 -21.28 -30.68
N LEU D 29 10.46 -20.85 -30.50
CA LEU D 29 10.80 -19.44 -30.67
C LEU D 29 10.83 -18.99 -32.11
N ARG D 30 10.58 -19.89 -33.07
CA ARG D 30 10.37 -19.45 -34.43
C ARG D 30 8.91 -19.06 -34.70
N THR D 31 7.98 -19.49 -33.84
CA THR D 31 6.57 -19.19 -34.06
C THR D 31 6.30 -17.70 -33.84
N SER D 32 5.66 -17.07 -34.82
CA SER D 32 5.22 -15.69 -34.67
C SER D 32 4.38 -15.51 -33.41
N GLY D 33 4.60 -14.41 -32.71
CA GLY D 33 3.95 -14.15 -31.45
C GLY D 33 4.74 -14.59 -30.22
N MET D 34 5.74 -15.45 -30.37
CA MET D 34 6.43 -16.03 -29.23
C MET D 34 7.63 -15.20 -28.81
N GLY D 35 7.86 -15.14 -27.50
CA GLY D 35 9.03 -14.50 -26.94
C GLY D 35 9.39 -15.20 -25.65
N VAL D 36 10.63 -14.98 -25.21
CA VAL D 36 11.07 -15.45 -23.90
C VAL D 36 11.62 -14.24 -23.15
N GLY D 37 11.19 -14.08 -21.90
CA GLY D 37 11.58 -12.93 -21.11
C GLY D 37 12.18 -13.35 -19.79
N TRP D 38 12.84 -12.39 -19.15
CA TRP D 38 13.53 -12.59 -17.87
C TRP D 38 12.97 -11.61 -16.86
N ILE D 39 12.61 -12.12 -15.70
CA ILE D 39 12.08 -11.31 -14.60
C ILE D 39 12.82 -11.76 -13.35
N ARG D 40 13.22 -10.82 -12.50
CA ARG D 40 13.88 -11.25 -11.27
C ARG D 40 13.13 -10.77 -10.04
N GLN D 41 13.41 -11.43 -8.91
CA GLN D 41 12.66 -11.12 -7.70
C GLN D 41 13.54 -11.33 -6.47
N PRO D 42 13.96 -10.26 -5.82
CA PRO D 42 14.77 -10.43 -4.61
C PRO D 42 13.90 -10.95 -3.46
N SER D 43 14.55 -11.69 -2.57
CA SER D 43 13.82 -12.38 -1.50
C SER D 43 12.88 -11.43 -0.77
N GLY D 44 11.62 -11.82 -0.67
CA GLY D 44 10.64 -11.03 0.02
C GLY D 44 10.21 -9.74 -0.65
N LYS D 45 10.58 -9.52 -1.91
CA LYS D 45 10.28 -8.28 -2.64
C LYS D 45 9.48 -8.58 -3.90
N GLY D 46 9.25 -7.54 -4.70
CA GLY D 46 8.43 -7.63 -5.89
C GLY D 46 9.20 -8.07 -7.13
N LEU D 47 8.52 -7.96 -8.28
CA LEU D 47 9.00 -8.50 -9.55
C LEU D 47 9.50 -7.38 -10.46
N GLU D 48 10.66 -7.60 -11.08
CA GLU D 48 11.26 -6.62 -11.97
C GLU D 48 11.50 -7.27 -13.33
N TRP D 49 10.85 -6.74 -14.37
CA TRP D 49 11.12 -7.24 -15.72
C TRP D 49 12.49 -6.76 -16.18
N LEU D 50 13.25 -7.68 -16.75
CA LEU D 50 14.62 -7.39 -17.18
C LEU D 50 14.75 -7.20 -18.69
N ALA D 51 14.34 -8.20 -19.46
CA ALA D 51 14.56 -8.18 -20.90
C ALA D 51 13.76 -9.32 -21.51
N HIS D 52 13.49 -9.21 -22.81
CA HIS D 52 12.91 -10.33 -23.52
C HIS D 52 13.40 -10.30 -24.96
N ILE D 53 13.26 -11.42 -25.64
CA ILE D 53 13.63 -11.53 -27.05
C ILE D 53 12.49 -12.19 -27.79
N TRP D 54 12.07 -11.57 -28.89
CA TRP D 54 10.98 -12.02 -29.74
C TRP D 54 11.47 -12.97 -30.83
N TRP D 55 10.51 -13.71 -31.40
CA TRP D 55 10.74 -14.73 -32.41
C TRP D 55 11.58 -14.22 -33.58
N ASP D 56 11.58 -12.92 -33.84
CA ASP D 56 12.35 -12.36 -34.95
C ASP D 56 13.67 -11.73 -34.49
N ASP D 57 14.14 -12.05 -33.29
CA ASP D 57 15.40 -11.57 -32.71
C ASP D 57 15.34 -10.11 -32.28
N ASP D 58 14.15 -9.53 -32.20
CA ASP D 58 13.94 -8.20 -31.64
C ASP D 58 14.13 -8.26 -30.11
N LYS D 59 15.07 -7.46 -29.58
CA LYS D 59 15.52 -7.55 -28.18
C LYS D 59 15.11 -6.30 -27.41
N ARG D 60 14.49 -6.48 -26.24
CA ARG D 60 14.10 -5.36 -25.40
C ARG D 60 14.75 -5.47 -24.03
N TYR D 61 15.08 -4.32 -23.44
CA TYR D 61 15.87 -4.25 -22.23
C TYR D 61 15.30 -3.19 -21.32
N ASN D 62 15.40 -3.46 -20.03
CA ASN D 62 14.98 -2.48 -19.04
C ASN D 62 16.09 -1.46 -18.84
N PRO D 63 15.81 -0.17 -19.02
CA PRO D 63 16.86 0.86 -18.82
C PRO D 63 17.45 0.84 -17.43
N ALA D 64 16.69 0.37 -16.44
CA ALA D 64 17.17 0.30 -15.07
C ALA D 64 18.43 -0.55 -14.95
N LEU D 65 18.62 -1.50 -15.86
CA LEU D 65 19.84 -2.30 -15.84
C LEU D 65 21.03 -1.58 -16.43
N LYS D 66 20.87 -0.31 -16.82
CA LYS D 66 21.99 0.55 -17.19
C LYS D 66 22.88 -0.10 -18.26
N SER D 67 22.24 -0.72 -19.25
CA SER D 67 22.89 -1.38 -20.38
C SER D 67 23.95 -2.40 -19.96
N ARG D 68 23.65 -3.17 -18.91
CA ARG D 68 24.49 -4.28 -18.48
C ARG D 68 24.03 -5.64 -19.03
N LEU D 69 22.89 -5.68 -19.75
CA LEU D 69 22.22 -6.91 -20.16
C LEU D 69 22.50 -7.25 -21.63
N THR D 70 22.61 -8.55 -21.92
CA THR D 70 22.61 -9.03 -23.30
C THR D 70 21.79 -10.31 -23.38
N ILE D 71 20.74 -10.31 -24.20
CA ILE D 71 19.88 -11.47 -24.35
C ILE D 71 20.10 -12.09 -25.71
N SER D 72 20.01 -13.42 -25.78
CA SER D 72 20.29 -14.11 -27.01
C SER D 72 19.48 -15.40 -27.02
N LYS D 73 19.34 -16.00 -28.21
CA LYS D 73 18.49 -17.17 -28.37
C LYS D 73 19.13 -18.16 -29.32
N ASP D 74 18.85 -19.45 -29.08
CA ASP D 74 19.33 -20.56 -29.90
C ASP D 74 18.12 -21.45 -30.22
N THR D 75 17.45 -21.16 -31.34
CA THR D 75 16.17 -21.80 -31.65
C THR D 75 16.32 -23.30 -31.86
N SER D 76 17.44 -23.76 -32.42
CA SER D 76 17.63 -25.18 -32.68
C SER D 76 17.83 -26.00 -31.41
N SER D 77 18.30 -25.39 -30.31
CA SER D 77 18.45 -26.10 -29.05
C SER D 77 17.39 -25.73 -28.03
N ASN D 78 16.45 -24.85 -28.38
CA ASN D 78 15.37 -24.41 -27.49
C ASN D 78 15.94 -23.84 -26.19
N GLN D 79 16.75 -22.79 -26.34
CA GLN D 79 17.39 -22.12 -25.23
C GLN D 79 17.44 -20.62 -25.48
N VAL D 80 17.35 -19.86 -24.39
CA VAL D 80 17.54 -18.42 -24.38
C VAL D 80 18.55 -18.11 -23.30
N PHE D 81 19.43 -17.15 -23.56
CA PHE D 81 20.51 -16.79 -22.65
C PHE D 81 20.39 -15.34 -22.25
N LEU D 82 20.67 -15.05 -20.99
CA LEU D 82 20.82 -13.69 -20.52
C LEU D 82 22.20 -13.55 -19.91
N LYS D 83 22.87 -12.44 -20.19
CA LYS D 83 24.12 -12.08 -19.53
C LYS D 83 23.90 -10.79 -18.76
N ILE D 84 24.39 -10.74 -17.53
CA ILE D 84 24.40 -9.50 -16.75
C ILE D 84 25.84 -9.22 -16.34
N ALA D 85 26.41 -8.17 -16.91
CA ALA D 85 27.79 -7.82 -16.64
C ALA D 85 27.90 -7.04 -15.33
N SER D 86 29.06 -7.22 -14.66
CA SER D 86 29.45 -6.42 -13.50
C SER D 86 28.41 -6.52 -12.38
N VAL D 87 28.06 -7.76 -12.03
CA VAL D 87 27.02 -7.95 -11.02
C VAL D 87 27.55 -7.49 -9.67
N ASP D 88 26.64 -6.97 -8.84
CA ASP D 88 27.00 -6.68 -7.47
C ASP D 88 25.85 -7.15 -6.57
N THR D 89 25.90 -6.77 -5.30
CA THR D 89 25.03 -7.39 -4.32
C THR D 89 23.56 -7.18 -4.65
N ALA D 90 23.21 -6.04 -5.23
CA ALA D 90 21.82 -5.74 -5.57
C ALA D 90 21.28 -6.61 -6.71
N ASP D 91 22.13 -7.42 -7.34
CA ASP D 91 21.69 -8.39 -8.34
C ASP D 91 21.37 -9.75 -7.74
N THR D 92 21.50 -9.89 -6.42
CA THR D 92 21.04 -11.10 -5.77
C THR D 92 19.52 -11.16 -5.84
N ALA D 93 19.00 -12.26 -6.37
CA ALA D 93 17.55 -12.42 -6.55
C ALA D 93 17.30 -13.80 -7.14
N THR D 94 16.04 -14.19 -7.13
CA THR D 94 15.62 -15.32 -7.95
C THR D 94 15.32 -14.81 -9.35
N TYR D 95 15.84 -15.51 -10.35
CA TYR D 95 15.69 -15.13 -11.76
C TYR D 95 14.76 -16.13 -12.41
N TYR D 96 13.69 -15.63 -13.04
CA TYR D 96 12.70 -16.42 -13.76
C TYR D 96 12.80 -16.15 -15.25
N CYS D 97 12.70 -17.20 -16.06
CA CYS D 97 12.38 -17.00 -17.47
C CYS D 97 10.93 -17.36 -17.71
N ALA D 98 10.33 -16.74 -18.72
CA ALA D 98 8.92 -16.89 -19.02
C ALA D 98 8.70 -16.94 -20.52
N GLN D 99 7.72 -17.74 -20.97
CA GLN D 99 7.23 -17.65 -22.34
C GLN D 99 6.17 -16.55 -22.39
N ILE D 100 6.39 -15.54 -23.22
CA ILE D 100 5.48 -14.42 -23.30
C ILE D 100 4.93 -14.31 -24.72
N ASN D 101 3.91 -13.48 -24.86
CA ASN D 101 3.39 -13.10 -26.16
C ASN D 101 3.28 -11.58 -26.09
N PRO D 102 2.87 -10.88 -27.15
CA PRO D 102 2.86 -9.40 -27.08
C PRO D 102 1.93 -8.82 -26.04
N ALA D 103 1.05 -9.62 -25.40
CA ALA D 103 0.03 -9.10 -24.49
C ALA D 103 0.16 -9.55 -23.03
N TRP D 104 0.70 -10.73 -22.73
CA TRP D 104 0.86 -11.14 -21.35
C TRP D 104 1.96 -12.19 -21.24
N PHE D 105 2.34 -12.53 -20.00
CA PHE D 105 3.31 -13.58 -19.76
C PHE D 105 2.53 -14.86 -19.48
N ALA D 106 2.78 -15.91 -20.26
CA ALA D 106 1.92 -17.09 -20.22
C ALA D 106 2.42 -18.17 -19.28
N TYR D 107 3.71 -18.47 -19.28
CA TYR D 107 4.22 -19.56 -18.46
C TYR D 107 5.58 -19.15 -17.89
N TRP D 108 5.84 -19.55 -16.66
CA TRP D 108 7.05 -19.18 -15.94
C TRP D 108 7.82 -20.43 -15.52
N GLY D 109 9.14 -20.33 -15.53
CA GLY D 109 9.95 -21.38 -14.95
C GLY D 109 9.92 -21.32 -13.45
N GLN D 110 10.56 -22.29 -12.81
CA GLN D 110 10.57 -22.34 -11.35
C GLN D 110 11.48 -21.28 -10.75
N GLY D 111 12.38 -20.72 -11.54
CA GLY D 111 13.27 -19.74 -10.96
C GLY D 111 14.56 -20.38 -10.49
N THR D 112 15.63 -19.59 -10.52
CA THR D 112 16.91 -20.01 -9.97
C THR D 112 17.45 -18.86 -9.14
N LEU D 113 17.90 -19.18 -7.93
CA LEU D 113 18.43 -18.14 -7.05
C LEU D 113 19.88 -17.88 -7.41
N VAL D 114 20.23 -16.59 -7.47
CA VAL D 114 21.58 -16.14 -7.73
C VAL D 114 22.01 -15.30 -6.54
N THR D 115 23.06 -15.73 -5.86
CA THR D 115 23.66 -14.98 -4.78
C THR D 115 24.96 -14.37 -5.29
N VAL D 116 25.08 -13.06 -5.19
CA VAL D 116 26.29 -12.34 -5.56
C VAL D 116 27.06 -12.05 -4.29
N SER D 117 28.14 -12.78 -4.05
CA SER D 117 28.87 -12.62 -2.79
C SER D 117 30.29 -13.16 -2.94
N ALA D 118 31.20 -12.60 -2.12
CA ALA D 118 32.53 -13.18 -2.01
C ALA D 118 32.66 -14.16 -0.84
N ALA D 119 31.57 -14.53 -0.17
CA ALA D 119 31.69 -15.41 0.98
C ALA D 119 31.83 -16.87 0.54
N LYS D 120 32.39 -17.68 1.43
CA LYS D 120 32.79 -19.05 1.11
C LYS D 120 31.60 -19.99 1.00
N THR D 121 31.57 -20.79 -0.05
CA THR D 121 30.58 -21.86 -0.15
C THR D 121 30.86 -22.90 0.91
N THR D 122 29.86 -23.18 1.76
CA THR D 122 30.02 -23.99 2.96
C THR D 122 28.86 -24.98 3.05
N PRO D 123 29.13 -26.27 3.22
CA PRO D 123 28.03 -27.26 3.35
C PRO D 123 27.44 -27.23 4.75
N PRO D 124 26.18 -27.63 4.91
CA PRO D 124 25.58 -27.58 6.24
C PRO D 124 26.09 -28.67 7.14
N SER D 125 26.09 -28.40 8.44
CA SER D 125 26.13 -29.46 9.43
C SER D 125 24.69 -29.76 9.78
N VAL D 126 24.35 -31.05 9.84
CA VAL D 126 22.98 -31.49 10.06
C VAL D 126 22.94 -32.23 11.40
N TYR D 127 22.07 -31.76 12.29
CA TYR D 127 22.04 -32.24 13.66
C TYR D 127 20.65 -32.77 13.97
N PRO D 128 20.53 -33.95 14.57
CA PRO D 128 19.20 -34.45 14.93
C PRO D 128 18.65 -33.72 16.14
N LEU D 129 17.33 -33.50 16.12
CA LEU D 129 16.59 -32.96 17.26
C LEU D 129 15.73 -34.11 17.76
N ALA D 130 16.18 -34.77 18.79
CA ALA D 130 15.47 -35.95 19.19
C ALA D 130 14.67 -35.67 20.44
N PRO D 131 13.46 -36.19 20.54
CA PRO D 131 12.68 -36.01 21.75
C PRO D 131 13.20 -36.89 22.86
N GLY D 132 12.97 -36.45 24.10
CA GLY D 132 13.33 -37.21 25.27
C GLY D 132 12.23 -38.18 25.66
N SER D 133 12.44 -38.83 26.80
CA SER D 133 11.57 -39.95 27.17
C SER D 133 10.13 -39.51 27.37
N ALA D 134 9.90 -38.38 28.05
CA ALA D 134 8.51 -38.04 28.43
C ALA D 134 7.66 -37.73 27.21
N ALA D 135 8.27 -37.18 26.14
CA ALA D 135 7.49 -36.80 24.97
C ALA D 135 6.99 -38.02 24.24
N GLN D 136 7.67 -39.16 24.38
CA GLN D 136 7.18 -40.37 23.74
C GLN D 136 5.93 -40.94 24.40
N THR D 137 5.52 -40.44 25.57
CA THR D 137 4.30 -40.94 26.21
C THR D 137 3.05 -40.22 25.73
N ASN D 138 3.17 -39.34 24.75
CA ASN D 138 2.02 -38.72 24.12
C ASN D 138 1.59 -39.52 22.88
N SER D 139 0.42 -39.15 22.35
CA SER D 139 -0.09 -39.76 21.13
C SER D 139 0.73 -39.37 19.91
N MET D 140 1.09 -38.11 19.78
CA MET D 140 1.94 -37.64 18.70
C MET D 140 3.30 -37.25 19.27
N VAL D 141 4.36 -37.36 18.46
CA VAL D 141 5.68 -36.91 18.87
C VAL D 141 6.27 -36.06 17.76
N THR D 142 6.97 -34.99 18.13
CA THR D 142 7.62 -34.11 17.15
C THR D 142 9.11 -34.35 17.20
N LEU D 143 9.71 -34.47 16.02
CA LEU D 143 11.13 -34.66 15.83
C LEU D 143 11.63 -33.47 15.02
N GLY D 144 12.95 -33.30 14.96
CA GLY D 144 13.47 -32.20 14.16
C GLY D 144 14.86 -32.49 13.63
N CYS D 145 15.34 -31.54 12.83
CA CYS D 145 16.60 -31.62 12.11
C CYS D 145 17.10 -30.20 12.01
N LEU D 146 18.28 -29.93 12.56
CA LEU D 146 18.89 -28.60 12.55
C LEU D 146 19.95 -28.57 11.46
N VAL D 147 19.83 -27.64 10.51
CA VAL D 147 20.76 -27.58 9.37
C VAL D 147 21.51 -26.26 9.50
N LYS D 148 22.75 -26.31 9.99
CA LYS D 148 23.44 -25.12 10.49
C LYS D 148 24.70 -24.81 9.68
N GLY D 149 24.93 -23.52 9.46
CA GLY D 149 26.19 -23.03 8.90
C GLY D 149 26.48 -23.35 7.44
N TYR D 150 25.52 -23.10 6.55
CA TYR D 150 25.75 -23.35 5.14
C TYR D 150 25.66 -22.04 4.37
N PHE D 151 26.30 -22.04 3.19
CA PHE D 151 26.25 -20.89 2.31
C PHE D 151 26.60 -21.34 0.91
N PRO D 152 25.89 -20.88 -0.13
CA PRO D 152 24.71 -20.01 -0.10
C PRO D 152 23.41 -20.81 -0.04
N GLU D 153 22.25 -20.15 -0.08
CA GLU D 153 20.99 -20.82 -0.33
C GLU D 153 21.02 -21.43 -1.73
N PRO D 154 20.21 -22.47 -1.97
CA PRO D 154 19.27 -23.09 -1.03
C PRO D 154 19.71 -24.44 -0.52
N VAL D 155 18.97 -24.98 0.46
CA VAL D 155 18.99 -26.39 0.76
C VAL D 155 17.60 -26.94 0.48
N THR D 156 17.53 -28.25 0.26
CA THR D 156 16.26 -28.98 0.21
C THR D 156 16.25 -29.99 1.36
N VAL D 157 15.24 -29.87 2.23
CA VAL D 157 15.06 -30.77 3.36
C VAL D 157 13.88 -31.69 3.06
N THR D 158 14.07 -32.99 3.29
CA THR D 158 12.95 -33.95 3.22
C THR D 158 13.04 -34.91 4.40
N TRP D 159 11.93 -35.59 4.67
CA TRP D 159 11.87 -36.62 5.69
C TRP D 159 11.50 -37.95 5.05
N ASN D 160 12.30 -38.98 5.32
CA ASN D 160 12.10 -40.31 4.75
C ASN D 160 11.94 -40.21 3.23
N SER D 161 12.87 -39.49 2.62
CA SER D 161 12.94 -39.28 1.17
C SER D 161 11.76 -38.51 0.61
N GLY D 162 10.99 -37.83 1.45
CA GLY D 162 9.82 -37.11 1.00
C GLY D 162 8.54 -37.87 1.20
N SER D 163 8.61 -39.13 1.63
CA SER D 163 7.42 -39.92 1.86
C SER D 163 6.71 -39.49 3.13
N LEU D 164 7.46 -38.93 4.08
CA LEU D 164 6.88 -38.27 5.24
C LEU D 164 6.72 -36.79 4.89
N SER D 165 5.47 -36.35 4.69
CA SER D 165 5.25 -34.98 4.18
C SER D 165 4.17 -34.25 4.94
N SER D 166 3.13 -34.95 5.37
CA SER D 166 2.15 -34.35 6.27
C SER D 166 2.83 -34.08 7.60
N GLY D 167 2.44 -33.00 8.26
CA GLY D 167 2.99 -32.72 9.57
C GLY D 167 4.42 -32.19 9.58
N VAL D 168 4.94 -31.76 8.44
CA VAL D 168 6.29 -31.20 8.31
C VAL D 168 6.21 -29.68 8.29
N HIS D 169 7.11 -29.01 9.03
CA HIS D 169 7.34 -27.58 8.87
C HIS D 169 8.83 -27.32 8.72
N THR D 170 9.25 -26.88 7.53
CA THR D 170 10.65 -26.50 7.32
C THR D 170 10.70 -24.98 7.28
N PHE D 171 11.43 -24.38 8.23
CA PHE D 171 11.39 -22.95 8.41
C PHE D 171 12.39 -22.25 7.50
N PRO D 172 12.09 -21.01 7.13
CA PRO D 172 13.06 -20.20 6.38
C PRO D 172 14.36 -20.06 7.12
N ALA D 173 15.45 -20.03 6.35
CA ALA D 173 16.77 -19.91 6.96
C ALA D 173 16.98 -18.50 7.51
N VAL D 174 17.84 -18.40 8.52
CA VAL D 174 18.28 -17.13 9.08
C VAL D 174 19.75 -16.97 8.74
N LEU D 175 20.13 -15.77 8.31
CA LEU D 175 21.47 -15.50 7.79
C LEU D 175 22.24 -14.71 8.84
N GLN D 176 23.42 -15.20 9.20
CA GLN D 176 24.23 -14.46 10.15
C GLN D 176 25.70 -14.72 9.83
N SER D 177 26.47 -13.65 9.74
CA SER D 177 27.90 -13.72 9.40
C SER D 177 28.14 -14.65 8.20
N ASP D 178 27.38 -14.42 7.14
CA ASP D 178 27.55 -15.13 5.89
C ASP D 178 27.34 -16.64 6.04
N LEU D 179 26.49 -17.05 6.99
CA LEU D 179 26.10 -18.45 7.13
C LEU D 179 24.62 -18.54 7.45
N TYR D 180 23.96 -19.53 6.86
CA TYR D 180 22.53 -19.76 7.05
C TYR D 180 22.28 -20.91 8.02
N THR D 181 21.17 -20.82 8.75
CA THR D 181 20.74 -21.87 9.66
C THR D 181 19.22 -21.99 9.56
N LEU D 182 18.74 -23.21 9.47
CA LEU D 182 17.30 -23.43 9.57
C LEU D 182 17.04 -24.76 10.27
N SER D 183 15.78 -24.96 10.64
CA SER D 183 15.34 -26.19 11.29
C SER D 183 14.08 -26.67 10.59
N SER D 184 13.82 -27.97 10.71
CA SER D 184 12.64 -28.60 10.14
C SER D 184 12.06 -29.50 11.21
N SER D 185 10.74 -29.43 11.40
CA SER D 185 10.10 -30.28 12.39
C SER D 185 9.20 -31.27 11.66
N VAL D 186 9.01 -32.44 12.25
CA VAL D 186 8.03 -33.40 11.74
C VAL D 186 7.31 -34.05 12.91
N THR D 187 6.00 -34.20 12.78
CA THR D 187 5.16 -34.75 13.84
C THR D 187 4.58 -36.04 13.34
N VAL D 188 4.81 -37.14 14.07
CA VAL D 188 4.33 -38.46 13.70
C VAL D 188 3.62 -39.08 14.90
N PRO D 189 2.80 -40.12 14.68
CA PRO D 189 2.26 -40.87 15.82
C PRO D 189 3.37 -41.57 16.59
N SER D 190 3.23 -41.60 17.92
CA SER D 190 4.23 -42.24 18.76
C SER D 190 4.32 -43.75 18.51
N SER D 191 3.27 -44.36 17.96
CA SER D 191 3.32 -45.76 17.59
C SER D 191 4.24 -46.01 16.39
N THR D 192 4.60 -44.99 15.63
CA THR D 192 5.44 -45.19 14.45
C THR D 192 6.91 -44.83 14.67
N TRP D 193 7.23 -44.09 15.71
CA TRP D 193 8.62 -43.78 16.02
C TRP D 193 8.76 -43.94 17.52
N PRO D 194 9.85 -44.55 18.01
CA PRO D 194 11.04 -45.03 17.30
C PRO D 194 10.92 -46.43 16.69
N SER D 195 9.73 -47.04 16.78
CA SER D 195 9.48 -48.35 16.17
C SER D 195 9.88 -48.39 14.70
N GLU D 196 9.44 -47.40 13.93
CA GLU D 196 9.78 -47.27 12.52
C GLU D 196 10.71 -46.07 12.34
N THR D 197 11.54 -46.12 11.30
CA THR D 197 12.63 -45.16 11.12
C THR D 197 12.13 -43.81 10.61
N VAL D 198 12.72 -42.74 11.14
CA VAL D 198 12.50 -41.38 10.69
C VAL D 198 13.84 -40.73 10.45
N THR D 199 14.04 -40.19 9.26
CA THR D 199 15.35 -39.71 8.83
C THR D 199 15.17 -38.44 8.03
N CYS D 200 15.95 -37.41 8.31
CA CYS D 200 15.89 -36.22 7.49
C CYS D 200 17.04 -36.27 6.49
N ASN D 201 16.75 -35.81 5.28
CA ASN D 201 17.70 -35.79 4.18
C ASN D 201 17.91 -34.33 3.77
N VAL D 202 19.17 -33.93 3.62
CA VAL D 202 19.50 -32.52 3.41
C VAL D 202 20.42 -32.38 2.21
N ALA D 203 19.92 -31.77 1.15
CA ALA D 203 20.70 -31.53 -0.08
C ALA D 203 21.13 -30.07 -0.13
N HIS D 204 22.39 -29.84 -0.51
CA HIS D 204 22.93 -28.51 -0.63
C HIS D 204 23.63 -28.50 -1.98
N PRO D 205 22.93 -28.06 -3.05
CA PRO D 205 23.52 -28.16 -4.40
C PRO D 205 24.81 -27.39 -4.55
N ALA D 206 24.94 -26.22 -3.91
CA ALA D 206 26.12 -25.40 -4.13
C ALA D 206 27.40 -26.10 -3.68
N SER D 207 27.31 -26.98 -2.69
CA SER D 207 28.46 -27.74 -2.23
C SER D 207 28.41 -29.19 -2.69
N SER D 208 27.42 -29.55 -3.52
CA SER D 208 27.26 -30.89 -4.08
C SER D 208 27.18 -31.98 -3.01
N THR D 209 26.52 -31.67 -1.89
CA THR D 209 26.40 -32.62 -0.80
C THR D 209 24.94 -33.00 -0.57
N LYS D 210 24.75 -34.22 -0.08
CA LYS D 210 23.44 -34.73 0.33
C LYS D 210 23.69 -35.73 1.45
N VAL D 211 23.15 -35.46 2.64
CA VAL D 211 23.41 -36.28 3.82
C VAL D 211 22.08 -36.70 4.44
N ASP D 212 22.12 -37.74 5.26
CA ASP D 212 20.97 -38.17 6.02
C ASP D 212 21.31 -38.19 7.50
N LYS D 213 20.27 -38.06 8.34
CA LYS D 213 20.43 -38.15 9.79
C LYS D 213 19.21 -38.86 10.37
N LYS D 214 19.40 -40.10 10.79
CA LYS D 214 18.33 -40.82 11.46
C LYS D 214 18.11 -40.25 12.86
N ILE D 215 16.86 -39.98 13.21
CA ILE D 215 16.51 -39.50 14.54
C ILE D 215 16.36 -40.70 15.46
N VAL D 216 17.18 -40.76 16.50
CA VAL D 216 17.14 -41.87 17.45
C VAL D 216 16.79 -41.31 18.82
N PRO D 217 16.17 -42.10 19.71
CA PRO D 217 15.79 -41.58 21.01
C PRO D 217 17.02 -41.07 21.75
N ARG D 218 16.83 -40.00 22.49
CA ARG D 218 17.96 -39.28 23.07
C ARG D 218 18.58 -40.01 24.28
N ALA E 1 19.24 28.85 50.61
CA ALA E 1 18.31 28.03 49.84
C ALA E 1 17.60 28.85 48.76
N ILE E 2 17.84 28.52 47.49
CA ILE E 2 17.13 29.19 46.41
C ILE E 2 15.68 28.72 46.36
N VAL E 3 14.75 29.67 46.39
CA VAL E 3 13.33 29.38 46.35
C VAL E 3 12.87 29.49 44.90
N LEU E 4 11.94 28.62 44.51
CA LEU E 4 11.34 28.63 43.18
C LEU E 4 9.86 28.85 43.38
N THR E 5 9.35 29.99 42.92
CA THR E 5 7.95 30.32 43.08
C THR E 5 7.23 30.07 41.76
N GLN E 6 6.41 29.02 41.74
CA GLN E 6 5.63 28.64 40.57
C GLN E 6 4.31 29.38 40.53
N SER E 7 3.87 29.74 39.33
CA SER E 7 2.58 30.38 39.10
C SER E 7 2.08 29.98 37.72
N PRO E 8 0.75 29.84 37.55
CA PRO E 8 -0.31 29.90 38.59
C PRO E 8 -0.34 28.62 39.39
N ALA E 9 -1.06 28.61 40.53
CA ALA E 9 -1.18 27.39 41.33
C ALA E 9 -2.10 26.39 40.64
N SER E 10 -3.04 26.88 39.84
CA SER E 10 -4.00 26.04 39.13
C SER E 10 -4.28 26.68 37.78
N LEU E 11 -4.72 25.85 36.83
CA LEU E 11 -4.99 26.30 35.47
C LEU E 11 -6.00 25.34 34.85
N ALA E 12 -7.05 25.89 34.24
CA ALA E 12 -7.99 25.14 33.42
C ALA E 12 -7.83 25.57 31.98
N VAL E 13 -7.73 24.61 31.06
CA VAL E 13 -7.33 24.88 29.69
C VAL E 13 -8.24 24.13 28.74
N SER E 14 -8.60 24.77 27.63
CA SER E 14 -9.30 24.10 26.54
C SER E 14 -8.37 23.26 25.69
N LEU E 15 -8.93 22.21 25.08
CA LEU E 15 -8.16 21.34 24.20
C LEU E 15 -7.55 22.16 23.07
N GLY E 16 -6.27 21.92 22.80
CA GLY E 16 -5.60 22.59 21.71
C GLY E 16 -5.01 23.94 22.06
N GLN E 17 -5.34 24.49 23.22
CA GLN E 17 -4.85 25.80 23.60
C GLN E 17 -3.43 25.66 24.16
N ARG E 18 -2.81 26.80 24.47
CA ARG E 18 -1.51 26.85 25.11
C ARG E 18 -1.66 26.98 26.62
N ALA E 19 -0.85 26.23 27.36
CA ALA E 19 -0.71 26.38 28.79
C ALA E 19 0.70 26.89 29.07
N THR E 20 0.80 27.99 29.81
CA THR E 20 2.08 28.59 30.17
C THR E 20 2.23 28.57 31.69
N ILE E 21 3.24 27.85 32.16
CA ILE E 21 3.55 27.74 33.58
C ILE E 21 4.90 28.41 33.80
N SER E 22 5.00 29.23 34.84
CA SER E 22 6.18 30.04 35.04
C SER E 22 6.78 29.76 36.40
N CYS E 23 8.10 29.92 36.48
CA CYS E 23 8.88 29.55 37.65
C CYS E 23 9.98 30.58 37.79
N LYS E 24 9.93 31.36 38.87
CA LYS E 24 10.88 32.44 39.12
C LYS E 24 11.84 32.04 40.23
N ALA E 25 13.13 32.10 39.95
CA ALA E 25 14.16 31.67 40.90
C ALA E 25 14.69 32.87 41.69
N SER E 26 14.95 32.65 42.98
CA SER E 26 15.43 33.73 43.84
C SER E 26 16.90 34.11 43.58
N GLN E 27 17.67 33.31 42.82
CA GLN E 27 19.07 33.61 42.55
C GLN E 27 19.35 33.43 41.06
N SER E 28 20.18 34.33 40.51
CA SER E 28 20.43 34.35 39.07
C SER E 28 21.49 33.31 38.69
N VAL E 29 21.69 33.16 37.38
CA VAL E 29 22.63 32.18 36.83
C VAL E 29 23.55 32.89 35.85
N ASP E 30 24.65 32.20 35.50
CA ASP E 30 25.73 32.79 34.72
C ASP E 30 25.52 32.73 33.22
N PHE E 31 24.47 32.06 32.75
CA PHE E 31 24.12 31.99 31.33
C PHE E 31 22.74 31.34 31.21
N ASP E 32 21.99 31.76 30.20
CA ASP E 32 20.72 31.11 29.87
C ASP E 32 20.96 29.79 29.13
N GLY E 33 19.97 28.91 29.20
CA GLY E 33 20.11 27.56 28.68
C GLY E 33 21.16 26.74 29.41
N ASP E 34 21.75 27.32 30.46
CA ASP E 34 22.74 26.62 31.24
C ASP E 34 22.24 26.24 32.64
N SER E 35 21.27 26.96 33.17
CA SER E 35 20.80 26.70 34.53
C SER E 35 20.20 25.31 34.65
N PHE E 36 20.45 24.66 35.78
CA PHE E 36 19.94 23.32 36.04
C PHE E 36 18.48 23.39 36.51
N MET E 37 17.60 23.90 35.63
CA MET E 37 16.17 23.92 35.90
C MET E 37 15.51 22.77 35.14
N ASN E 38 14.73 21.98 35.87
CA ASN E 38 14.09 20.80 35.33
C ASN E 38 12.59 20.90 35.54
N TRP E 39 11.83 20.25 34.67
CA TRP E 39 10.38 20.25 34.77
C TRP E 39 9.88 18.82 34.79
N TYR E 40 8.92 18.55 35.69
CA TYR E 40 8.36 17.23 35.88
C TYR E 40 6.84 17.29 35.78
N GLN E 41 6.26 16.22 35.26
CA GLN E 41 4.81 16.01 35.20
C GLN E 41 4.45 14.90 36.17
N GLN E 42 3.46 15.16 37.03
CA GLN E 42 2.99 14.15 37.98
C GLN E 42 1.51 13.94 37.74
N LYS E 43 1.17 12.84 37.09
CA LYS E 43 -0.23 12.45 36.99
C LYS E 43 -0.66 11.87 38.34
N PRO E 44 -1.94 12.01 38.69
CA PRO E 44 -2.39 11.48 39.99
C PRO E 44 -2.10 9.99 40.08
N GLY E 45 -1.61 9.59 41.25
CA GLY E 45 -1.25 8.21 41.50
C GLY E 45 0.12 7.81 41.03
N GLN E 46 0.83 8.68 40.32
CA GLN E 46 2.10 8.28 39.76
C GLN E 46 3.22 9.11 40.38
N PRO E 47 4.47 8.70 40.22
CA PRO E 47 5.58 9.58 40.56
C PRO E 47 5.76 10.65 39.51
N PRO E 48 6.44 11.74 39.84
CA PRO E 48 6.81 12.71 38.83
C PRO E 48 7.64 12.04 37.74
N LYS E 49 7.53 12.57 36.53
CA LYS E 49 8.25 12.08 35.35
C LYS E 49 8.93 13.26 34.70
N LEU E 50 10.20 13.10 34.34
CA LEU E 50 10.96 14.21 33.76
C LEU E 50 10.38 14.62 32.40
N LEU E 51 10.19 15.92 32.20
CA LEU E 51 9.78 16.44 30.89
C LEU E 51 10.91 17.18 30.18
N ILE E 52 11.54 18.11 30.88
CA ILE E 52 12.56 18.98 30.34
C ILE E 52 13.70 18.99 31.34
N TYR E 53 14.93 18.88 30.85
CA TYR E 53 16.09 18.99 31.73
C TYR E 53 16.96 20.16 31.28
N THR E 54 17.61 20.78 32.25
CA THR E 54 18.56 21.90 32.08
C THR E 54 17.97 23.00 31.19
N THR E 55 16.87 23.56 31.68
CA THR E 55 16.14 24.72 31.16
C THR E 55 15.30 24.43 29.93
N SER E 56 15.83 23.65 28.97
CA SER E 56 15.21 23.63 27.66
C SER E 56 15.33 22.32 26.90
N ASN E 57 15.93 21.28 27.45
CA ASN E 57 16.14 20.05 26.69
C ASN E 57 15.01 19.07 26.91
N LEU E 58 14.43 18.62 25.80
CA LEU E 58 13.29 17.72 25.88
C LEU E 58 13.78 16.30 26.13
N GLU E 59 13.20 15.65 27.14
CA GLU E 59 13.54 14.27 27.44
C GLU E 59 12.98 13.33 26.38
N SER E 60 13.74 12.30 26.06
CA SER E 60 13.30 11.37 25.02
C SER E 60 12.00 10.68 25.42
N GLY E 61 11.12 10.49 24.44
CA GLY E 61 9.82 9.88 24.72
C GLY E 61 8.72 10.86 25.04
N ILE E 62 9.06 12.13 25.19
CA ILE E 62 8.11 13.20 25.52
C ILE E 62 7.82 13.97 24.25
N PRO E 63 6.55 14.24 23.91
CA PRO E 63 6.25 14.92 22.64
C PRO E 63 6.74 16.36 22.64
N ALA E 64 7.00 16.86 21.43
CA ALA E 64 7.59 18.19 21.24
C ALA E 64 6.62 19.34 21.54
N ARG E 65 5.34 19.06 21.77
CA ARG E 65 4.47 20.14 22.24
C ARG E 65 4.86 20.61 23.64
N PHE E 66 5.73 19.88 24.35
CA PHE E 66 6.31 20.35 25.60
C PHE E 66 7.61 21.08 25.30
N SER E 67 7.67 22.37 25.62
CA SER E 67 8.90 23.13 25.48
C SER E 67 9.09 24.01 26.72
N ALA E 68 10.33 24.43 26.95
CA ALA E 68 10.61 25.30 28.08
C ALA E 68 11.81 26.17 27.76
N SER E 69 11.90 27.29 28.46
CA SER E 69 12.98 28.24 28.23
C SER E 69 13.31 28.92 29.54
N GLY E 70 14.35 29.74 29.52
CA GLY E 70 14.74 30.51 30.68
C GLY E 70 15.44 31.80 30.29
N SER E 71 15.04 32.91 30.91
CA SER E 71 15.73 34.19 30.78
C SER E 71 16.05 34.68 32.18
N GLY E 72 17.33 34.56 32.57
CA GLY E 72 17.77 35.00 33.88
C GLY E 72 17.20 34.17 35.02
N THR E 73 16.31 34.78 35.79
CA THR E 73 15.63 34.09 36.89
C THR E 73 14.25 33.59 36.50
N ASP E 74 13.79 33.86 35.28
CA ASP E 74 12.43 33.56 34.85
C ASP E 74 12.44 32.35 33.93
N PHE E 75 11.79 31.27 34.35
CA PHE E 75 11.73 30.04 33.59
C PHE E 75 10.27 29.75 33.28
N THR E 76 10.02 29.21 32.09
CA THR E 76 8.65 28.99 31.65
C THR E 76 8.54 27.64 30.96
N LEU E 77 7.49 26.91 31.31
CA LEU E 77 7.10 25.67 30.65
C LEU E 77 5.90 25.99 29.75
N ASN E 78 6.00 25.64 28.48
CA ASN E 78 4.86 25.79 27.58
C ASN E 78 4.36 24.43 27.09
N ILE E 79 3.05 24.26 27.09
CA ILE E 79 2.41 23.09 26.51
C ILE E 79 1.43 23.60 25.46
N HIS E 80 1.65 23.21 24.20
CA HIS E 80 0.80 23.69 23.12
C HIS E 80 0.94 22.76 21.91
N PRO E 81 -0.10 22.03 21.52
CA PRO E 81 -1.47 22.03 22.06
C PRO E 81 -1.58 21.19 23.32
N VAL E 82 -2.52 21.53 24.19
CA VAL E 82 -2.84 20.73 25.37
C VAL E 82 -3.82 19.65 24.96
N GLU E 83 -3.59 18.43 25.44
CA GLU E 83 -4.42 17.26 25.17
C GLU E 83 -5.06 16.78 26.47
N GLU E 84 -6.04 15.88 26.33
CA GLU E 84 -6.72 15.31 27.48
C GLU E 84 -5.74 14.72 28.47
N GLU E 85 -4.70 14.05 27.97
CA GLU E 85 -3.80 13.33 28.84
C GLU E 85 -2.86 14.25 29.63
N ASP E 86 -2.92 15.56 29.42
CA ASP E 86 -2.04 16.46 30.16
C ASP E 86 -2.60 16.84 31.52
N THR E 87 -3.79 16.38 31.87
CA THR E 87 -4.30 16.70 33.20
C THR E 87 -3.38 16.07 34.25
N ALA E 88 -2.79 16.91 35.10
CA ALA E 88 -1.60 16.57 35.90
C ALA E 88 -1.16 17.80 36.68
N THR E 89 -0.24 17.58 37.60
CA THR E 89 0.47 18.65 38.29
C THR E 89 1.90 18.70 37.77
N TYR E 90 2.36 19.91 37.44
CA TYR E 90 3.67 20.16 36.87
C TYR E 90 4.54 20.85 37.90
N TYR E 91 5.80 20.44 38.02
CA TYR E 91 6.75 21.02 38.97
C TYR E 91 8.03 21.47 38.26
N CYS E 92 8.51 22.65 38.63
CA CYS E 92 9.89 23.04 38.37
C CYS E 92 10.78 22.63 39.54
N GLN E 93 12.09 22.54 39.29
CA GLN E 93 13.05 22.01 40.25
C GLN E 93 14.45 22.44 39.84
N GLN E 94 15.30 22.79 40.81
CA GLN E 94 16.66 23.25 40.53
C GLN E 94 17.68 22.33 41.18
N SER E 95 18.69 21.96 40.39
CA SER E 95 19.85 21.23 40.87
C SER E 95 21.10 22.11 40.85
N ASN E 96 20.92 23.42 40.74
CA ASN E 96 22.04 24.35 40.77
C ASN E 96 22.80 24.28 42.09
N GLU E 97 22.08 24.33 43.22
CA GLU E 97 22.71 24.47 44.52
C GLU E 97 22.02 23.58 45.55
N ASP E 98 22.81 23.09 46.52
CA ASP E 98 22.23 22.48 47.72
C ASP E 98 21.54 23.56 48.56
N PRO E 99 20.36 23.28 49.11
CA PRO E 99 19.54 22.08 48.93
C PRO E 99 18.79 22.18 47.60
N TYR E 100 18.66 21.06 46.89
CA TYR E 100 17.75 21.01 45.75
C TYR E 100 16.34 21.39 46.19
N THR E 101 15.63 22.12 45.34
CA THR E 101 14.31 22.61 45.72
C THR E 101 13.34 22.48 44.56
N PHE E 102 12.05 22.51 44.89
CA PHE E 102 10.96 22.41 43.93
C PHE E 102 10.09 23.64 44.00
N GLY E 103 9.52 24.02 42.86
CA GLY E 103 8.43 24.96 42.84
C GLY E 103 7.20 24.35 43.50
N GLY E 104 6.19 25.17 43.74
CA GLY E 104 5.04 24.71 44.51
C GLY E 104 4.05 23.84 43.76
N GLY E 105 4.15 23.76 42.45
CA GLY E 105 3.23 22.93 41.68
C GLY E 105 2.20 23.78 40.96
N THR E 106 1.79 23.30 39.78
CA THR E 106 0.68 23.87 39.00
C THR E 106 -0.23 22.71 38.61
N LYS E 107 -1.46 22.73 39.10
CA LYS E 107 -2.42 21.69 38.79
C LYS E 107 -3.17 22.12 37.52
N LEU E 108 -2.91 21.42 36.42
CA LEU E 108 -3.54 21.70 35.13
C LEU E 108 -4.68 20.73 34.95
N GLU E 109 -5.87 21.25 34.63
CA GLU E 109 -7.00 20.40 34.33
C GLU E 109 -7.62 20.84 33.02
N LEU E 110 -8.29 19.92 32.35
CA LEU E 110 -8.85 20.13 31.02
C LEU E 110 -10.30 20.55 31.09
N LYS E 111 -10.73 21.31 30.09
CA LYS E 111 -12.14 21.61 29.89
C LYS E 111 -12.75 20.68 28.84
N ARG E 112 -14.07 20.47 28.93
CA ARG E 112 -14.79 19.70 27.94
C ARG E 112 -16.26 20.11 27.97
N ALA E 113 -17.05 19.50 27.10
CA ALA E 113 -18.50 19.70 27.11
C ALA E 113 -19.08 19.18 28.42
N ASP E 114 -20.11 19.87 28.92
CA ASP E 114 -20.85 19.38 30.08
C ASP E 114 -21.36 17.97 29.85
N ALA E 115 -21.33 17.17 30.92
CA ALA E 115 -21.75 15.78 30.88
C ALA E 115 -22.50 15.46 32.16
N ALA E 116 -23.70 14.87 32.04
CA ALA E 116 -24.48 14.52 33.22
C ALA E 116 -23.93 13.25 33.90
N PRO E 117 -24.00 13.17 35.23
CA PRO E 117 -23.55 11.95 35.91
C PRO E 117 -24.48 10.78 35.65
N THR E 118 -23.88 9.59 35.64
CA THR E 118 -24.62 8.34 35.67
C THR E 118 -24.69 7.93 37.13
N VAL E 119 -25.90 7.81 37.66
CA VAL E 119 -26.11 7.69 39.11
C VAL E 119 -26.67 6.31 39.42
N SER E 120 -26.14 5.70 40.49
CA SER E 120 -26.47 4.34 40.91
C SER E 120 -26.53 4.34 42.44
N ILE E 121 -27.51 3.66 43.01
CA ILE E 121 -27.60 3.62 44.46
C ILE E 121 -27.55 2.16 44.90
N PHE E 122 -27.04 1.94 46.12
CA PHE E 122 -26.87 0.59 46.61
C PHE E 122 -27.23 0.55 48.10
N PRO E 123 -28.06 -0.39 48.50
CA PRO E 123 -28.35 -0.56 49.94
C PRO E 123 -27.18 -1.20 50.66
N PRO E 124 -27.16 -1.16 51.99
CA PRO E 124 -26.20 -1.98 52.76
C PRO E 124 -26.32 -3.43 52.35
N SER E 125 -25.19 -4.12 52.27
CA SER E 125 -25.26 -5.55 52.07
C SER E 125 -25.69 -6.25 53.36
N SER E 126 -26.10 -7.51 53.22
CA SER E 126 -26.37 -8.32 54.41
C SER E 126 -25.12 -8.48 55.25
N GLU E 127 -23.98 -8.72 54.60
CA GLU E 127 -22.72 -8.86 55.32
C GLU E 127 -22.50 -7.70 56.29
N GLN E 128 -22.73 -6.48 55.83
CA GLN E 128 -22.50 -5.35 56.72
C GLN E 128 -23.56 -5.25 57.79
N LEU E 129 -24.84 -5.48 57.44
CA LEU E 129 -25.91 -5.30 58.41
C LEU E 129 -25.75 -6.23 59.61
N THR E 130 -25.24 -7.45 59.41
CA THR E 130 -25.05 -8.34 60.54
C THR E 130 -23.88 -7.91 61.43
N SER E 131 -23.05 -6.99 60.97
CA SER E 131 -21.99 -6.37 61.76
C SER E 131 -22.48 -5.17 62.57
N GLY E 132 -23.76 -4.85 62.48
CA GLY E 132 -24.34 -3.75 63.23
C GLY E 132 -24.41 -2.42 62.51
N GLY E 133 -23.73 -2.28 61.37
CA GLY E 133 -23.68 -1.03 60.64
C GLY E 133 -24.43 -1.07 59.32
N ALA E 134 -24.69 0.11 58.78
CA ALA E 134 -25.46 0.22 57.54
C ALA E 134 -24.93 1.41 56.76
N SER E 135 -24.24 1.17 55.65
CA SER E 135 -23.82 2.24 54.75
C SER E 135 -24.63 2.16 53.46
N VAL E 136 -25.14 3.31 53.00
CA VAL E 136 -25.86 3.44 51.74
C VAL E 136 -24.94 4.18 50.77
N VAL E 137 -24.70 3.59 49.61
CA VAL E 137 -23.67 4.11 48.69
C VAL E 137 -24.34 4.58 47.42
N CYS E 138 -23.89 5.73 46.93
CA CYS E 138 -24.38 6.31 45.69
C CYS E 138 -23.17 6.67 44.83
N PHE E 139 -23.13 6.19 43.60
CA PHE E 139 -22.07 6.58 42.67
C PHE E 139 -22.61 7.56 41.65
N LEU E 140 -21.83 8.59 41.34
CA LEU E 140 -22.18 9.59 40.33
C LEU E 140 -21.00 9.70 39.37
N ASN E 141 -21.12 9.06 38.21
CA ASN E 141 -19.94 8.71 37.44
C ASN E 141 -19.88 9.46 36.13
N ASN E 142 -18.68 9.95 35.79
CA ASN E 142 -18.33 10.50 34.48
C ASN E 142 -19.16 11.72 34.11
N PHE E 143 -19.05 12.76 34.93
CA PHE E 143 -19.77 14.00 34.69
C PHE E 143 -18.79 15.14 34.54
N TYR E 144 -19.30 16.27 34.05
CA TYR E 144 -18.49 17.48 33.90
C TYR E 144 -19.45 18.65 33.87
N PRO E 145 -19.16 19.74 34.58
CA PRO E 145 -17.95 20.06 35.35
C PRO E 145 -17.88 19.37 36.68
N LYS E 146 -16.81 19.66 37.43
CA LYS E 146 -16.55 18.95 38.69
C LYS E 146 -17.61 19.28 39.76
N ASP E 147 -18.13 20.51 39.76
CA ASP E 147 -19.03 20.95 40.82
C ASP E 147 -20.35 20.19 40.76
N ILE E 148 -20.75 19.59 41.87
CA ILE E 148 -22.00 18.82 41.88
C ILE E 148 -22.52 18.79 43.30
N ASN E 149 -23.83 18.63 43.44
CA ASN E 149 -24.48 18.65 44.74
C ASN E 149 -25.25 17.35 44.93
N VAL E 150 -25.02 16.67 46.06
CA VAL E 150 -25.69 15.40 46.34
C VAL E 150 -26.51 15.55 47.61
N LYS E 151 -27.80 15.23 47.51
CA LYS E 151 -28.74 15.33 48.60
C LYS E 151 -29.28 13.94 48.90
N TRP E 152 -29.19 13.53 50.17
CA TRP E 152 -29.73 12.26 50.62
C TRP E 152 -31.08 12.48 51.27
N LYS E 153 -32.06 11.64 50.93
CA LYS E 153 -33.38 11.68 51.54
C LYS E 153 -33.74 10.33 52.14
N ILE E 154 -34.35 10.36 53.33
CA ILE E 154 -34.81 9.17 54.02
C ILE E 154 -36.30 9.39 54.32
N ASP E 155 -37.14 8.55 53.72
CA ASP E 155 -38.59 8.69 53.80
C ASP E 155 -38.99 10.13 53.50
N GLY E 156 -38.46 10.67 52.41
CA GLY E 156 -38.79 12.01 51.97
C GLY E 156 -38.08 13.13 52.68
N SER E 157 -37.36 12.86 53.75
CA SER E 157 -36.75 13.92 54.55
C SER E 157 -35.25 14.00 54.25
N GLU E 158 -34.75 15.22 54.08
CA GLU E 158 -33.34 15.39 53.77
C GLU E 158 -32.49 15.15 55.01
N ARG E 159 -31.41 14.39 54.83
CA ARG E 159 -30.47 14.09 55.91
C ARG E 159 -29.09 14.59 55.54
N GLN E 160 -28.42 15.27 56.48
CA GLN E 160 -27.11 15.85 56.22
C GLN E 160 -26.00 15.25 57.08
N ASN E 161 -26.30 14.78 58.28
CA ASN E 161 -25.29 14.12 59.08
C ASN E 161 -25.04 12.72 58.56
N GLY E 162 -23.79 12.27 58.66
CA GLY E 162 -23.41 10.93 58.27
C GLY E 162 -23.07 10.72 56.80
N VAL E 163 -22.97 11.80 56.01
CA VAL E 163 -22.67 11.70 54.57
C VAL E 163 -21.21 12.08 54.35
N LEU E 164 -20.46 11.20 53.65
CA LEU E 164 -19.08 11.47 53.27
C LEU E 164 -18.92 11.30 51.78
N ASN E 165 -18.30 12.28 51.12
CA ASN E 165 -18.18 12.32 49.67
C ASN E 165 -16.72 12.21 49.25
N SER E 166 -16.50 11.79 48.01
CA SER E 166 -15.13 11.57 47.52
C SER E 166 -15.15 11.64 46.00
N TRP E 167 -14.35 12.53 45.42
CA TRP E 167 -14.21 12.71 43.97
C TRP E 167 -12.95 12.01 43.46
N THR E 168 -13.05 11.40 42.27
CA THR E 168 -11.86 10.96 41.56
C THR E 168 -11.11 12.16 40.97
N ASP E 169 -9.84 11.91 40.65
CA ASP E 169 -9.10 12.82 39.79
C ASP E 169 -9.69 12.84 38.39
N GLN E 170 -9.48 13.94 37.69
CA GLN E 170 -9.99 14.05 36.32
C GLN E 170 -9.46 12.91 35.45
N ASP E 171 -10.34 12.36 34.63
CA ASP E 171 -9.97 11.26 33.77
C ASP E 171 -9.07 11.73 32.63
N SER E 172 -7.99 10.98 32.38
CA SER E 172 -7.03 11.43 31.39
C SER E 172 -7.44 11.09 29.97
N LYS E 173 -8.53 10.37 29.77
CA LYS E 173 -9.00 10.08 28.43
C LYS E 173 -10.26 10.85 28.05
N ASP E 174 -11.22 11.03 28.98
CA ASP E 174 -12.46 11.74 28.62
C ASP E 174 -12.70 13.02 29.41
N SER E 175 -11.80 13.38 30.34
CA SER E 175 -11.79 14.62 31.10
C SER E 175 -12.97 14.76 32.07
N THR E 176 -13.70 13.69 32.34
CA THR E 176 -14.80 13.74 33.31
C THR E 176 -14.30 13.48 34.72
N TYR E 177 -15.20 13.67 35.68
CA TYR E 177 -15.01 13.37 37.09
C TYR E 177 -16.07 12.40 37.55
N SER E 178 -15.79 11.69 38.63
CA SER E 178 -16.78 10.82 39.25
C SER E 178 -16.73 11.06 40.76
N MET E 179 -17.84 10.75 41.43
CA MET E 179 -17.90 10.97 42.86
C MET E 179 -18.68 9.84 43.51
N SER E 180 -18.29 9.48 44.73
CA SER E 180 -19.10 8.59 45.55
C SER E 180 -19.64 9.36 46.74
N SER E 181 -20.89 9.07 47.10
CA SER E 181 -21.51 9.62 48.30
C SER E 181 -21.94 8.43 49.15
N THR E 182 -21.60 8.45 50.44
CA THR E 182 -21.87 7.33 51.32
C THR E 182 -22.57 7.82 52.58
N LEU E 183 -23.80 7.36 52.80
CA LEU E 183 -24.54 7.64 54.01
C LEU E 183 -24.39 6.48 54.98
N THR E 184 -23.81 6.74 56.16
CA THR E 184 -23.58 5.70 57.17
C THR E 184 -24.57 5.87 58.32
N LEU E 185 -25.26 4.80 58.65
CA LEU E 185 -26.26 4.79 59.72
C LEU E 185 -26.01 3.58 60.62
N THR E 186 -26.59 3.59 61.82
CA THR E 186 -26.62 2.33 62.55
C THR E 186 -27.61 1.39 61.89
N LYS E 187 -27.43 0.10 62.13
CA LYS E 187 -28.39 -0.88 61.62
C LYS E 187 -29.79 -0.58 62.14
N ASP E 188 -29.91 -0.32 63.46
CA ASP E 188 -31.21 -0.01 64.05
C ASP E 188 -31.85 1.21 63.40
N GLU E 189 -31.06 2.24 63.12
CA GLU E 189 -31.61 3.45 62.50
C GLU E 189 -31.99 3.18 61.05
N TYR E 190 -31.18 2.40 60.33
CA TYR E 190 -31.52 2.00 58.97
C TYR E 190 -32.82 1.19 58.94
N GLU E 191 -33.06 0.35 59.96
CA GLU E 191 -34.23 -0.52 59.91
C GLU E 191 -35.50 0.17 60.39
N ARG E 192 -35.43 1.45 60.74
CA ARG E 192 -36.61 2.21 61.13
C ARG E 192 -37.26 2.93 59.96
N HIS E 193 -36.60 2.93 58.80
CA HIS E 193 -37.07 3.66 57.64
C HIS E 193 -37.08 2.75 56.42
N ASN E 194 -37.74 3.21 55.37
CA ASN E 194 -38.00 2.32 54.26
C ASN E 194 -37.38 2.76 52.95
N SER E 195 -37.57 4.00 52.53
CA SER E 195 -37.07 4.44 51.23
C SER E 195 -35.82 5.29 51.40
N TYR E 196 -34.84 5.04 50.54
CA TYR E 196 -33.57 5.74 50.59
C TYR E 196 -33.28 6.31 49.21
N THR E 197 -32.94 7.58 49.16
CA THR E 197 -32.90 8.33 47.90
C THR E 197 -31.59 9.09 47.76
N CYS E 198 -30.97 8.98 46.60
CA CYS E 198 -29.79 9.75 46.24
C CYS E 198 -30.18 10.72 45.13
N GLU E 199 -30.04 12.03 45.39
CA GLU E 199 -30.54 13.07 44.48
C GLU E 199 -29.36 13.95 44.04
N ALA E 200 -29.16 14.03 42.72
CA ALA E 200 -27.97 14.64 42.13
C ALA E 200 -28.34 15.92 41.41
N THR E 201 -27.85 17.04 41.91
CA THR E 201 -28.04 18.34 41.27
C THR E 201 -26.73 18.79 40.60
N HIS E 202 -26.83 19.11 39.32
CA HIS E 202 -25.69 19.38 38.47
C HIS E 202 -26.17 20.30 37.36
N LYS E 203 -25.26 21.10 36.82
CA LYS E 203 -25.69 22.14 35.89
C LYS E 203 -26.19 21.61 34.55
N THR E 204 -26.13 20.31 34.29
CA THR E 204 -26.63 19.78 33.02
C THR E 204 -28.16 19.69 32.98
N SER E 205 -28.82 19.63 34.13
CA SER E 205 -30.27 19.51 34.14
C SER E 205 -30.87 20.41 35.21
N THR E 206 -32.03 20.98 34.90
CA THR E 206 -32.74 21.78 35.88
C THR E 206 -33.36 20.90 36.96
N SER E 207 -33.79 19.69 36.61
CA SER E 207 -34.34 18.66 37.49
C SER E 207 -33.21 17.76 38.01
N PRO E 208 -33.23 17.38 39.29
CA PRO E 208 -32.19 16.48 39.79
C PRO E 208 -32.36 15.08 39.24
N ILE E 209 -31.25 14.35 39.20
CA ILE E 209 -31.28 12.92 38.92
C ILE E 209 -31.52 12.20 40.24
N VAL E 210 -32.61 11.42 40.31
CA VAL E 210 -33.05 10.76 41.54
C VAL E 210 -32.89 9.27 41.38
N LYS E 211 -32.17 8.64 42.30
CA LYS E 211 -32.15 7.19 42.41
C LYS E 211 -32.58 6.77 43.80
N SER E 212 -33.38 5.70 43.88
CA SER E 212 -34.01 5.32 45.13
C SER E 212 -34.11 3.81 45.25
N PHE E 213 -34.27 3.35 46.48
CA PHE E 213 -34.73 2.00 46.70
C PHE E 213 -35.64 2.01 47.91
N ASN E 214 -36.52 1.01 47.96
CA ASN E 214 -37.40 0.78 49.10
C ASN E 214 -37.00 -0.54 49.73
N ARG E 215 -36.76 -0.52 51.04
CA ARG E 215 -36.41 -1.74 51.76
C ARG E 215 -37.49 -2.80 51.62
N ASN E 216 -38.76 -2.38 51.53
CA ASN E 216 -39.85 -3.32 51.31
C ASN E 216 -39.96 -3.76 49.87
N GLU E 217 -39.13 -3.20 49.00
CA GLU E 217 -39.12 -3.45 47.55
C GLU E 217 -40.51 -3.25 46.93
N GLN F 1 14.26 -0.43 31.96
CA GLN F 1 15.62 -0.85 32.33
C GLN F 1 16.02 -0.26 33.68
N VAL F 2 15.99 1.07 33.81
CA VAL F 2 16.25 1.68 35.10
C VAL F 2 14.96 1.68 35.92
N THR F 3 14.97 0.95 37.03
CA THR F 3 13.84 0.92 37.94
C THR F 3 14.34 1.13 39.36
N LEU F 4 13.44 1.61 40.22
CA LEU F 4 13.73 1.86 41.63
C LEU F 4 12.49 1.47 42.44
N LYS F 5 12.71 0.82 43.58
CA LYS F 5 11.57 0.39 44.38
C LYS F 5 11.84 0.69 45.84
N GLU F 6 10.95 1.48 46.44
CA GLU F 6 11.02 1.86 47.84
C GLU F 6 10.31 0.83 48.69
N SER F 7 10.76 0.70 49.94
CA SER F 7 10.21 -0.19 50.93
C SER F 7 10.31 0.49 52.29
N GLY F 8 9.24 0.43 53.07
CA GLY F 8 9.24 0.96 54.40
C GLY F 8 8.30 0.22 55.33
N PRO F 9 8.11 0.77 56.54
CA PRO F 9 7.25 0.11 57.54
C PRO F 9 5.76 0.31 57.32
N GLY F 10 5.35 1.21 56.43
CA GLY F 10 3.95 1.50 56.23
C GLY F 10 3.44 2.43 57.32
N ILE F 11 3.62 2.04 58.57
CA ILE F 11 3.16 2.80 59.73
C ILE F 11 4.20 2.64 60.85
N LEU F 12 4.43 3.72 61.60
CA LEU F 12 5.27 3.66 62.78
C LEU F 12 4.83 4.76 63.73
N GLN F 13 5.29 4.66 64.99
CA GLN F 13 4.76 5.55 66.01
C GLN F 13 5.62 6.79 66.16
N PRO F 14 5.03 7.91 66.56
CA PRO F 14 5.84 9.12 66.74
C PRO F 14 6.95 8.87 67.75
N SER F 15 8.07 9.53 67.52
CA SER F 15 9.36 9.41 68.20
C SER F 15 10.18 8.22 67.71
N GLN F 16 9.65 7.32 66.88
CA GLN F 16 10.46 6.21 66.44
C GLN F 16 11.31 6.62 65.23
N THR F 17 12.22 5.73 64.82
CA THR F 17 13.08 5.99 63.69
C THR F 17 12.52 5.33 62.44
N LEU F 18 12.39 6.12 61.38
CA LEU F 18 11.93 5.64 60.08
C LEU F 18 13.10 5.02 59.31
N SER F 19 12.96 3.75 58.95
CA SER F 19 13.93 3.02 58.13
C SER F 19 13.32 2.76 56.76
N LEU F 20 13.96 3.29 55.70
CA LEU F 20 13.49 3.19 54.32
C LEU F 20 14.56 2.57 53.47
N THR F 21 14.16 1.74 52.51
CA THR F 21 15.11 1.12 51.58
C THR F 21 14.68 1.37 50.13
N CYS F 22 15.65 1.71 49.30
CA CYS F 22 15.48 1.82 47.86
C CYS F 22 16.30 0.72 47.21
N SER F 23 15.64 -0.19 46.50
CA SER F 23 16.31 -1.22 45.71
C SER F 23 16.23 -0.85 44.24
N PHE F 24 17.38 -0.78 43.56
CA PHE F 24 17.39 -0.36 42.18
C PHE F 24 18.00 -1.42 41.28
N SER F 25 17.68 -1.30 39.99
CA SER F 25 18.23 -2.14 38.93
C SER F 25 18.42 -1.27 37.71
N GLY F 26 19.27 -1.73 36.79
CA GLY F 26 19.50 -1.03 35.55
C GLY F 26 20.59 0.01 35.57
N PHE F 27 21.24 0.22 36.72
CA PHE F 27 22.37 1.13 36.78
C PHE F 27 23.23 0.74 37.96
N SER F 28 24.46 1.24 37.96
CA SER F 28 25.41 0.97 39.02
C SER F 28 25.70 2.25 39.80
N LEU F 29 25.61 2.18 41.11
CA LEU F 29 25.99 3.32 41.93
C LEU F 29 27.50 3.45 42.08
N ARG F 30 28.27 2.62 41.38
CA ARG F 30 29.71 2.80 41.28
C ARG F 30 30.11 3.72 40.13
N THR F 31 29.19 3.99 39.19
CA THR F 31 29.49 4.79 38.02
C THR F 31 29.53 6.28 38.36
N SER F 32 30.55 6.97 37.83
CA SER F 32 30.70 8.40 38.03
C SER F 32 29.48 9.17 37.53
N GLY F 33 29.02 10.13 38.33
CA GLY F 33 27.86 10.94 38.02
C GLY F 33 26.55 10.43 38.58
N MET F 34 26.52 9.20 39.06
CA MET F 34 25.30 8.56 39.53
C MET F 34 25.10 8.79 41.03
N GLY F 35 23.86 9.09 41.40
CA GLY F 35 23.49 9.17 42.80
C GLY F 35 22.05 8.76 42.94
N VAL F 36 21.66 8.41 44.17
CA VAL F 36 20.28 8.09 44.50
C VAL F 36 19.82 9.08 45.56
N GLY F 37 18.66 9.70 45.34
CA GLY F 37 18.08 10.67 46.25
C GLY F 37 16.73 10.23 46.79
N TRP F 38 16.28 10.94 47.84
CA TRP F 38 14.99 10.72 48.49
C TRP F 38 14.22 12.03 48.49
N ILE F 39 12.93 11.93 48.16
CA ILE F 39 12.03 13.08 48.03
C ILE F 39 10.71 12.64 48.66
N ARG F 40 10.07 13.50 49.43
CA ARG F 40 8.82 13.10 50.04
C ARG F 40 7.71 14.07 49.66
N GLN F 41 6.48 13.56 49.69
CA GLN F 41 5.31 14.33 49.29
C GLN F 41 4.15 13.98 50.20
N PRO F 42 3.80 14.84 51.16
CA PRO F 42 2.57 14.63 51.91
C PRO F 42 1.38 14.72 50.97
N SER F 43 0.28 14.06 51.36
CA SER F 43 -0.88 13.95 50.48
C SER F 43 -1.36 15.32 50.04
N GLY F 44 -1.59 15.46 48.73
CA GLY F 44 -2.09 16.67 48.13
C GLY F 44 -1.19 17.88 48.23
N LYS F 45 0.08 17.72 48.61
CA LYS F 45 1.00 18.84 48.69
C LYS F 45 2.23 18.59 47.80
N GLY F 46 3.22 19.46 47.91
CA GLY F 46 4.35 19.46 47.03
C GLY F 46 5.47 18.52 47.45
N LEU F 47 6.62 18.70 46.82
CA LEU F 47 7.74 17.79 46.91
C LEU F 47 8.87 18.44 47.71
N GLU F 48 9.50 17.65 48.57
CA GLU F 48 10.58 18.12 49.44
C GLU F 48 11.77 17.19 49.27
N TRP F 49 12.86 17.72 48.74
CA TRP F 49 14.09 16.94 48.67
C TRP F 49 14.61 16.69 50.08
N LEU F 50 15.05 15.46 50.34
CA LEU F 50 15.53 15.11 51.67
C LEU F 50 17.03 14.86 51.72
N ALA F 51 17.55 13.98 50.90
CA ALA F 51 18.95 13.59 50.96
C ALA F 51 19.29 12.84 49.67
N HIS F 52 20.58 12.79 49.36
CA HIS F 52 21.05 11.89 48.32
C HIS F 52 22.47 11.48 48.61
N ILE F 53 22.87 10.35 48.03
CA ILE F 53 24.22 9.81 48.14
C ILE F 53 24.78 9.63 46.73
N TRP F 54 26.01 10.10 46.52
CA TRP F 54 26.71 10.02 45.25
C TRP F 54 27.51 8.73 45.14
N TRP F 55 28.04 8.50 43.94
CA TRP F 55 28.78 7.27 43.65
C TRP F 55 30.03 7.12 44.50
N ASP F 56 30.54 8.23 45.03
CA ASP F 56 31.78 8.24 45.82
C ASP F 56 31.50 8.42 47.33
N ASP F 57 30.31 8.03 47.80
CA ASP F 57 29.90 8.03 49.22
C ASP F 57 29.76 9.44 49.80
N ASP F 58 29.80 10.46 48.95
CA ASP F 58 29.48 11.83 49.32
C ASP F 58 27.97 11.94 49.59
N LYS F 59 27.60 12.35 50.81
CA LYS F 59 26.20 12.39 51.26
C LYS F 59 25.77 13.83 51.49
N ARG F 60 24.59 14.20 50.99
CA ARG F 60 24.04 15.54 51.18
C ARG F 60 22.69 15.46 51.86
N TYR F 61 22.38 16.46 52.70
CA TYR F 61 21.18 16.45 53.51
C TYR F 61 20.49 17.81 53.47
N ASN F 62 19.17 17.77 53.60
CA ASN F 62 18.38 18.98 53.69
C ASN F 62 18.44 19.53 55.12
N PRO F 63 18.91 20.76 55.32
CA PRO F 63 19.03 21.29 56.69
C PRO F 63 17.70 21.37 57.43
N ALA F 64 16.58 21.48 56.72
CA ALA F 64 15.29 21.64 57.37
C ALA F 64 14.97 20.46 58.29
N LEU F 65 15.58 19.32 58.05
CA LEU F 65 15.39 18.20 58.95
C LEU F 65 16.65 17.36 59.06
N SER F 67 19.66 17.06 60.23
CA SER F 67 19.97 16.66 61.60
C SER F 67 19.53 15.23 61.92
N ARG F 68 18.29 14.87 61.59
CA ARG F 68 17.82 13.53 61.91
C ARG F 68 17.91 12.55 60.74
N LEU F 69 18.61 12.90 59.67
CA LEU F 69 18.73 12.05 58.48
C LEU F 69 20.06 11.31 58.46
N THR F 70 20.02 10.05 58.02
CA THR F 70 21.22 9.26 57.75
C THR F 70 21.01 8.45 56.48
N ILE F 71 21.76 8.77 55.43
CA ILE F 71 21.71 8.00 54.19
C ILE F 71 22.96 7.11 54.11
N SER F 72 22.80 5.92 53.56
CA SER F 72 23.91 5.01 53.33
C SER F 72 23.62 4.24 52.05
N LYS F 73 24.61 3.46 51.59
CA LYS F 73 24.47 2.72 50.35
C LYS F 73 25.14 1.37 50.49
N ASP F 74 24.67 0.39 49.71
CA ASP F 74 25.25 -0.95 49.64
C ASP F 74 25.37 -1.29 48.15
N THR F 75 26.44 -0.78 47.53
CA THR F 75 26.68 -0.95 46.10
C THR F 75 26.82 -2.40 45.68
N SER F 76 27.19 -3.30 46.60
CA SER F 76 27.24 -4.72 46.27
C SER F 76 25.85 -5.26 45.99
N SER F 77 24.85 -4.83 46.76
CA SER F 77 23.49 -5.34 46.63
C SER F 77 22.53 -4.33 45.99
N ASN F 78 23.05 -3.24 45.42
CA ASN F 78 22.27 -2.22 44.73
C ASN F 78 21.07 -1.76 45.57
N GLN F 79 21.41 -1.10 46.67
CA GLN F 79 20.42 -0.65 47.64
C GLN F 79 20.89 0.62 48.34
N VAL F 80 19.95 1.54 48.57
CA VAL F 80 20.20 2.77 49.31
C VAL F 80 19.22 2.83 50.47
N PHE F 81 19.69 3.34 51.61
CA PHE F 81 18.89 3.38 52.82
C PHE F 81 18.80 4.80 53.34
N LEU F 82 17.67 5.13 53.95
CA LEU F 82 17.46 6.43 54.58
C LEU F 82 16.86 6.19 55.94
N LYS F 83 17.51 6.74 56.99
CA LYS F 83 16.95 6.76 58.33
C LYS F 83 16.48 8.17 58.66
N ILE F 84 15.30 8.27 59.27
CA ILE F 84 14.80 9.54 59.79
C ILE F 84 14.47 9.34 61.26
N ALA F 85 15.20 10.02 62.13
CA ALA F 85 15.04 9.84 63.57
C ALA F 85 13.91 10.71 64.11
N SER F 86 13.23 10.20 65.14
CA SER F 86 12.24 10.96 65.91
C SER F 86 11.12 11.49 65.03
N VAL F 87 10.41 10.57 64.37
CA VAL F 87 9.37 11.01 63.45
C VAL F 87 8.20 11.64 64.20
N ASP F 88 7.57 12.62 63.57
CA ASP F 88 6.34 13.22 64.06
C ASP F 88 5.34 13.25 62.92
N THR F 89 4.16 13.80 63.18
CA THR F 89 3.09 13.69 62.18
C THR F 89 3.42 14.44 60.90
N ALA F 90 4.28 15.46 60.95
CA ALA F 90 4.69 16.13 59.73
C ALA F 90 5.53 15.24 58.81
N ASP F 91 6.00 14.10 59.30
CA ASP F 91 6.76 13.17 58.48
C ASP F 91 5.86 12.17 57.76
N THR F 92 4.56 12.22 57.99
CA THR F 92 3.63 11.43 57.19
C THR F 92 3.67 11.90 55.75
N ALA F 93 3.99 10.99 54.84
CA ALA F 93 4.13 11.39 53.43
C ALA F 93 4.36 10.14 52.61
N THR F 94 4.26 10.30 51.29
CA THR F 94 4.82 9.33 50.37
C THR F 94 6.31 9.65 50.19
N TYR F 95 7.14 8.63 50.30
CA TYR F 95 8.59 8.75 50.13
C TYR F 95 9.00 8.11 48.81
N TYR F 96 9.67 8.89 47.97
CA TYR F 96 10.19 8.45 46.69
C TYR F 96 11.70 8.40 46.73
N CYS F 97 12.28 7.38 46.11
CA CYS F 97 13.69 7.45 45.75
C CYS F 97 13.83 7.66 44.25
N ALA F 98 14.96 8.23 43.87
CA ALA F 98 15.17 8.59 42.49
C ALA F 98 16.62 8.35 42.12
N GLN F 99 16.85 7.92 40.87
CA GLN F 99 18.20 7.90 40.32
C GLN F 99 18.48 9.28 39.75
N ILE F 100 19.52 9.93 40.26
CA ILE F 100 19.81 11.31 39.91
C ILE F 100 21.23 11.40 39.35
N ASN F 101 21.51 12.51 38.72
CA ASN F 101 22.86 12.85 38.28
C ASN F 101 23.08 14.28 38.74
N PRO F 102 24.24 14.91 38.50
CA PRO F 102 24.46 16.23 39.09
C PRO F 102 23.60 17.34 38.53
N ALA F 103 22.75 17.08 37.53
CA ALA F 103 21.98 18.14 36.89
C ALA F 103 20.47 17.97 36.99
N TRP F 104 19.95 16.74 36.99
CA TRP F 104 18.52 16.52 37.13
C TRP F 104 18.27 15.16 37.76
N PHE F 105 17.01 14.93 38.10
CA PHE F 105 16.55 13.64 38.58
C PHE F 105 16.04 12.87 37.37
N ALA F 106 16.58 11.66 37.16
CA ALA F 106 16.37 10.92 35.93
C ALA F 106 15.17 9.99 35.99
N TYR F 107 15.05 9.17 37.05
CA TYR F 107 13.98 8.19 37.17
C TYR F 107 13.54 8.11 38.62
N TRP F 108 12.24 7.89 38.83
CA TRP F 108 11.66 7.89 40.17
C TRP F 108 10.99 6.55 40.47
N GLY F 109 11.07 6.13 41.73
CA GLY F 109 10.31 4.98 42.15
C GLY F 109 8.82 5.29 42.22
N GLN F 110 8.02 4.23 42.40
CA GLN F 110 6.57 4.40 42.61
C GLN F 110 6.23 5.12 43.90
N GLY F 111 7.09 5.05 44.89
CA GLY F 111 6.81 5.64 46.17
C GLY F 111 6.29 4.65 47.19
N THR F 112 6.58 4.91 48.45
CA THR F 112 5.98 4.13 49.52
C THR F 112 5.38 5.10 50.53
N LEU F 113 4.16 4.79 50.99
CA LEU F 113 3.49 5.66 51.94
C LEU F 113 3.95 5.33 53.34
N VAL F 114 4.22 6.37 54.14
CA VAL F 114 4.62 6.22 55.52
C VAL F 114 3.66 7.04 56.38
N THR F 115 2.93 6.37 57.28
CA THR F 115 2.00 7.04 58.17
C THR F 115 2.57 7.02 59.59
N VAL F 116 2.70 8.19 60.19
CA VAL F 116 3.23 8.33 61.54
C VAL F 116 2.02 8.47 62.47
N SER F 117 1.70 7.39 63.18
CA SER F 117 0.51 7.35 64.00
C SER F 117 0.65 6.24 65.03
N ALA F 118 0.05 6.46 66.20
CA ALA F 118 -0.06 5.40 67.19
C ALA F 118 -1.36 4.61 67.06
N ALA F 119 -2.26 4.98 66.14
CA ALA F 119 -3.50 4.26 65.94
C ALA F 119 -3.22 2.81 65.55
N LYS F 120 -4.21 1.95 65.81
CA LYS F 120 -4.07 0.52 65.56
C LYS F 120 -4.21 0.20 64.08
N THR F 121 -3.37 -0.72 63.62
CA THR F 121 -3.50 -1.29 62.28
C THR F 121 -4.71 -2.22 62.24
N THR F 122 -5.61 -1.98 61.29
CA THR F 122 -6.90 -2.66 61.21
C THR F 122 -7.14 -3.10 59.77
N PRO F 123 -7.47 -4.37 59.54
CA PRO F 123 -7.78 -4.81 58.17
C PRO F 123 -9.14 -4.30 57.73
N PRO F 124 -9.37 -4.14 56.42
CA PRO F 124 -10.69 -3.71 55.98
C PRO F 124 -11.71 -4.84 56.04
N SER F 125 -12.97 -4.43 56.22
CA SER F 125 -14.12 -5.25 55.88
C SER F 125 -14.54 -4.90 54.45
N VAL F 126 -14.88 -5.90 53.66
CA VAL F 126 -15.21 -5.68 52.26
C VAL F 126 -16.62 -6.19 51.99
N TYR F 127 -17.49 -5.32 51.48
CA TYR F 127 -18.89 -5.61 51.25
C TYR F 127 -19.27 -5.40 49.79
N PRO F 128 -20.01 -6.32 49.20
CA PRO F 128 -20.43 -6.15 47.80
C PRO F 128 -21.55 -5.14 47.68
N LEU F 129 -21.50 -4.35 46.62
CA LEU F 129 -22.59 -3.45 46.25
C LEU F 129 -23.22 -4.03 44.99
N ALA F 130 -24.40 -4.64 45.14
CA ALA F 130 -25.06 -5.26 44.02
C ALA F 130 -26.36 -4.53 43.71
N PRO F 131 -26.71 -4.39 42.43
CA PRO F 131 -27.87 -3.58 42.06
C PRO F 131 -29.20 -4.24 42.40
N GLY F 132 -30.30 -3.59 42.03
CA GLY F 132 -31.62 -4.11 42.27
C GLY F 132 -32.20 -4.83 41.07
N SER F 133 -33.42 -5.33 41.25
CA SER F 133 -34.17 -5.85 40.12
C SER F 133 -34.37 -4.75 39.08
N ALA F 134 -34.87 -3.59 39.52
CA ALA F 134 -35.17 -2.49 38.61
C ALA F 134 -33.98 -2.14 37.73
N ALA F 135 -32.82 -1.88 38.35
CA ALA F 135 -31.64 -1.41 37.62
C ALA F 135 -31.13 -2.42 36.60
N GLN F 136 -31.61 -3.66 36.62
CA GLN F 136 -31.17 -4.67 35.66
C GLN F 136 -31.90 -4.58 34.32
N THR F 137 -33.05 -3.89 34.27
CA THR F 137 -33.78 -3.67 33.02
C THR F 137 -33.12 -2.63 32.13
N ASN F 138 -31.91 -2.19 32.47
CA ASN F 138 -31.11 -1.28 31.67
C ASN F 138 -30.06 -2.05 30.89
N SER F 139 -29.49 -1.40 29.86
CA SER F 139 -28.49 -2.05 29.02
C SER F 139 -27.17 -2.21 29.76
N MET F 140 -26.83 -1.27 30.63
CA MET F 140 -25.62 -1.32 31.42
C MET F 140 -25.99 -1.44 32.88
N VAL F 141 -25.11 -2.07 33.67
CA VAL F 141 -25.30 -2.24 35.09
C VAL F 141 -24.01 -1.87 35.82
N THR F 142 -24.14 -1.18 36.93
CA THR F 142 -22.98 -0.79 37.73
C THR F 142 -22.94 -1.60 39.02
N LEU F 143 -21.80 -2.20 39.30
CA LEU F 143 -21.55 -2.95 40.52
C LEU F 143 -20.51 -2.23 41.37
N GLY F 144 -20.42 -2.64 42.63
CA GLY F 144 -19.59 -1.88 43.54
C GLY F 144 -18.99 -2.75 44.62
N CYS F 145 -18.04 -2.15 45.31
CA CYS F 145 -17.27 -2.81 46.35
C CYS F 145 -16.98 -1.73 47.40
N LEU F 146 -17.43 -1.96 48.62
CA LEU F 146 -17.22 -1.03 49.72
C LEU F 146 -16.17 -1.62 50.67
N VAL F 147 -15.07 -0.89 50.89
CA VAL F 147 -14.01 -1.37 51.79
C VAL F 147 -13.90 -0.38 52.95
N LYS F 148 -14.23 -0.85 54.15
CA LYS F 148 -14.53 0.02 55.29
C LYS F 148 -13.77 -0.41 56.54
N GLY F 149 -13.33 0.58 57.31
CA GLY F 149 -12.79 0.31 58.62
C GLY F 149 -11.35 -0.15 58.66
N TYR F 150 -10.50 0.34 57.76
CA TYR F 150 -9.10 -0.07 57.75
C TYR F 150 -8.17 1.06 58.15
N PHE F 151 -6.94 0.70 58.53
CA PHE F 151 -5.89 1.66 58.86
C PHE F 151 -4.56 0.94 58.91
N PRO F 152 -3.47 1.56 58.41
CA PRO F 152 -3.41 2.83 57.68
C PRO F 152 -3.66 2.61 56.19
N GLU F 153 -3.58 3.67 55.39
CA GLU F 153 -3.48 3.56 53.94
C GLU F 153 -2.15 2.90 53.58
N PRO F 154 -2.05 2.33 52.37
CA PRO F 154 -3.06 2.18 51.33
C PRO F 154 -3.79 0.84 51.33
N VAL F 155 -4.80 0.76 50.48
CA VAL F 155 -5.44 -0.47 50.05
C VAL F 155 -5.32 -0.50 48.53
N THR F 156 -5.25 -1.70 47.95
CA THR F 156 -5.29 -1.86 46.49
C THR F 156 -6.51 -2.66 46.09
N VAL F 157 -7.36 -2.07 45.24
CA VAL F 157 -8.62 -2.67 44.78
C VAL F 157 -8.48 -3.01 43.30
N THR F 158 -8.84 -4.24 42.94
CA THR F 158 -8.92 -4.59 41.52
C THR F 158 -10.23 -5.31 41.27
N TRP F 159 -10.53 -5.49 39.98
CA TRP F 159 -11.67 -6.24 39.52
C TRP F 159 -11.18 -7.38 38.65
N ASN F 160 -11.64 -8.59 38.96
CA ASN F 160 -11.18 -9.82 38.33
C ASN F 160 -9.65 -9.86 38.22
N SER F 161 -8.99 -9.59 39.35
CA SER F 161 -7.53 -9.60 39.48
C SER F 161 -6.84 -8.65 38.48
N GLY F 162 -7.47 -7.55 38.14
CA GLY F 162 -6.88 -6.56 37.26
C GLY F 162 -7.33 -6.67 35.82
N SER F 163 -7.98 -7.76 35.44
CA SER F 163 -8.34 -7.96 34.06
C SER F 163 -9.61 -7.22 33.67
N LEU F 164 -10.42 -6.83 34.66
CA LEU F 164 -11.55 -5.95 34.44
C LEU F 164 -11.11 -4.54 34.85
N SER F 165 -10.89 -3.67 33.87
CA SER F 165 -10.24 -2.40 34.17
C SER F 165 -10.94 -1.20 33.53
N SER F 166 -11.47 -1.37 32.32
CA SER F 166 -12.34 -0.36 31.74
C SER F 166 -13.59 -0.21 32.60
N GLY F 167 -14.05 1.05 32.75
CA GLY F 167 -15.27 1.35 33.48
C GLY F 167 -15.16 1.23 34.97
N VAL F 168 -13.94 1.22 35.51
CA VAL F 168 -13.68 1.12 36.95
C VAL F 168 -13.44 2.52 37.46
N HIS F 169 -14.03 2.83 38.61
CA HIS F 169 -13.72 4.04 39.37
C HIS F 169 -13.46 3.63 40.80
N THR F 170 -12.22 3.78 41.27
CA THR F 170 -11.90 3.53 42.67
C THR F 170 -11.68 4.88 43.34
N PHE F 171 -12.45 5.15 44.36
CA PHE F 171 -12.46 6.51 44.86
C PHE F 171 -11.45 6.67 46.00
N PRO F 172 -10.92 7.89 46.16
CA PRO F 172 -10.04 8.18 47.30
C PRO F 172 -10.72 7.85 48.63
N ALA F 173 -9.91 7.40 49.60
CA ALA F 173 -10.43 6.99 50.89
C ALA F 173 -10.75 8.21 51.75
N VAL F 174 -11.63 8.00 52.73
CA VAL F 174 -12.02 9.05 53.66
C VAL F 174 -11.68 8.60 55.07
N LEU F 175 -11.01 9.46 55.82
CA LEU F 175 -10.48 9.13 57.15
C LEU F 175 -11.42 9.66 58.23
N GLN F 176 -11.90 8.75 59.09
CA GLN F 176 -12.79 9.13 60.18
C GLN F 176 -12.53 8.24 61.38
N SER F 177 -12.23 8.87 62.52
CA SER F 177 -11.99 8.16 63.78
C SER F 177 -10.90 7.11 63.62
N ASP F 178 -9.83 7.53 62.95
CA ASP F 178 -8.65 6.70 62.71
C ASP F 178 -8.98 5.45 61.89
N LEU F 179 -10.05 5.52 61.09
CA LEU F 179 -10.39 4.46 60.16
C LEU F 179 -10.75 5.04 58.79
N TYR F 180 -10.26 4.39 57.74
CA TYR F 180 -10.49 4.80 56.35
C TYR F 180 -11.62 3.97 55.75
N THR F 181 -12.35 4.60 54.83
CA THR F 181 -13.34 3.91 54.03
C THR F 181 -13.20 4.39 52.60
N LEU F 182 -13.23 3.46 51.65
CA LEU F 182 -13.36 3.82 50.24
C LEU F 182 -14.35 2.88 49.56
N SER F 183 -14.67 3.19 48.31
CA SER F 183 -15.52 2.36 47.50
C SER F 183 -14.97 2.34 46.09
N SER F 184 -15.33 1.31 45.33
CA SER F 184 -14.98 1.24 43.92
C SER F 184 -16.21 0.79 43.14
N SER F 185 -16.45 1.40 41.99
CA SER F 185 -17.52 0.94 41.12
C SER F 185 -16.94 0.38 39.82
N VAL F 186 -17.67 -0.55 39.24
CA VAL F 186 -17.35 -1.07 37.92
C VAL F 186 -18.63 -1.17 37.12
N THR F 187 -18.57 -0.79 35.84
CA THR F 187 -19.72 -0.85 34.96
C THR F 187 -19.43 -1.80 33.80
N VAL F 188 -20.33 -2.76 33.62
CA VAL F 188 -20.24 -3.77 32.58
C VAL F 188 -21.57 -3.82 31.85
N PRO F 189 -21.61 -4.45 30.67
CA PRO F 189 -22.91 -4.62 30.00
C PRO F 189 -23.78 -5.64 30.72
N SER F 190 -25.07 -5.35 30.77
CA SER F 190 -26.01 -6.14 31.57
C SER F 190 -26.16 -7.57 31.03
N SER F 191 -25.45 -7.88 29.95
CA SER F 191 -25.42 -9.22 29.38
C SER F 191 -24.19 -10.02 29.80
N THR F 192 -23.28 -9.42 30.57
CA THR F 192 -22.14 -10.12 31.14
C THR F 192 -22.19 -10.19 32.66
N TRP F 193 -23.34 -9.86 33.26
CA TRP F 193 -23.56 -10.03 34.68
C TRP F 193 -25.07 -10.22 34.85
N PRO F 194 -25.49 -11.16 35.71
CA PRO F 194 -24.69 -12.10 36.50
C PRO F 194 -24.08 -13.20 35.67
N SER F 195 -24.40 -13.19 34.37
CA SER F 195 -23.89 -14.18 33.42
C SER F 195 -22.42 -14.53 33.66
N GLU F 196 -21.58 -13.51 33.88
CA GLU F 196 -20.16 -13.72 34.15
C GLU F 196 -19.82 -13.30 35.58
N THR F 197 -18.73 -13.88 36.09
CA THR F 197 -18.26 -13.55 37.43
C THR F 197 -17.62 -12.18 37.44
N VAL F 198 -17.95 -11.40 38.47
CA VAL F 198 -17.32 -10.11 38.74
C VAL F 198 -16.93 -10.11 40.21
N THR F 199 -15.64 -9.96 40.49
CA THR F 199 -15.12 -10.05 41.85
C THR F 199 -14.16 -8.90 42.11
N CYS F 200 -14.36 -8.19 43.22
CA CYS F 200 -13.36 -7.21 43.63
C CYS F 200 -12.35 -7.86 44.56
N ASN F 201 -11.09 -7.52 44.34
CA ASN F 201 -9.99 -8.06 45.12
C ASN F 201 -9.38 -6.91 45.89
N VAL F 202 -9.26 -7.07 47.21
CA VAL F 202 -8.87 -5.97 48.07
C VAL F 202 -7.64 -6.40 48.84
N ALA F 203 -6.55 -5.69 48.64
CA ALA F 203 -5.30 -5.97 49.33
C ALA F 203 -4.98 -4.83 50.28
N HIS F 204 -4.52 -5.17 51.48
CA HIS F 204 -4.16 -4.21 52.51
C HIS F 204 -2.80 -4.65 53.05
N PRO F 205 -1.70 -4.14 52.49
CA PRO F 205 -0.38 -4.62 52.92
C PRO F 205 -0.15 -4.56 54.42
N ALA F 206 -0.53 -3.46 55.08
CA ALA F 206 -0.21 -3.26 56.49
C ALA F 206 -0.81 -4.33 57.41
N SER F 207 -1.83 -5.05 56.97
CA SER F 207 -2.37 -6.16 57.75
C SER F 207 -2.25 -7.48 57.03
N SER F 208 -1.45 -7.52 55.95
CA SER F 208 -1.22 -8.72 55.15
C SER F 208 -2.52 -9.40 54.74
N THR F 209 -3.55 -8.60 54.46
CA THR F 209 -4.83 -9.16 54.07
C THR F 209 -5.02 -9.00 52.56
N LYS F 210 -5.58 -10.03 51.95
CA LYS F 210 -5.96 -10.02 50.54
C LYS F 210 -7.26 -10.79 50.47
N VAL F 211 -8.37 -10.11 50.15
CA VAL F 211 -9.68 -10.74 50.18
C VAL F 211 -10.40 -10.49 48.86
N ASP F 212 -11.22 -11.45 48.47
CA ASP F 212 -12.06 -11.38 47.29
C ASP F 212 -13.53 -11.33 47.71
N LYS F 213 -14.33 -10.61 46.95
CA LYS F 213 -15.79 -10.62 47.16
C LYS F 213 -16.46 -10.67 45.80
N LYS F 214 -17.09 -11.80 45.49
CA LYS F 214 -17.88 -11.91 44.28
C LYS F 214 -19.18 -11.13 44.43
N ILE F 215 -19.57 -10.40 43.39
CA ILE F 215 -20.82 -9.65 43.38
C ILE F 215 -21.93 -10.57 42.86
N VAL F 216 -22.99 -10.72 43.64
CA VAL F 216 -24.10 -11.61 43.30
C VAL F 216 -25.42 -10.85 43.50
N PRO F 217 -26.50 -11.21 42.77
CA PRO F 217 -27.80 -10.55 42.96
C PRO F 217 -28.29 -10.50 44.41
N ARG F 218 -29.17 -9.55 44.70
CA ARG F 218 -29.72 -9.39 46.04
C ARG F 218 -30.92 -10.31 46.26
N ALA G 1 -43.53 -2.50 -10.64
CA ALA G 1 -42.69 -3.27 -11.57
C ALA G 1 -41.37 -2.52 -11.82
N ILE G 2 -40.28 -3.27 -11.99
CA ILE G 2 -38.97 -2.66 -12.32
C ILE G 2 -39.02 -2.31 -13.80
N VAL G 3 -38.84 -1.03 -14.12
CA VAL G 3 -38.93 -0.59 -15.53
C VAL G 3 -37.55 -0.64 -16.20
N LEU G 4 -37.41 -1.47 -17.23
CA LEU G 4 -36.17 -1.50 -18.05
C LEU G 4 -36.38 -0.62 -19.29
N THR G 5 -35.61 0.48 -19.40
CA THR G 5 -35.72 1.36 -20.54
C THR G 5 -34.41 1.29 -21.32
N GLN G 6 -34.48 0.76 -22.53
CA GLN G 6 -33.31 0.57 -23.38
C GLN G 6 -33.05 1.80 -24.23
N SER G 7 -31.77 2.11 -24.41
CA SER G 7 -31.26 3.14 -25.30
C SER G 7 -30.17 2.53 -26.16
N PRO G 8 -30.16 2.81 -27.48
CA PRO G 8 -31.15 3.57 -28.25
C PRO G 8 -32.17 2.62 -28.84
N ALA G 9 -33.29 3.12 -29.37
CA ALA G 9 -34.31 2.22 -29.89
C ALA G 9 -33.84 1.50 -31.15
N SER G 10 -32.91 2.11 -31.90
CA SER G 10 -32.40 1.52 -33.13
C SER G 10 -30.97 2.02 -33.35
N LEU G 11 -30.17 1.21 -34.04
CA LEU G 11 -28.74 1.43 -34.19
C LEU G 11 -28.32 0.89 -35.55
N ALA G 12 -27.60 1.70 -36.33
CA ALA G 12 -26.93 1.23 -37.52
C ALA G 12 -25.42 1.27 -37.26
N VAL G 13 -24.73 0.18 -37.58
CA VAL G 13 -23.32 0.02 -37.26
C VAL G 13 -22.60 -0.54 -38.47
N SER G 14 -21.36 -0.13 -38.68
CA SER G 14 -20.55 -0.70 -39.74
C SER G 14 -19.92 -2.01 -39.30
N LEU G 15 -19.67 -2.88 -40.28
CA LEU G 15 -19.05 -4.17 -40.05
C LEU G 15 -17.72 -4.00 -39.33
N GLY G 16 -17.54 -4.77 -38.25
CA GLY G 16 -16.33 -4.74 -37.45
C GLY G 16 -16.32 -3.69 -36.36
N GLN G 17 -17.26 -2.77 -36.37
CA GLN G 17 -17.32 -1.75 -35.35
C GLN G 17 -18.00 -2.33 -34.11
N ARG G 18 -18.13 -1.50 -33.08
CA ARG G 18 -18.74 -1.91 -31.82
C ARG G 18 -20.15 -1.35 -31.73
N ALA G 19 -21.10 -2.19 -31.35
CA ALA G 19 -22.44 -1.75 -31.01
C ALA G 19 -22.56 -1.76 -29.49
N THR G 20 -23.08 -0.67 -28.92
CA THR G 20 -23.24 -0.54 -27.48
C THR G 20 -24.70 -0.24 -27.21
N ILE G 21 -25.33 -1.10 -26.42
CA ILE G 21 -26.76 -1.02 -26.15
C ILE G 21 -26.92 -0.92 -24.65
N SER G 22 -27.74 0.02 -24.20
CA SER G 22 -27.84 0.38 -22.80
C SER G 22 -29.18 -0.08 -22.24
N CYS G 23 -29.18 -0.48 -20.97
CA CYS G 23 -30.43 -0.77 -20.28
C CYS G 23 -30.35 -0.16 -18.89
N LYS G 24 -31.27 0.75 -18.60
CA LYS G 24 -31.31 1.47 -17.34
C LYS G 24 -32.53 1.04 -16.56
N ALA G 25 -32.30 0.53 -15.36
CA ALA G 25 -33.35 -0.03 -14.51
C ALA G 25 -33.87 1.01 -13.53
N SER G 26 -35.19 1.15 -13.47
CA SER G 26 -35.81 2.16 -12.62
C SER G 26 -35.44 2.00 -11.14
N GLN G 27 -35.20 0.79 -10.67
CA GLN G 27 -34.83 0.54 -9.28
C GLN G 27 -33.46 -0.13 -9.22
N SER G 28 -32.72 0.15 -8.15
CA SER G 28 -31.32 -0.25 -8.06
C SER G 28 -31.19 -1.72 -7.66
N VAL G 29 -29.95 -2.21 -7.64
CA VAL G 29 -29.64 -3.60 -7.32
C VAL G 29 -28.34 -3.65 -6.54
N ASP G 30 -28.26 -4.57 -5.57
CA ASP G 30 -27.06 -4.75 -4.76
C ASP G 30 -27.05 -6.15 -4.13
N GLY G 33 -24.64 -9.75 -4.78
CA GLY G 33 -23.92 -10.08 -6.00
C GLY G 33 -24.60 -9.59 -7.26
N ASP G 34 -24.11 -10.06 -8.41
CA ASP G 34 -24.59 -9.55 -9.69
C ASP G 34 -26.11 -9.64 -9.83
N SER G 35 -26.68 -8.55 -10.34
CA SER G 35 -28.09 -8.47 -10.64
C SER G 35 -28.49 -9.57 -11.63
N PHE G 36 -29.76 -9.99 -11.57
CA PHE G 36 -30.31 -10.96 -12.51
C PHE G 36 -30.75 -10.26 -13.81
N MET G 37 -29.77 -9.68 -14.50
CA MET G 37 -30.00 -8.95 -15.75
C MET G 37 -29.51 -9.76 -16.94
N ASN G 38 -30.41 -10.05 -17.87
CA ASN G 38 -30.12 -10.96 -18.95
C ASN G 38 -30.36 -10.27 -20.28
N TRP G 39 -29.62 -10.71 -21.30
CA TRP G 39 -29.72 -10.17 -22.65
C TRP G 39 -30.05 -11.29 -23.61
N TYR G 40 -30.98 -10.99 -24.53
CA TYR G 40 -31.44 -11.93 -25.55
C TYR G 40 -31.31 -11.29 -26.92
N GLN G 41 -31.05 -12.12 -27.92
CA GLN G 41 -31.05 -11.71 -29.33
C GLN G 41 -32.26 -12.32 -30.01
N GLN G 42 -33.05 -11.51 -30.71
CA GLN G 42 -34.15 -12.06 -31.48
C GLN G 42 -33.98 -11.67 -32.95
N LYS G 43 -33.70 -12.63 -33.77
CA LYS G 43 -33.72 -12.42 -35.21
C LYS G 43 -35.16 -12.53 -35.70
N PRO G 44 -35.48 -11.84 -36.79
CA PRO G 44 -36.86 -11.87 -37.32
C PRO G 44 -37.32 -13.30 -37.60
N GLY G 45 -38.57 -13.58 -37.25
CA GLY G 45 -39.12 -14.91 -37.42
C GLY G 45 -38.70 -15.92 -36.37
N GLN G 46 -37.84 -15.56 -35.43
CA GLN G 46 -37.32 -16.55 -34.49
C GLN G 46 -37.66 -16.17 -33.05
N PRO G 47 -37.54 -17.10 -32.10
CA PRO G 47 -37.65 -16.72 -30.69
C PRO G 47 -36.44 -15.93 -30.23
N PRO G 48 -36.52 -15.28 -29.08
CA PRO G 48 -35.29 -14.77 -28.47
C PRO G 48 -34.40 -15.93 -28.06
N LYS G 49 -33.11 -15.63 -28.02
CA LYS G 49 -32.06 -16.57 -27.65
C LYS G 49 -31.17 -15.88 -26.64
N LEU G 50 -30.87 -16.59 -25.56
CA LEU G 50 -30.07 -16.01 -24.50
C LEU G 50 -28.64 -15.72 -24.97
N LEU G 51 -28.17 -14.51 -24.70
CA LEU G 51 -26.78 -14.14 -24.95
C LEU G 51 -25.97 -14.08 -23.67
N ILE G 52 -26.49 -13.34 -22.69
CA ILE G 52 -25.78 -12.98 -21.48
C ILE G 52 -26.74 -13.25 -20.32
N TYR G 53 -26.24 -13.91 -19.27
CA TYR G 53 -27.04 -14.13 -18.07
C TYR G 53 -26.34 -13.55 -16.86
N THR G 54 -27.16 -13.07 -15.90
CA THR G 54 -26.74 -12.45 -14.64
C THR G 54 -25.65 -11.39 -14.86
N THR G 55 -26.05 -10.35 -15.58
CA THR G 55 -25.30 -9.13 -15.85
C THR G 55 -24.18 -9.34 -16.86
N SER G 56 -23.47 -10.46 -16.73
CA SER G 56 -22.10 -10.53 -17.19
C SER G 56 -21.71 -11.84 -17.88
N ASN G 57 -22.41 -12.94 -17.65
CA ASN G 57 -21.89 -14.25 -18.03
C ASN G 57 -22.31 -14.65 -19.44
N LEU G 58 -21.32 -15.03 -20.24
CA LEU G 58 -21.53 -15.36 -21.63
C LEU G 58 -22.05 -16.78 -21.75
N GLU G 59 -23.20 -16.93 -22.41
CA GLU G 59 -23.85 -18.22 -22.56
C GLU G 59 -23.04 -19.10 -23.52
N SER G 60 -23.02 -20.40 -23.24
CA SER G 60 -22.19 -21.28 -24.03
C SER G 60 -22.69 -21.34 -25.47
N GLY G 61 -21.74 -21.33 -26.43
CA GLY G 61 -22.07 -21.32 -27.84
C GLY G 61 -22.21 -19.94 -28.44
N ILE G 62 -22.18 -18.89 -27.63
CA ILE G 62 -22.27 -17.51 -28.08
C ILE G 62 -20.85 -16.97 -28.24
N PRO G 63 -20.53 -16.28 -29.34
CA PRO G 63 -19.16 -15.78 -29.51
C PRO G 63 -18.78 -14.75 -28.45
N ALA G 64 -17.52 -14.81 -28.02
CA ALA G 64 -16.99 -13.86 -27.05
C ALA G 64 -16.97 -12.41 -27.52
N ARG G 65 -17.29 -12.14 -28.79
CA ARG G 65 -17.47 -10.75 -29.17
C ARG G 65 -18.74 -10.14 -28.54
N PHE G 66 -19.58 -10.95 -27.89
CA PHE G 66 -20.68 -10.44 -27.06
C PHE G 66 -20.23 -10.35 -25.61
N SER G 67 -20.46 -9.20 -24.99
CA SER G 67 -20.07 -9.02 -23.60
C SER G 67 -21.01 -8.02 -22.96
N ALA G 68 -21.12 -8.07 -21.63
CA ALA G 68 -22.02 -7.16 -20.96
C ALA G 68 -21.49 -6.83 -19.58
N SER G 69 -21.91 -5.68 -19.08
CA SER G 69 -21.50 -5.24 -17.75
C SER G 69 -22.66 -4.49 -17.11
N GLY G 70 -22.57 -4.32 -15.78
CA GLY G 70 -23.54 -3.51 -15.08
C GLY G 70 -22.90 -2.72 -13.95
N SER G 71 -23.71 -1.87 -13.34
CA SER G 71 -23.28 -1.02 -12.25
C SER G 71 -24.48 -0.49 -11.47
N GLY G 72 -25.59 -1.23 -11.51
CA GLY G 72 -26.80 -0.82 -10.81
C GLY G 72 -27.55 0.26 -11.56
N THR G 73 -28.78 -0.05 -11.98
CA THR G 73 -29.59 0.77 -12.87
C THR G 73 -28.89 1.14 -14.17
N ASP G 74 -27.69 0.60 -14.42
CA ASP G 74 -26.87 0.98 -15.59
C ASP G 74 -26.20 -0.28 -16.15
N PHE G 75 -26.82 -0.89 -17.15
CA PHE G 75 -26.32 -2.12 -17.75
C PHE G 75 -26.13 -1.89 -19.25
N THR G 76 -25.17 -2.57 -19.83
CA THR G 76 -24.91 -2.34 -21.25
C THR G 76 -24.35 -3.61 -21.88
N LEU G 77 -24.83 -3.87 -23.09
CA LEU G 77 -24.40 -4.98 -23.93
C LEU G 77 -23.48 -4.41 -25.00
N ASN G 78 -22.32 -5.04 -25.20
CA ASN G 78 -21.38 -4.67 -26.25
C ASN G 78 -21.24 -5.82 -27.21
N ILE G 79 -21.16 -5.48 -28.50
CA ILE G 79 -20.90 -6.42 -29.59
C ILE G 79 -19.71 -5.86 -30.36
N HIS G 80 -18.62 -6.60 -30.40
CA HIS G 80 -17.43 -6.05 -31.09
C HIS G 80 -16.47 -7.18 -31.41
N PRO G 81 -16.23 -7.48 -32.69
CA PRO G 81 -16.76 -6.82 -33.89
C PRO G 81 -18.23 -7.17 -34.16
N VAL G 82 -18.98 -6.31 -34.82
CA VAL G 82 -20.30 -6.64 -35.33
C VAL G 82 -20.15 -7.29 -36.72
N GLU G 83 -20.93 -8.35 -36.94
CA GLU G 83 -20.95 -9.11 -38.19
C GLU G 83 -22.31 -8.95 -38.88
N GLU G 84 -22.38 -9.35 -40.14
CA GLU G 84 -23.64 -9.28 -40.90
C GLU G 84 -24.79 -9.94 -40.13
N GLU G 85 -24.51 -11.11 -39.54
CA GLU G 85 -25.59 -11.91 -38.96
C GLU G 85 -26.12 -11.36 -37.64
N ASP G 86 -25.60 -10.23 -37.17
CA ASP G 86 -26.09 -9.62 -35.93
C ASP G 86 -27.30 -8.73 -36.14
N THR G 87 -27.76 -8.55 -37.38
CA THR G 87 -28.94 -7.74 -37.57
C THR G 87 -30.12 -8.43 -36.89
N ALA G 88 -30.75 -7.73 -35.96
CA ALA G 88 -31.65 -8.35 -34.98
C ALA G 88 -32.14 -7.30 -34.00
N THR G 89 -33.07 -7.68 -33.11
CA THR G 89 -33.45 -6.85 -31.98
C THR G 89 -32.94 -7.49 -30.71
N TYR G 90 -32.39 -6.66 -29.82
CA TYR G 90 -31.75 -7.11 -28.60
C TYR G 90 -32.60 -6.63 -27.44
N TYR G 91 -32.79 -7.48 -26.43
CA TYR G 91 -33.63 -7.18 -25.28
C TYR G 91 -32.85 -7.45 -24.01
N CYS G 92 -32.88 -6.49 -23.08
CA CYS G 92 -32.54 -6.79 -21.69
C CYS G 92 -33.78 -7.33 -20.97
N GLN G 93 -33.55 -7.94 -19.81
CA GLN G 93 -34.64 -8.57 -19.07
C GLN G 93 -34.16 -8.79 -17.64
N GLN G 94 -35.06 -8.64 -16.66
CA GLN G 94 -34.69 -8.80 -15.27
C GLN G 94 -35.51 -9.90 -14.59
N SER G 95 -34.83 -10.71 -13.80
CA SER G 95 -35.46 -11.75 -13.00
C SER G 95 -35.28 -11.46 -11.51
N ASN G 96 -34.95 -10.22 -11.17
CA ASN G 96 -34.76 -9.82 -9.78
C ASN G 96 -36.06 -9.82 -9.00
N GLU G 97 -37.17 -9.47 -9.63
CA GLU G 97 -38.42 -9.32 -8.90
C GLU G 97 -39.60 -9.67 -9.79
N ASP G 98 -40.70 -10.16 -9.17
CA ASP G 98 -41.97 -10.26 -9.87
C ASP G 98 -42.57 -8.86 -10.05
N PRO G 99 -43.15 -8.54 -11.21
CA PRO G 99 -43.26 -9.36 -12.43
C PRO G 99 -41.98 -9.26 -13.23
N TYR G 100 -41.46 -10.35 -13.78
CA TYR G 100 -40.33 -10.25 -14.68
C TYR G 100 -40.65 -9.28 -15.81
N THR G 101 -39.68 -8.48 -16.20
CA THR G 101 -39.91 -7.47 -17.22
C THR G 101 -38.75 -7.42 -18.19
N PHE G 102 -39.07 -6.96 -19.38
CA PHE G 102 -38.13 -6.79 -20.47
C PHE G 102 -37.97 -5.31 -20.78
N GLY G 103 -36.77 -4.93 -21.22
CA GLY G 103 -36.61 -3.66 -21.89
C GLY G 103 -37.36 -3.63 -23.21
N GLY G 104 -37.51 -2.42 -23.76
CA GLY G 104 -38.28 -2.22 -24.97
C GLY G 104 -37.62 -2.69 -26.25
N GLY G 105 -36.33 -3.00 -26.23
CA GLY G 105 -35.79 -3.55 -27.46
C GLY G 105 -34.95 -2.53 -28.21
N THR G 106 -33.85 -3.00 -28.78
CA THR G 106 -32.96 -2.18 -29.61
C THR G 106 -32.79 -2.88 -30.95
N LYS G 107 -33.23 -2.23 -32.02
CA LYS G 107 -33.12 -2.81 -33.37
C LYS G 107 -31.76 -2.45 -33.98
N LEU G 108 -30.93 -3.45 -34.24
CA LEU G 108 -29.59 -3.25 -34.77
C LEU G 108 -29.61 -3.58 -36.26
N GLU G 109 -29.23 -2.62 -37.09
CA GLU G 109 -29.09 -2.87 -38.51
C GLU G 109 -27.65 -2.61 -38.96
N LEU G 110 -27.24 -3.34 -39.98
CA LEU G 110 -25.90 -3.32 -40.52
C LEU G 110 -25.81 -2.37 -41.72
N LYS G 111 -24.65 -1.75 -41.88
CA LYS G 111 -24.37 -0.95 -43.07
C LYS G 111 -23.61 -1.80 -44.09
N ARG G 112 -23.73 -1.37 -45.34
CA ARG G 112 -22.99 -1.99 -46.43
C ARG G 112 -22.91 -0.98 -47.56
N ALA G 113 -22.34 -1.40 -48.67
CA ALA G 113 -22.26 -0.56 -49.85
C ALA G 113 -23.62 -0.41 -50.49
N ASP G 114 -23.92 0.80 -50.96
CA ASP G 114 -25.14 1.02 -51.73
C ASP G 114 -25.29 -0.04 -52.81
N ALA G 115 -26.52 -0.50 -53.01
CA ALA G 115 -26.85 -1.47 -54.04
C ALA G 115 -28.18 -1.07 -54.67
N ALA G 116 -28.20 -1.01 -56.00
CA ALA G 116 -29.44 -0.63 -56.66
C ALA G 116 -30.42 -1.80 -56.64
N PRO G 117 -31.73 -1.50 -56.68
CA PRO G 117 -32.73 -2.58 -56.74
C PRO G 117 -32.75 -3.26 -58.10
N THR G 118 -33.02 -4.55 -58.08
CA THR G 118 -33.32 -5.30 -59.31
C THR G 118 -34.84 -5.37 -59.43
N VAL G 119 -35.38 -4.59 -60.37
CA VAL G 119 -36.82 -4.33 -60.45
C VAL G 119 -37.47 -5.28 -61.45
N SER G 120 -38.63 -5.81 -61.06
CA SER G 120 -39.41 -6.71 -61.90
C SER G 120 -40.89 -6.38 -61.75
N ILE G 121 -41.61 -6.38 -62.88
CA ILE G 121 -43.04 -6.09 -62.91
C ILE G 121 -43.78 -7.29 -63.48
N PHE G 122 -44.99 -7.55 -62.98
CA PHE G 122 -45.75 -8.69 -63.42
C PHE G 122 -47.20 -8.28 -63.62
N PRO G 123 -47.83 -8.71 -64.71
CA PRO G 123 -49.25 -8.39 -64.91
C PRO G 123 -50.14 -9.22 -64.01
N PRO G 124 -51.39 -8.82 -63.81
CA PRO G 124 -52.33 -9.69 -63.11
C PRO G 124 -52.49 -11.01 -63.85
N SER G 125 -52.64 -12.08 -63.08
CA SER G 125 -52.72 -13.42 -63.62
C SER G 125 -54.02 -13.63 -64.41
N SER G 126 -53.98 -14.62 -65.30
CA SER G 126 -55.22 -15.08 -65.92
C SER G 126 -56.18 -15.62 -64.88
N GLU G 127 -55.67 -16.39 -63.90
CA GLU G 127 -56.51 -16.94 -62.85
C GLU G 127 -57.19 -15.82 -62.05
N GLN G 128 -56.41 -14.84 -61.60
CA GLN G 128 -57.01 -13.74 -60.85
C GLN G 128 -58.03 -12.98 -61.69
N LEU G 129 -57.71 -12.73 -62.97
CA LEU G 129 -58.56 -11.87 -63.80
C LEU G 129 -59.96 -12.47 -63.97
N THR G 130 -60.03 -13.76 -64.27
CA THR G 130 -61.32 -14.40 -64.48
C THR G 130 -62.18 -14.42 -63.21
N SER G 131 -61.58 -14.28 -62.03
CA SER G 131 -62.35 -14.24 -60.79
C SER G 131 -62.72 -12.82 -60.37
N GLY G 132 -62.47 -11.82 -61.21
CA GLY G 132 -62.96 -10.47 -61.00
C GLY G 132 -61.94 -9.47 -60.48
N GLY G 133 -60.75 -9.89 -60.07
CA GLY G 133 -59.74 -8.99 -59.55
C GLY G 133 -58.53 -8.85 -60.47
N ALA G 134 -57.73 -7.81 -60.21
CA ALA G 134 -56.52 -7.54 -61.00
C ALA G 134 -55.53 -6.77 -60.14
N SER G 135 -54.43 -7.43 -59.75
CA SER G 135 -53.33 -6.77 -59.04
C SER G 135 -52.03 -6.87 -59.83
N VAL G 136 -51.33 -5.75 -59.96
CA VAL G 136 -50.06 -5.68 -60.66
C VAL G 136 -48.95 -5.59 -59.61
N VAL G 137 -47.98 -6.50 -59.69
CA VAL G 137 -46.95 -6.63 -58.66
C VAL G 137 -45.61 -6.18 -59.21
N CYS G 138 -44.88 -5.40 -58.40
CA CYS G 138 -43.53 -4.97 -58.68
C CYS G 138 -42.61 -5.37 -57.53
N PHE G 139 -41.55 -6.13 -57.83
CA PHE G 139 -40.48 -6.44 -56.87
C PHE G 139 -39.32 -5.48 -57.03
N LEU G 140 -38.78 -5.02 -55.91
CA LEU G 140 -37.58 -4.19 -55.87
C LEU G 140 -36.61 -4.88 -54.92
N ASN G 141 -35.66 -5.62 -55.49
CA ASN G 141 -34.95 -6.67 -54.77
C ASN G 141 -33.47 -6.34 -54.57
N ASN G 142 -33.01 -6.54 -53.34
CA ASN G 142 -31.59 -6.58 -52.99
C ASN G 142 -30.93 -5.22 -53.10
N PHE G 143 -31.51 -4.23 -52.42
CA PHE G 143 -30.99 -2.88 -52.49
C PHE G 143 -30.53 -2.42 -51.12
N TYR G 144 -29.79 -1.30 -51.11
CA TYR G 144 -29.36 -0.65 -49.87
C TYR G 144 -29.00 0.78 -50.21
N PRO G 145 -29.39 1.76 -49.38
CA PRO G 145 -30.07 1.67 -48.08
C PRO G 145 -31.54 1.34 -48.17
N LYS G 146 -32.23 1.45 -47.02
CA LYS G 146 -33.62 1.03 -46.92
C LYS G 146 -34.55 1.99 -47.65
N ASP G 147 -34.45 3.29 -47.37
CA ASP G 147 -35.33 4.29 -47.99
C ASP G 147 -35.40 4.13 -49.50
N ILE G 148 -36.61 3.86 -50.00
CA ILE G 148 -36.87 3.75 -51.44
C ILE G 148 -38.28 4.22 -51.72
N ASN G 149 -38.51 4.68 -52.95
CA ASN G 149 -39.81 5.18 -53.37
C ASN G 149 -40.29 4.46 -54.62
N VAL G 150 -41.59 4.15 -54.66
CA VAL G 150 -42.22 3.51 -55.81
C VAL G 150 -43.29 4.45 -56.34
N LYS G 151 -43.19 4.79 -57.62
CA LYS G 151 -44.22 5.52 -58.34
C LYS G 151 -44.85 4.56 -59.35
N TRP G 152 -46.18 4.54 -59.40
CA TRP G 152 -46.92 3.77 -60.39
C TRP G 152 -47.45 4.69 -61.49
N LYS G 153 -47.46 4.18 -62.72
CA LYS G 153 -47.98 4.93 -63.86
C LYS G 153 -48.94 4.06 -64.64
N ILE G 154 -50.13 4.59 -64.92
CA ILE G 154 -51.14 3.92 -65.74
C ILE G 154 -51.36 4.79 -66.98
N ASP G 155 -50.89 4.31 -68.13
CA ASP G 155 -50.87 5.08 -69.39
C ASP G 155 -50.17 6.42 -69.20
N GLY G 156 -49.07 6.40 -68.44
CA GLY G 156 -48.32 7.62 -68.18
C GLY G 156 -49.02 8.61 -67.29
N SER G 157 -49.72 8.15 -66.26
CA SER G 157 -50.37 9.02 -65.29
C SER G 157 -50.24 8.39 -63.91
N GLU G 158 -49.77 9.17 -62.94
CA GLU G 158 -49.44 8.65 -61.61
C GLU G 158 -50.68 8.17 -60.86
N ARG G 159 -50.61 6.95 -60.34
CA ARG G 159 -51.63 6.40 -59.47
C ARG G 159 -51.14 6.41 -58.02
N GLN G 160 -52.04 6.72 -57.10
CA GLN G 160 -51.72 6.73 -55.67
C GLN G 160 -52.58 5.76 -54.86
N ASN G 161 -53.89 5.76 -55.07
CA ASN G 161 -54.76 4.87 -54.32
C ASN G 161 -54.57 3.42 -54.76
N GLY G 162 -54.62 2.50 -53.80
CA GLY G 162 -54.62 1.07 -54.09
C GLY G 162 -53.26 0.38 -54.09
N VAL G 163 -52.17 1.11 -53.85
CA VAL G 163 -50.84 0.50 -53.81
C VAL G 163 -50.50 0.16 -52.37
N LEU G 164 -50.06 -1.08 -52.15
CA LEU G 164 -49.60 -1.57 -50.85
C LEU G 164 -48.18 -2.11 -50.96
N ASN G 165 -47.31 -1.72 -50.03
CA ASN G 165 -45.90 -2.06 -50.09
C ASN G 165 -45.49 -2.87 -48.86
N SER G 166 -44.44 -3.66 -49.02
CA SER G 166 -44.02 -4.62 -48.01
C SER G 166 -42.51 -4.85 -48.12
N TRP G 167 -41.80 -4.59 -47.03
CA TRP G 167 -40.34 -4.76 -46.98
C TRP G 167 -39.95 -6.05 -46.29
N THR G 168 -38.94 -6.72 -46.83
CA THR G 168 -38.32 -7.78 -46.06
C THR G 168 -37.48 -7.20 -44.92
N ASP G 169 -37.15 -8.06 -43.96
CA ASP G 169 -36.16 -7.70 -42.96
C ASP G 169 -34.78 -7.76 -43.60
N GLN G 170 -33.84 -6.98 -43.07
CA GLN G 170 -32.49 -6.95 -43.61
C GLN G 170 -31.91 -8.36 -43.69
N ASP G 171 -31.34 -8.68 -44.84
CA ASP G 171 -30.77 -10.01 -45.05
C ASP G 171 -29.58 -10.23 -44.11
N SER G 172 -29.51 -11.43 -43.52
CA SER G 172 -28.48 -11.70 -42.53
C SER G 172 -27.14 -12.12 -43.17
N LYS G 173 -27.08 -12.19 -44.49
CA LYS G 173 -25.81 -12.50 -45.15
C LYS G 173 -25.29 -11.37 -46.02
N ASP G 174 -26.15 -10.59 -46.67
CA ASP G 174 -25.62 -9.52 -47.49
C ASP G 174 -26.07 -8.13 -47.06
N SER G 175 -26.93 -8.03 -46.03
CA SER G 175 -27.35 -6.78 -45.41
C SER G 175 -28.22 -5.91 -46.31
N THR G 176 -28.79 -6.46 -47.38
CA THR G 176 -29.67 -5.70 -48.24
C THR G 176 -31.12 -5.80 -47.80
N TYR G 177 -31.97 -5.00 -48.43
CA TYR G 177 -33.41 -5.08 -48.28
C TYR G 177 -34.06 -5.38 -49.63
N SER G 178 -35.29 -5.89 -49.56
CA SER G 178 -36.15 -6.04 -50.73
C SER G 178 -37.54 -5.53 -50.37
N MET G 179 -38.30 -5.11 -51.37
CA MET G 179 -39.64 -4.59 -51.15
C MET G 179 -40.52 -4.98 -52.33
N SER G 180 -41.79 -5.29 -52.07
CA SER G 180 -42.78 -5.46 -53.13
C SER G 180 -43.84 -4.38 -53.02
N SER G 181 -44.23 -3.85 -54.18
CA SER G 181 -45.30 -2.88 -54.31
C SER G 181 -46.41 -3.53 -55.12
N THR G 182 -47.63 -3.47 -54.61
CA THR G 182 -48.76 -4.16 -55.23
C THR G 182 -49.88 -3.16 -55.51
N LEU G 183 -50.19 -2.98 -56.78
CA LEU G 183 -51.29 -2.14 -57.23
C LEU G 183 -52.46 -3.06 -57.56
N THR G 184 -53.50 -3.01 -56.75
CA THR G 184 -54.68 -3.83 -57.00
C THR G 184 -55.82 -2.95 -57.51
N LEU G 185 -56.59 -3.51 -58.44
CA LEU G 185 -57.72 -2.80 -59.04
C LEU G 185 -58.76 -3.82 -59.47
N THR G 186 -59.94 -3.30 -59.84
CA THR G 186 -60.99 -4.13 -60.42
C THR G 186 -60.60 -4.48 -61.86
N LYS G 187 -61.01 -5.67 -62.29
CA LYS G 187 -60.85 -6.03 -63.70
C LYS G 187 -61.52 -5.01 -64.60
N ASP G 188 -62.68 -4.50 -64.18
CA ASP G 188 -63.43 -3.47 -64.91
C ASP G 188 -62.67 -2.15 -65.03
N GLU G 189 -61.52 -2.00 -64.37
CA GLU G 189 -60.72 -0.79 -64.51
C GLU G 189 -59.29 -1.06 -64.97
N TYR G 190 -58.77 -2.26 -64.73
CA TYR G 190 -57.52 -2.68 -65.37
C TYR G 190 -57.68 -2.77 -66.87
N GLU G 191 -58.84 -3.24 -67.33
CA GLU G 191 -59.06 -3.46 -68.76
C GLU G 191 -59.43 -2.17 -69.50
N ARG G 192 -59.37 -1.01 -68.84
CA ARG G 192 -59.64 0.25 -69.50
C ARG G 192 -58.39 0.95 -70.01
N HIS G 193 -57.21 0.61 -69.46
CA HIS G 193 -55.96 1.26 -69.80
C HIS G 193 -54.95 0.21 -70.27
N ASN G 194 -53.82 0.67 -70.83
CA ASN G 194 -52.91 -0.19 -71.58
C ASN G 194 -51.54 -0.39 -70.94
N SER G 195 -50.86 0.69 -70.53
CA SER G 195 -49.48 0.60 -70.07
C SER G 195 -49.42 0.79 -68.56
N TYR G 196 -48.75 -0.14 -67.87
CA TYR G 196 -48.61 -0.09 -66.42
C TYR G 196 -47.13 -0.06 -66.08
N THR G 197 -46.72 0.98 -65.37
CA THR G 197 -45.32 1.27 -65.09
C THR G 197 -45.08 1.29 -63.58
N CYS G 198 -43.98 0.66 -63.17
CA CYS G 198 -43.47 0.71 -61.81
C CYS G 198 -42.13 1.45 -61.85
N GLU G 199 -42.04 2.55 -61.10
CA GLU G 199 -40.89 3.45 -61.14
C GLU G 199 -40.21 3.47 -59.78
N ALA G 200 -38.92 3.12 -59.73
CA ALA G 200 -38.16 3.00 -58.49
C ALA G 200 -37.11 4.11 -58.40
N THR G 201 -37.27 5.00 -57.42
CA THR G 201 -36.30 6.06 -57.16
C THR G 201 -35.53 5.74 -55.88
N HIS G 202 -34.24 5.53 -56.04
CA HIS G 202 -33.33 5.16 -54.97
C HIS G 202 -32.17 6.15 -54.94
N LYS G 203 -31.38 6.09 -53.88
CA LYS G 203 -30.20 6.95 -53.80
C LYS G 203 -29.14 6.55 -54.83
N THR G 204 -29.23 5.34 -55.38
CA THR G 204 -28.16 4.83 -56.22
C THR G 204 -28.07 5.57 -57.56
N SER G 205 -29.18 6.06 -58.06
CA SER G 205 -29.18 6.79 -59.32
C SER G 205 -30.11 7.98 -59.24
N THR G 206 -29.71 9.05 -59.92
CA THR G 206 -30.56 10.23 -60.04
C THR G 206 -31.77 9.96 -60.93
N SER G 207 -31.59 9.09 -61.94
CA SER G 207 -32.65 8.68 -62.85
C SER G 207 -33.36 7.45 -62.32
N PRO G 208 -34.69 7.46 -62.23
CA PRO G 208 -35.40 6.31 -61.69
C PRO G 208 -35.24 5.09 -62.59
N ILE G 209 -35.50 3.92 -62.01
CA ILE G 209 -35.56 2.67 -62.75
C ILE G 209 -37.01 2.42 -63.12
N VAL G 210 -37.24 1.97 -64.36
CA VAL G 210 -38.59 1.85 -64.91
C VAL G 210 -38.78 0.46 -65.50
N LYS G 211 -39.87 -0.20 -65.10
CA LYS G 211 -40.29 -1.47 -65.70
C LYS G 211 -41.79 -1.40 -66.00
N SER G 212 -42.18 -1.80 -67.21
CA SER G 212 -43.57 -1.72 -67.63
C SER G 212 -43.95 -2.98 -68.39
N PHE G 213 -45.23 -3.10 -68.73
CA PHE G 213 -45.69 -4.16 -69.62
C PHE G 213 -46.83 -3.64 -70.48
N ASN G 214 -47.20 -4.48 -71.46
CA ASN G 214 -48.24 -4.19 -72.45
C ASN G 214 -49.50 -4.94 -72.07
N ARG G 215 -50.60 -4.22 -71.83
CA ARG G 215 -51.81 -4.92 -71.40
C ARG G 215 -52.30 -5.90 -72.46
N GLN H 1 -30.48 -29.93 -26.49
CA GLN H 1 -31.46 -31.02 -26.54
C GLN H 1 -32.70 -30.71 -25.70
N VAL H 2 -32.64 -29.64 -24.92
CA VAL H 2 -33.86 -29.05 -24.36
C VAL H 2 -34.66 -28.44 -25.51
N THR H 3 -35.93 -28.83 -25.62
CA THR H 3 -36.81 -28.32 -26.67
C THR H 3 -38.21 -28.08 -26.11
N LEU H 4 -38.81 -26.97 -26.53
CA LEU H 4 -40.19 -26.65 -26.17
C LEU H 4 -40.95 -26.32 -27.44
N LYS H 5 -42.20 -26.78 -27.51
CA LYS H 5 -43.08 -26.49 -28.64
C LYS H 5 -44.44 -26.05 -28.10
N GLU H 6 -44.93 -24.92 -28.60
CA GLU H 6 -46.21 -24.36 -28.21
C GLU H 6 -47.30 -24.83 -29.17
N SER H 7 -48.49 -25.07 -28.63
CA SER H 7 -49.69 -25.43 -29.39
C SER H 7 -50.83 -24.53 -28.96
N GLY H 8 -51.57 -24.01 -29.94
CA GLY H 8 -52.67 -23.14 -29.68
C GLY H 8 -53.80 -23.38 -30.67
N PRO H 9 -54.74 -22.46 -30.71
CA PRO H 9 -55.87 -22.60 -31.65
C PRO H 9 -55.68 -21.81 -32.95
N GLY H 10 -54.64 -20.97 -33.01
CA GLY H 10 -54.44 -20.04 -34.12
C GLY H 10 -55.41 -18.89 -34.15
N ILE H 11 -56.70 -19.18 -34.05
CA ILE H 11 -57.74 -18.18 -34.11
C ILE H 11 -58.83 -18.61 -33.13
N LEU H 12 -59.40 -17.65 -32.42
CA LEU H 12 -60.61 -17.91 -31.67
C LEU H 12 -61.32 -16.59 -31.47
N GLN H 13 -62.62 -16.68 -31.22
CA GLN H 13 -63.44 -15.49 -31.15
C GLN H 13 -63.20 -14.77 -29.84
N PRO H 14 -63.41 -13.46 -29.83
CA PRO H 14 -63.33 -12.73 -28.57
C PRO H 14 -64.29 -13.32 -27.54
N SER H 15 -63.93 -13.09 -26.27
CA SER H 15 -64.65 -13.49 -25.07
C SER H 15 -64.49 -14.98 -24.76
N GLN H 16 -63.90 -15.74 -25.67
CA GLN H 16 -63.64 -17.15 -25.38
C GLN H 16 -62.36 -17.31 -24.55
N THR H 17 -62.03 -18.56 -24.20
CA THR H 17 -60.84 -18.88 -23.39
C THR H 17 -59.77 -19.51 -24.27
N LEU H 18 -58.63 -18.84 -24.36
CA LEU H 18 -57.46 -19.37 -25.02
C LEU H 18 -56.83 -20.51 -24.22
N SER H 19 -56.64 -21.65 -24.85
CA SER H 19 -55.94 -22.79 -24.27
C SER H 19 -54.63 -23.01 -25.01
N LEU H 20 -53.50 -22.90 -24.29
CA LEU H 20 -52.18 -23.14 -24.88
C LEU H 20 -51.52 -24.32 -24.19
N THR H 21 -50.80 -25.12 -24.96
CA THR H 21 -50.00 -26.20 -24.40
C THR H 21 -48.55 -26.04 -24.81
N CYS H 22 -47.65 -26.31 -23.86
CA CYS H 22 -46.21 -26.31 -24.07
C CYS H 22 -45.74 -27.74 -23.84
N SER H 23 -45.29 -28.42 -24.89
CA SER H 23 -44.70 -29.75 -24.76
C SER H 23 -43.19 -29.65 -24.80
N PHE H 24 -42.51 -30.30 -23.86
CA PHE H 24 -41.09 -30.08 -23.70
C PHE H 24 -40.36 -31.41 -23.51
N SER H 25 -39.04 -31.34 -23.68
CA SER H 25 -38.13 -32.45 -23.37
C SER H 25 -36.72 -31.89 -23.18
N GLY H 26 -35.85 -32.76 -22.67
CA GLY H 26 -34.51 -32.36 -22.30
C GLY H 26 -34.34 -31.96 -20.85
N PHE H 27 -35.43 -31.99 -20.09
CA PHE H 27 -35.42 -31.66 -18.66
C PHE H 27 -36.73 -32.17 -18.08
N SER H 28 -36.77 -32.28 -16.76
CA SER H 28 -37.99 -32.69 -16.08
C SER H 28 -38.48 -31.53 -15.22
N LEU H 29 -39.79 -31.32 -15.22
CA LEU H 29 -40.25 -30.27 -14.32
C LEU H 29 -40.20 -30.68 -12.81
N ARG H 30 -39.58 -31.80 -12.47
CA ARG H 30 -39.42 -32.19 -11.07
C ARG H 30 -38.14 -31.65 -10.46
N THR H 31 -37.16 -31.24 -11.28
CA THR H 31 -35.84 -30.90 -10.75
C THR H 31 -35.88 -29.55 -10.05
N SER H 32 -35.28 -29.48 -8.85
CA SER H 32 -35.21 -28.22 -8.13
C SER H 32 -34.55 -27.15 -9.01
N GLY H 33 -35.25 -26.02 -9.18
CA GLY H 33 -34.74 -24.90 -9.98
C GLY H 33 -35.38 -24.75 -11.35
N MET H 34 -36.06 -25.76 -11.86
CA MET H 34 -36.66 -25.69 -13.18
C MET H 34 -38.06 -25.08 -13.10
N GLY H 35 -38.39 -24.27 -14.09
CA GLY H 35 -39.74 -23.76 -14.24
C GLY H 35 -40.02 -23.64 -15.72
N VAL H 36 -41.30 -23.46 -16.05
CA VAL H 36 -41.72 -23.21 -17.41
C VAL H 36 -42.52 -21.92 -17.43
N GLY H 37 -42.11 -20.99 -18.30
CA GLY H 37 -42.76 -19.68 -18.38
C GLY H 37 -43.47 -19.41 -19.70
N TRP H 38 -44.37 -18.40 -19.71
CA TRP H 38 -45.11 -17.99 -20.91
C TRP H 38 -44.87 -16.51 -21.14
N ILE H 39 -44.52 -16.15 -22.37
CA ILE H 39 -44.21 -14.77 -22.76
C ILE H 39 -44.91 -14.52 -24.08
N ARG H 40 -45.50 -13.34 -24.27
CA ARG H 40 -46.13 -13.08 -25.55
C ARG H 40 -45.57 -11.83 -26.23
N GLN H 41 -45.76 -11.77 -27.55
CA GLN H 41 -45.22 -10.67 -28.32
C GLN H 41 -46.15 -10.31 -29.47
N PRO H 42 -46.88 -9.21 -29.39
CA PRO H 42 -47.69 -8.79 -30.53
C PRO H 42 -46.80 -8.42 -31.70
N SER H 43 -47.33 -8.58 -32.90
CA SER H 43 -46.50 -8.43 -34.10
C SER H 43 -45.84 -7.06 -34.12
N GLY H 44 -44.52 -7.07 -34.23
CA GLY H 44 -43.75 -5.84 -34.29
C GLY H 44 -43.55 -5.14 -32.97
N LYS H 45 -43.91 -5.76 -31.84
CA LYS H 45 -43.82 -5.12 -30.54
C LYS H 45 -42.85 -5.91 -29.64
N GLY H 46 -42.71 -5.46 -28.39
CA GLY H 46 -41.81 -6.08 -27.45
C GLY H 46 -42.40 -7.32 -26.76
N LEU H 47 -41.75 -7.71 -25.66
CA LEU H 47 -42.05 -8.96 -24.97
C LEU H 47 -42.73 -8.68 -23.64
N GLU H 48 -43.75 -9.45 -23.30
CA GLU H 48 -44.47 -9.29 -22.04
C GLU H 48 -44.52 -10.64 -21.33
N TRP H 49 -43.94 -10.72 -20.14
CA TRP H 49 -44.03 -11.95 -19.37
C TRP H 49 -45.47 -12.14 -18.87
N LEU H 50 -45.97 -13.37 -18.95
CA LEU H 50 -47.34 -13.69 -18.58
C LEU H 50 -47.43 -14.47 -17.26
N ALA H 51 -46.78 -15.62 -17.20
CA ALA H 51 -46.93 -16.51 -16.05
C ALA H 51 -45.81 -17.52 -16.10
N HIS H 52 -45.52 -18.13 -14.95
CA HIS H 52 -44.68 -19.32 -14.98
C HIS H 52 -45.04 -20.21 -13.80
N ILE H 53 -44.56 -21.44 -13.87
CA ILE H 53 -44.83 -22.44 -12.84
C ILE H 53 -43.52 -23.15 -12.51
N TRP H 54 -43.21 -23.21 -11.23
CA TRP H 54 -41.99 -23.81 -10.73
C TRP H 54 -42.19 -25.29 -10.47
N TRP H 55 -41.06 -25.97 -10.26
CA TRP H 55 -41.04 -27.42 -10.02
C TRP H 55 -41.88 -27.82 -8.82
N ASP H 56 -42.08 -26.92 -7.86
CA ASP H 56 -42.87 -27.25 -6.66
C ASP H 56 -44.33 -26.79 -6.77
N ASP H 57 -44.79 -26.49 -7.98
CA ASP H 57 -46.16 -26.06 -8.27
C ASP H 57 -46.43 -24.62 -7.80
N ASP H 58 -45.39 -23.87 -7.44
CA ASP H 58 -45.52 -22.45 -7.17
C ASP H 58 -45.77 -21.70 -8.47
N LYS H 59 -46.92 -21.03 -8.59
CA LYS H 59 -47.34 -20.36 -9.82
C LYS H 59 -47.33 -18.85 -9.65
N ARG H 60 -46.81 -18.14 -10.67
CA ARG H 60 -46.69 -16.69 -10.66
C ARG H 60 -47.33 -16.11 -11.91
N TYR H 61 -47.98 -14.96 -11.75
CA TYR H 61 -48.83 -14.37 -12.76
C TYR H 61 -48.57 -12.88 -12.87
N ASN H 62 -48.69 -12.38 -14.10
CA ASN H 62 -48.59 -10.94 -14.32
C ASN H 62 -49.90 -10.30 -13.92
N PRO H 63 -49.91 -9.31 -13.02
CA PRO H 63 -51.17 -8.65 -12.66
C PRO H 63 -51.75 -7.81 -13.79
N ALA H 64 -50.95 -7.49 -14.81
CA ALA H 64 -51.46 -6.78 -15.97
C ALA H 64 -52.55 -7.57 -16.70
N LEU H 65 -52.60 -8.88 -16.50
CA LEU H 65 -53.64 -9.67 -17.14
C LEU H 65 -54.83 -9.90 -16.22
N LYS H 66 -54.92 -9.15 -15.11
CA LYS H 66 -56.08 -9.08 -14.23
C LYS H 66 -56.73 -10.44 -14.02
N SER H 67 -55.93 -11.39 -13.55
CA SER H 67 -56.37 -12.68 -13.03
C SER H 67 -56.99 -13.58 -14.08
N ARG H 68 -56.94 -13.23 -15.37
CA ARG H 68 -57.51 -14.10 -16.39
C ARG H 68 -56.69 -15.34 -16.66
N LEU H 69 -55.53 -15.45 -16.03
CA LEU H 69 -54.58 -16.52 -16.32
C LEU H 69 -54.72 -17.70 -15.37
N THR H 70 -54.53 -18.91 -15.89
CA THR H 70 -54.39 -20.09 -15.07
C THR H 70 -53.31 -20.96 -15.69
N ILE H 71 -52.25 -21.23 -14.94
CA ILE H 71 -51.18 -22.08 -15.43
C ILE H 71 -51.20 -23.41 -14.67
N SER H 72 -50.84 -24.48 -15.38
CA SER H 72 -50.73 -25.80 -14.76
C SER H 72 -49.66 -26.62 -15.45
N LYS H 73 -49.32 -27.74 -14.83
CA LYS H 73 -48.32 -28.65 -15.36
C LYS H 73 -48.80 -30.09 -15.23
N ASP H 74 -48.27 -30.94 -16.10
CA ASP H 74 -48.46 -32.39 -16.01
C ASP H 74 -47.07 -32.99 -16.23
N THR H 75 -46.41 -33.39 -15.13
CA THR H 75 -45.02 -33.78 -15.24
C THR H 75 -44.85 -35.14 -15.90
N SER H 76 -45.85 -36.03 -15.79
CA SER H 76 -45.72 -37.32 -16.44
C SER H 76 -45.82 -37.18 -17.96
N SER H 77 -46.61 -36.23 -18.44
CA SER H 77 -46.74 -35.95 -19.87
C SER H 77 -45.75 -34.91 -20.37
N ASN H 78 -44.88 -34.39 -19.50
CA ASN H 78 -43.89 -33.38 -19.88
C ASN H 78 -44.56 -32.19 -20.57
N GLN H 79 -45.63 -31.69 -19.97
CA GLN H 79 -46.44 -30.63 -20.57
C GLN H 79 -46.78 -29.57 -19.54
N VAL H 80 -47.05 -28.35 -20.04
CA VAL H 80 -47.47 -27.20 -19.24
C VAL H 80 -48.58 -26.50 -20.00
N PHE H 81 -49.59 -26.01 -19.28
CA PHE H 81 -50.78 -25.42 -19.89
C PHE H 81 -50.99 -23.99 -19.41
N LEU H 82 -51.42 -23.12 -20.32
CA LEU H 82 -51.84 -21.78 -19.96
C LEU H 82 -53.23 -21.55 -20.52
N LYS H 83 -54.14 -21.09 -19.66
CA LYS H 83 -55.45 -20.65 -20.11
C LYS H 83 -55.57 -19.14 -19.87
N ILE H 84 -56.10 -18.44 -20.85
CA ILE H 84 -56.36 -17.01 -20.75
C ILE H 84 -57.85 -16.82 -20.96
N ALA H 85 -58.57 -16.42 -19.91
CA ALA H 85 -60.01 -16.27 -20.04
C ALA H 85 -60.35 -14.95 -20.72
N SER H 86 -61.48 -14.95 -21.42
CA SER H 86 -62.15 -13.73 -21.90
C SER H 86 -61.25 -12.89 -22.79
N VAL H 87 -60.66 -13.55 -23.79
CA VAL H 87 -59.72 -12.84 -24.66
C VAL H 87 -60.46 -11.80 -25.49
N ASP H 88 -59.72 -10.78 -25.92
CA ASP H 88 -60.19 -9.97 -27.04
C ASP H 88 -58.97 -9.60 -27.88
N THR H 89 -59.17 -8.65 -28.81
CA THR H 89 -58.16 -8.39 -29.82
C THR H 89 -56.82 -7.95 -29.21
N ALA H 90 -56.85 -7.31 -28.04
CA ALA H 90 -55.63 -6.92 -27.36
C ALA H 90 -54.77 -8.11 -26.94
N ASP H 91 -55.28 -9.33 -27.06
CA ASP H 91 -54.53 -10.53 -26.71
C ASP H 91 -53.93 -11.22 -27.91
N THR H 92 -54.23 -10.75 -29.11
CA THR H 92 -53.55 -11.22 -30.31
C THR H 92 -52.04 -11.08 -30.17
N ALA H 93 -51.32 -12.18 -30.38
CA ALA H 93 -49.87 -12.17 -30.22
C ALA H 93 -49.32 -13.54 -30.59
N THR H 94 -48.01 -13.59 -30.82
CA THR H 94 -47.28 -14.84 -30.75
C THR H 94 -47.01 -15.16 -29.28
N TYR H 95 -47.26 -16.40 -28.88
CA TYR H 95 -47.13 -16.85 -27.50
C TYR H 95 -45.98 -17.83 -27.42
N TYR H 96 -45.00 -17.55 -26.58
CA TYR H 96 -43.84 -18.39 -26.36
C TYR H 96 -43.89 -19.06 -25.00
N CYS H 97 -43.47 -20.32 -24.95
CA CYS H 97 -43.08 -20.90 -23.67
C CYS H 97 -41.55 -21.00 -23.59
N ALA H 98 -41.07 -21.10 -22.36
CA ALA H 98 -39.63 -21.09 -22.14
C ALA H 98 -39.32 -21.87 -20.87
N GLN H 99 -38.24 -22.64 -20.91
CA GLN H 99 -37.68 -23.24 -19.70
C GLN H 99 -36.85 -22.18 -18.99
N ILE H 100 -37.18 -21.93 -17.73
CA ILE H 100 -36.54 -20.88 -16.96
C ILE H 100 -35.94 -21.49 -15.70
N ASN H 101 -35.20 -20.66 -14.99
CA ASN H 101 -34.67 -21.01 -13.68
C ASN H 101 -34.77 -19.71 -12.89
N PRO H 102 -34.42 -19.67 -11.61
CA PRO H 102 -34.73 -18.47 -10.81
C PRO H 102 -33.94 -17.24 -11.21
N ALA H 103 -32.98 -17.35 -12.15
CA ALA H 103 -32.18 -16.20 -12.53
C ALA H 103 -32.33 -15.78 -13.99
N TRP H 104 -32.65 -16.67 -14.92
CA TRP H 104 -32.81 -16.26 -16.32
C TRP H 104 -33.71 -17.26 -17.05
N PHE H 105 -34.04 -16.92 -18.31
CA PHE H 105 -34.77 -17.83 -19.18
C PHE H 105 -33.76 -18.52 -20.08
N ALA H 106 -33.65 -19.85 -19.97
CA ALA H 106 -32.58 -20.55 -20.68
C ALA H 106 -32.92 -20.94 -22.12
N TYR H 107 -34.14 -21.37 -22.40
CA TYR H 107 -34.48 -21.92 -23.71
C TYR H 107 -35.90 -21.56 -24.06
N TRP H 108 -36.13 -21.13 -25.30
CA TRP H 108 -37.44 -20.71 -25.76
C TRP H 108 -37.98 -21.60 -26.86
N GLY H 109 -39.29 -21.79 -26.87
CA GLY H 109 -39.94 -22.43 -28.00
C GLY H 109 -40.03 -21.51 -29.20
N GLN H 110 -40.44 -22.08 -30.33
CA GLN H 110 -40.51 -21.29 -31.55
C GLN H 110 -41.69 -20.34 -31.58
N GLY H 111 -42.65 -20.49 -30.68
CA GLY H 111 -43.77 -19.55 -30.62
C GLY H 111 -44.94 -20.02 -31.45
N THR H 112 -46.15 -19.63 -31.01
CA THR H 112 -47.39 -19.95 -31.72
C THR H 112 -48.24 -18.70 -31.83
N LEU H 113 -48.64 -18.35 -33.05
CA LEU H 113 -49.48 -17.19 -33.28
C LEU H 113 -50.91 -17.46 -32.86
N VAL H 114 -51.54 -16.47 -32.23
CA VAL H 114 -52.94 -16.56 -31.81
C VAL H 114 -53.57 -15.23 -32.17
N THR H 115 -54.54 -15.25 -33.08
CA THR H 115 -55.29 -14.06 -33.42
C THR H 115 -56.69 -14.17 -32.83
N VAL H 116 -57.16 -13.09 -32.21
CA VAL H 116 -58.48 -13.04 -31.61
C VAL H 116 -59.36 -12.27 -32.58
N SER H 117 -60.18 -13.00 -33.32
CA SER H 117 -61.05 -12.39 -34.31
C SER H 117 -62.25 -13.30 -34.56
N ALA H 118 -63.39 -12.67 -34.74
CA ALA H 118 -64.57 -13.38 -35.24
C ALA H 118 -64.59 -13.42 -36.77
N ALA H 119 -63.67 -12.71 -37.44
CA ALA H 119 -63.63 -12.74 -38.90
C ALA H 119 -63.41 -14.17 -39.39
N LYS H 120 -64.00 -14.48 -40.54
CA LYS H 120 -64.09 -15.87 -40.99
C LYS H 120 -62.75 -16.38 -41.51
N THR H 121 -62.45 -17.64 -41.20
CA THR H 121 -61.24 -18.27 -41.72
C THR H 121 -61.37 -18.44 -43.22
N THR H 122 -60.43 -17.87 -43.97
CA THR H 122 -60.50 -17.81 -45.42
C THR H 122 -59.18 -18.34 -45.99
N PRO H 123 -59.24 -19.28 -46.93
CA PRO H 123 -58.01 -19.81 -47.50
C PRO H 123 -57.52 -18.93 -48.63
N PRO H 124 -56.22 -18.97 -48.93
CA PRO H 124 -55.65 -18.04 -49.90
C PRO H 124 -55.95 -18.42 -51.34
N SER H 125 -56.06 -17.40 -52.18
CA SER H 125 -56.01 -17.56 -53.63
C SER H 125 -54.56 -17.36 -54.09
N VAL H 126 -54.04 -18.31 -54.86
CA VAL H 126 -52.63 -18.33 -55.24
C VAL H 126 -52.53 -18.12 -56.76
N TYR H 127 -51.93 -17.00 -57.15
CA TYR H 127 -51.85 -16.59 -58.55
C TYR H 127 -50.40 -16.54 -59.03
N PRO H 128 -50.07 -17.16 -60.17
CA PRO H 128 -48.69 -17.07 -60.67
C PRO H 128 -48.34 -15.67 -61.12
N LEU H 129 -47.08 -15.29 -60.91
CA LEU H 129 -46.52 -14.04 -61.43
C LEU H 129 -45.47 -14.42 -62.46
N ALA H 130 -45.84 -14.30 -63.74
CA ALA H 130 -45.05 -14.81 -64.85
C ALA H 130 -44.36 -13.69 -65.60
N PRO H 131 -43.08 -13.87 -65.95
CA PRO H 131 -42.37 -12.83 -66.69
C PRO H 131 -42.74 -12.85 -68.17
N GLY H 132 -42.57 -11.71 -68.81
CA GLY H 132 -42.78 -11.59 -70.23
C GLY H 132 -41.62 -12.16 -71.05
N SER H 133 -41.77 -12.02 -72.36
CA SER H 133 -40.78 -12.59 -73.28
C SER H 133 -39.43 -11.91 -73.17
N ALA H 134 -39.42 -10.59 -72.93
CA ALA H 134 -38.17 -9.84 -72.94
C ALA H 134 -37.32 -10.19 -71.72
N ALA H 135 -37.96 -10.37 -70.57
CA ALA H 135 -37.23 -10.69 -69.36
C ALA H 135 -36.43 -11.97 -69.50
N GLN H 136 -36.89 -12.87 -70.36
CA GLN H 136 -36.15 -14.11 -70.56
C GLN H 136 -34.89 -13.96 -71.39
N THR H 137 -34.62 -12.78 -71.93
CA THR H 137 -33.37 -12.56 -72.68
C THR H 137 -32.25 -12.02 -71.80
N ASN H 138 -32.42 -12.02 -70.48
CA ASN H 138 -31.37 -11.75 -69.52
C ASN H 138 -30.82 -13.07 -68.98
N SER H 139 -29.68 -12.97 -68.26
CA SER H 139 -29.10 -14.18 -67.70
C SER H 139 -29.93 -14.71 -66.54
N MET H 140 -30.52 -13.82 -65.74
CA MET H 140 -31.41 -14.19 -64.64
C MET H 140 -32.84 -13.73 -64.93
N VAL H 141 -33.80 -14.54 -64.48
CA VAL H 141 -35.22 -14.21 -64.55
C VAL H 141 -35.81 -14.31 -63.14
N THR H 142 -36.69 -13.37 -62.81
CA THR H 142 -37.40 -13.37 -61.55
C THR H 142 -38.83 -13.82 -61.81
N LEU H 143 -39.31 -14.77 -61.01
CA LEU H 143 -40.67 -15.29 -61.05
C LEU H 143 -41.36 -14.94 -59.72
N GLY H 144 -42.68 -15.16 -59.68
CA GLY H 144 -43.42 -14.76 -58.51
C GLY H 144 -44.67 -15.59 -58.28
N CYS H 145 -45.31 -15.29 -57.16
CA CYS H 145 -46.42 -16.05 -56.61
C CYS H 145 -47.15 -15.08 -55.71
N LEU H 146 -48.45 -14.89 -55.94
CA LEU H 146 -49.26 -13.93 -55.19
C LEU H 146 -50.27 -14.68 -54.34
N VAL H 147 -50.33 -14.37 -53.05
CA VAL H 147 -51.15 -15.08 -52.08
C VAL H 147 -52.12 -14.05 -51.51
N LYS H 148 -53.39 -14.10 -51.93
CA LYS H 148 -54.35 -13.05 -51.62
C LYS H 148 -55.55 -13.62 -50.86
N GLY H 149 -56.16 -12.76 -50.06
CA GLY H 149 -57.41 -13.05 -49.39
C GLY H 149 -57.42 -14.27 -48.50
N TYR H 150 -56.48 -14.37 -47.57
CA TYR H 150 -56.50 -15.42 -46.57
C TYR H 150 -56.56 -14.82 -45.17
N PHE H 151 -57.00 -15.63 -44.21
CA PHE H 151 -57.17 -15.21 -42.83
C PHE H 151 -57.33 -16.47 -41.99
N PRO H 152 -56.65 -16.59 -40.84
CA PRO H 152 -55.66 -15.67 -40.29
C PRO H 152 -54.26 -16.01 -40.77
N GLU H 153 -53.24 -15.31 -40.28
CA GLU H 153 -51.86 -15.76 -40.43
C GLU H 153 -51.68 -17.07 -39.65
N PRO H 154 -50.65 -17.86 -39.99
CA PRO H 154 -49.63 -17.65 -41.02
C PRO H 154 -49.87 -18.48 -42.28
N VAL H 155 -49.09 -18.22 -43.33
CA VAL H 155 -48.95 -19.14 -44.45
C VAL H 155 -47.49 -19.55 -44.56
N THR H 156 -47.26 -20.66 -45.26
CA THR H 156 -45.93 -21.21 -45.53
C THR H 156 -45.72 -21.24 -47.04
N VAL H 157 -44.85 -20.37 -47.54
CA VAL H 157 -44.52 -20.29 -48.96
C VAL H 157 -43.18 -20.97 -49.20
N THR H 158 -43.16 -21.97 -50.08
CA THR H 158 -41.93 -22.62 -50.51
C THR H 158 -41.89 -22.65 -52.04
N TRP H 159 -40.74 -23.02 -52.60
CA TRP H 159 -40.57 -23.15 -54.04
C TRP H 159 -39.96 -24.50 -54.38
N ASN H 160 -40.63 -25.23 -55.27
CA ASN H 160 -40.20 -26.57 -55.69
C ASN H 160 -40.12 -27.53 -54.50
N SER H 161 -41.07 -27.39 -53.57
CA SER H 161 -41.10 -28.20 -52.35
C SER H 161 -39.82 -28.01 -51.52
N GLY H 162 -39.45 -26.74 -51.33
CA GLY H 162 -38.27 -26.38 -50.59
C GLY H 162 -36.95 -26.53 -51.33
N SER H 163 -36.98 -26.93 -52.60
CA SER H 163 -35.73 -27.14 -53.33
C SER H 163 -35.05 -25.82 -53.67
N LEU H 164 -35.82 -24.82 -54.10
CA LEU H 164 -35.30 -23.51 -54.47
C LEU H 164 -35.41 -22.59 -53.25
N SER H 165 -34.28 -22.32 -52.60
CA SER H 165 -34.22 -21.49 -51.40
C SER H 165 -33.31 -20.28 -51.55
N SER H 166 -32.19 -20.42 -52.26
CA SER H 166 -31.35 -19.27 -52.52
C SER H 166 -32.05 -18.36 -53.52
N GLY H 167 -32.15 -17.07 -53.17
CA GLY H 167 -32.77 -16.12 -54.06
C GLY H 167 -34.28 -16.01 -53.95
N VAL H 168 -34.87 -16.44 -52.83
CA VAL H 168 -36.29 -16.22 -52.58
C VAL H 168 -36.46 -15.02 -51.66
N HIS H 169 -37.47 -14.21 -51.94
CA HIS H 169 -37.91 -13.14 -51.03
C HIS H 169 -39.41 -13.29 -50.84
N THR H 170 -39.82 -13.88 -49.71
CA THR H 170 -41.22 -13.95 -49.33
C THR H 170 -41.51 -12.78 -48.40
N PHE H 171 -42.34 -11.86 -48.85
CA PHE H 171 -42.54 -10.60 -48.16
C PHE H 171 -43.58 -10.72 -47.04
N PRO H 172 -43.46 -9.88 -46.00
CA PRO H 172 -44.50 -9.85 -44.96
C PRO H 172 -45.87 -9.47 -45.53
N ALA H 173 -46.91 -10.09 -44.99
CA ALA H 173 -48.22 -9.86 -45.57
C ALA H 173 -48.80 -8.52 -45.09
N VAL H 174 -49.81 -8.06 -45.80
CA VAL H 174 -50.54 -6.85 -45.41
C VAL H 174 -52.02 -7.22 -45.29
N LEU H 175 -52.67 -6.58 -44.32
CA LEU H 175 -54.04 -6.89 -43.94
C LEU H 175 -54.94 -5.76 -44.40
N GLN H 176 -55.88 -6.05 -45.29
CA GLN H 176 -56.94 -5.13 -45.65
C GLN H 176 -58.28 -5.80 -45.40
N SER H 177 -59.18 -5.07 -44.73
CA SER H 177 -60.50 -5.53 -44.34
C SER H 177 -60.52 -7.02 -44.01
N ASP H 178 -59.77 -7.41 -42.99
CA ASP H 178 -59.81 -8.77 -42.44
C ASP H 178 -59.32 -9.82 -43.43
N LEU H 179 -58.45 -9.42 -44.35
CA LEU H 179 -57.92 -10.34 -45.35
C LEU H 179 -56.45 -10.02 -45.61
N TYR H 180 -55.62 -11.06 -45.65
CA TYR H 180 -54.18 -10.92 -45.80
C TYR H 180 -53.73 -11.17 -47.24
N THR H 181 -52.68 -10.47 -47.66
CA THR H 181 -52.11 -10.79 -48.96
C THR H 181 -50.60 -10.56 -48.92
N LEU H 182 -49.85 -11.55 -49.41
CA LEU H 182 -48.40 -11.40 -49.52
C LEU H 182 -47.97 -11.83 -50.92
N SER H 183 -46.67 -11.64 -51.21
CA SER H 183 -46.08 -12.15 -52.44
C SER H 183 -44.71 -12.75 -52.13
N SER H 184 -44.30 -13.70 -52.96
CA SER H 184 -42.99 -14.32 -52.86
C SER H 184 -42.32 -14.32 -54.23
N SER H 185 -41.06 -13.87 -54.29
CA SER H 185 -40.29 -13.85 -55.53
C SER H 185 -39.15 -14.86 -55.49
N VAL H 186 -38.75 -15.33 -56.65
CA VAL H 186 -37.64 -16.28 -56.76
C VAL H 186 -36.89 -15.96 -58.05
N THR H 187 -35.57 -15.92 -57.97
CA THR H 187 -34.73 -15.55 -59.11
C THR H 187 -33.86 -16.75 -59.49
N VAL H 188 -33.91 -17.11 -60.77
CA VAL H 188 -33.24 -18.29 -61.30
C VAL H 188 -32.52 -17.89 -62.58
N PRO H 189 -31.60 -18.73 -63.07
CA PRO H 189 -31.05 -18.49 -64.41
C PRO H 189 -32.05 -18.87 -65.49
N SER H 190 -32.02 -18.09 -66.58
CA SER H 190 -32.97 -18.31 -67.67
C SER H 190 -32.83 -19.68 -68.32
N SER H 191 -31.69 -20.32 -68.16
CA SER H 191 -31.50 -21.68 -68.66
C SER H 191 -32.06 -22.74 -67.72
N THR H 192 -32.74 -22.33 -66.65
CA THR H 192 -33.41 -23.24 -65.74
C THR H 192 -34.91 -22.98 -65.70
N TRP H 193 -35.43 -22.13 -66.59
CA TRP H 193 -36.85 -21.86 -66.70
C TRP H 193 -37.14 -21.13 -68.01
N PRO H 194 -38.15 -21.56 -68.78
CA PRO H 194 -39.12 -22.63 -68.50
C PRO H 194 -38.57 -24.00 -68.84
N SER H 195 -37.24 -24.11 -68.94
CA SER H 195 -36.60 -25.41 -69.13
C SER H 195 -36.96 -26.37 -68.01
N GLU H 196 -36.69 -25.97 -66.77
CA GLU H 196 -37.03 -26.75 -65.59
C GLU H 196 -38.29 -26.20 -64.96
N THR H 197 -39.05 -27.08 -64.31
CA THR H 197 -40.30 -26.67 -63.69
C THR H 197 -40.02 -25.84 -62.43
N VAL H 198 -40.74 -24.73 -62.29
CA VAL H 198 -40.69 -23.91 -61.10
C VAL H 198 -42.12 -23.73 -60.59
N THR H 199 -42.33 -24.03 -59.31
CA THR H 199 -43.65 -24.12 -58.71
C THR H 199 -43.58 -23.56 -57.29
N CYS H 200 -44.53 -22.72 -56.91
CA CYS H 200 -44.62 -22.24 -55.54
C CYS H 200 -45.67 -23.04 -54.78
N ASN H 201 -45.37 -23.39 -53.55
CA ASN H 201 -46.24 -24.18 -52.70
C ASN H 201 -46.65 -23.33 -51.51
N VAL H 202 -47.95 -23.13 -51.35
CA VAL H 202 -48.50 -22.32 -50.28
C VAL H 202 -49.28 -23.25 -49.35
N ALA H 203 -49.03 -23.14 -48.06
CA ALA H 203 -49.77 -23.86 -47.05
C ALA H 203 -50.44 -22.84 -46.13
N HIS H 204 -51.68 -23.14 -45.73
CA HIS H 204 -52.44 -22.28 -44.84
C HIS H 204 -53.08 -23.23 -43.84
N PRO H 205 -52.49 -23.39 -42.65
CA PRO H 205 -52.96 -24.43 -41.72
C PRO H 205 -54.33 -24.16 -41.14
N ALA H 206 -54.70 -22.90 -40.94
CA ALA H 206 -56.02 -22.58 -40.39
C ALA H 206 -57.15 -23.16 -41.24
N SER H 207 -56.88 -23.45 -42.51
CA SER H 207 -57.84 -24.05 -43.41
C SER H 207 -57.39 -25.41 -43.92
N SER H 208 -56.27 -25.94 -43.44
CA SER H 208 -55.70 -27.19 -43.93
C SER H 208 -55.52 -27.18 -45.45
N THR H 209 -55.11 -26.01 -45.99
CA THR H 209 -54.89 -25.84 -47.43
C THR H 209 -53.42 -26.06 -47.77
N LYS H 210 -53.18 -26.71 -48.92
CA LYS H 210 -51.81 -26.93 -49.41
C LYS H 210 -51.86 -27.00 -50.93
N VAL H 211 -51.80 -25.82 -51.57
CA VAL H 211 -51.91 -25.71 -53.02
C VAL H 211 -50.53 -25.58 -53.64
N ASP H 212 -50.42 -25.99 -54.90
CA ASP H 212 -49.23 -25.76 -55.72
C ASP H 212 -49.64 -24.97 -56.95
N LYS H 213 -48.70 -24.16 -57.45
CA LYS H 213 -48.97 -23.31 -58.61
C LYS H 213 -47.72 -23.24 -59.47
N LYS H 214 -47.77 -23.84 -60.65
CA LYS H 214 -46.65 -23.77 -61.58
C LYS H 214 -46.62 -22.40 -62.25
N ILE H 215 -45.40 -21.92 -62.52
CA ILE H 215 -45.21 -20.65 -63.21
C ILE H 215 -44.85 -20.95 -64.66
N VAL H 216 -45.69 -20.51 -65.58
CA VAL H 216 -45.51 -20.77 -67.01
C VAL H 216 -45.43 -19.42 -67.71
N PRO H 217 -44.81 -19.36 -68.89
CA PRO H 217 -44.66 -18.07 -69.59
C PRO H 217 -46.01 -17.44 -69.90
N ARG H 218 -46.07 -16.12 -69.72
CA ARG H 218 -47.30 -15.34 -69.89
C ARG H 218 -47.84 -15.38 -71.32
N ASP I 4 -14.08 -14.81 24.93
CA ASP I 4 -14.57 -14.59 26.30
C ASP I 4 -13.42 -14.52 27.30
N LEU I 5 -12.20 -14.90 26.89
CA LEU I 5 -11.05 -14.62 27.74
C LEU I 5 -10.87 -13.11 27.84
N PRO I 6 -10.43 -12.60 28.99
CA PRO I 6 -10.29 -11.14 29.13
C PRO I 6 -9.23 -10.60 28.17
N LYS I 7 -9.42 -9.36 27.73
CA LYS I 7 -8.58 -8.76 26.68
C LYS I 7 -7.89 -7.49 27.16
N ALA I 8 -6.66 -7.27 26.69
CA ALA I 8 -6.03 -5.97 26.80
C ALA I 8 -6.72 -4.98 25.88
N VAL I 9 -6.49 -3.68 26.13
CA VAL I 9 -7.07 -2.61 25.30
C VAL I 9 -5.98 -1.62 24.94
N VAL I 10 -5.95 -1.20 23.66
CA VAL I 10 -5.02 -0.17 23.18
C VAL I 10 -5.67 1.21 23.29
N PHE I 11 -4.92 2.18 23.79
CA PHE I 11 -5.34 3.58 23.68
C PHE I 11 -4.24 4.41 23.02
N LEU I 12 -4.65 5.42 22.23
CA LEU I 12 -3.72 6.37 21.62
C LEU I 12 -3.61 7.64 22.45
N GLU I 13 -2.40 8.18 22.55
CA GLU I 13 -2.13 9.47 23.17
C GLU I 13 -1.26 10.25 22.18
N PRO I 14 -1.73 11.35 21.62
CA PRO I 14 -3.09 11.91 21.70
C PRO I 14 -4.09 10.99 21.00
N GLN I 15 -5.39 11.20 21.11
CA GLN I 15 -6.33 10.24 20.56
C GLN I 15 -6.53 10.34 19.05
N TRP I 16 -5.80 11.21 18.33
CA TRP I 16 -5.98 11.30 16.89
C TRP I 16 -5.53 10.02 16.20
N TYR I 17 -6.40 9.40 15.39
CA TYR I 17 -5.95 8.23 14.65
C TYR I 17 -5.43 8.59 13.26
N ARG I 18 -5.70 9.80 12.79
CA ARG I 18 -5.14 10.34 11.57
C ARG I 18 -4.08 11.35 11.99
N VAL I 19 -2.82 11.11 11.58
CA VAL I 19 -1.70 11.95 11.96
C VAL I 19 -0.86 12.22 10.72
N LEU I 20 0.05 13.18 10.85
CA LEU I 20 0.98 13.52 9.79
C LEU I 20 2.32 12.85 10.01
N GLU I 21 3.03 12.61 8.92
CA GLU I 21 4.44 12.25 9.00
C GLU I 21 5.16 13.17 9.97
N LYS I 22 6.09 12.61 10.74
CA LYS I 22 6.90 13.28 11.75
C LYS I 22 6.15 13.57 13.04
N ASP I 23 4.86 13.29 13.14
CA ASP I 23 4.14 13.38 14.42
C ASP I 23 4.62 12.32 15.39
N SER I 24 4.42 12.58 16.69
CA SER I 24 4.66 11.61 17.73
C SER I 24 3.33 10.94 18.14
N VAL I 25 3.41 9.65 18.46
CA VAL I 25 2.25 8.88 18.93
C VAL I 25 2.70 8.00 20.09
N THR I 26 1.95 8.02 21.17
CA THR I 26 2.13 7.09 22.28
C THR I 26 0.99 6.10 22.26
N LEU I 27 1.32 4.82 22.22
CA LEU I 27 0.31 3.77 22.31
C LEU I 27 0.38 3.18 23.71
N LYS I 28 -0.77 3.04 24.36
CA LYS I 28 -0.85 2.61 25.74
C LYS I 28 -1.59 1.28 25.79
N CYS I 29 -1.13 0.38 26.65
CA CYS I 29 -1.74 -0.93 26.80
C CYS I 29 -2.36 -1.01 28.17
N GLN I 30 -3.67 -1.12 28.23
CA GLN I 30 -4.35 -1.44 29.48
C GLN I 30 -4.47 -2.96 29.59
N GLY I 31 -3.78 -3.52 30.58
CA GLY I 31 -3.79 -4.95 30.78
C GLY I 31 -3.32 -5.28 32.18
N ALA I 32 -3.66 -6.49 32.63
CA ALA I 32 -3.32 -6.92 33.98
C ALA I 32 -1.97 -7.61 34.01
N TYR I 33 -1.29 -7.49 35.15
CA TYR I 33 -0.02 -8.14 35.44
C TYR I 33 -0.16 -8.99 36.70
N SER I 34 0.90 -9.71 37.03
CA SER I 34 0.97 -10.59 38.18
C SER I 34 2.42 -10.67 38.62
N PRO I 35 2.69 -11.06 39.88
CA PRO I 35 4.08 -11.18 40.33
C PRO I 35 4.95 -12.06 39.44
N GLU I 36 4.34 -12.97 38.68
CA GLU I 36 5.14 -13.85 37.83
C GLU I 36 5.54 -13.19 36.51
N ASP I 37 4.73 -12.26 36.00
CA ASP I 37 5.06 -11.66 34.72
C ASP I 37 4.39 -10.30 34.62
N GLN I 38 5.19 -9.29 34.26
CA GLN I 38 4.73 -7.91 34.14
C GLN I 38 5.00 -7.37 32.74
N SER I 39 5.16 -8.27 31.77
CA SER I 39 5.54 -7.84 30.43
C SER I 39 4.31 -7.56 29.58
N THR I 40 4.52 -6.74 28.57
CA THR I 40 3.52 -6.39 27.58
C THR I 40 4.16 -6.58 26.21
N GLN I 41 3.42 -7.15 25.25
CA GLN I 41 3.91 -7.22 23.89
C GLN I 41 3.05 -6.36 22.97
N TRP I 42 3.70 -5.67 22.05
CA TRP I 42 3.05 -4.85 21.06
C TRP I 42 3.20 -5.48 19.68
N PHE I 43 2.12 -5.43 18.91
CA PHE I 43 2.12 -5.92 17.53
C PHE I 43 1.70 -4.81 16.58
N HIS I 44 2.38 -4.76 15.43
CA HIS I 44 2.03 -3.86 14.33
C HIS I 44 1.84 -4.73 13.09
N ASN I 45 0.63 -4.69 12.51
CA ASN I 45 0.31 -5.54 11.36
C ASN I 45 0.58 -7.00 11.68
N GLU I 46 0.34 -7.37 12.94
CA GLU I 46 0.46 -8.71 13.51
C GLU I 46 1.91 -9.17 13.70
N SER I 47 2.90 -8.28 13.57
CA SER I 47 4.30 -8.59 13.82
C SER I 47 4.75 -7.92 15.11
N LEU I 48 5.57 -8.63 15.87
CA LEU I 48 6.00 -8.13 17.17
C LEU I 48 6.93 -6.93 17.01
N ILE I 49 6.68 -5.87 17.76
CA ILE I 49 7.54 -4.69 17.74
C ILE I 49 8.13 -4.37 19.10
N SER I 50 7.58 -4.89 20.19
CA SER I 50 8.11 -4.60 21.51
C SER I 50 7.68 -5.70 22.48
N SER I 51 8.58 -6.14 23.34
CA SER I 51 8.27 -7.33 24.12
C SER I 51 8.21 -7.12 25.63
N GLN I 52 8.47 -5.91 26.15
CA GLN I 52 8.36 -5.76 27.61
C GLN I 52 7.56 -4.55 28.06
N ALA I 53 7.93 -3.36 27.59
CA ALA I 53 7.38 -2.10 28.08
C ALA I 53 5.87 -2.00 27.83
N SER I 54 5.17 -1.38 28.78
CA SER I 54 3.72 -1.22 28.71
C SER I 54 3.31 -0.33 27.53
N SER I 55 4.02 0.78 27.33
CA SER I 55 3.72 1.73 26.27
C SER I 55 4.67 1.56 25.08
N TYR I 56 4.24 2.04 23.93
CA TYR I 56 5.09 2.06 22.73
C TYR I 56 5.09 3.47 22.18
N PHE I 57 6.27 4.01 21.88
CA PHE I 57 6.40 5.39 21.45
C PHE I 57 6.88 5.43 20.00
N ILE I 58 6.14 6.12 19.16
CA ILE I 58 6.58 6.43 17.81
C ILE I 58 7.12 7.85 17.86
N ASP I 59 8.44 8.01 17.71
CA ASP I 59 9.05 9.33 17.79
C ASP I 59 8.64 10.22 16.62
N ALA I 60 8.79 9.72 15.40
CA ALA I 60 8.56 10.52 14.18
C ALA I 60 7.87 9.64 13.15
N ALA I 61 6.55 9.78 13.01
CA ALA I 61 5.78 8.79 12.26
C ALA I 61 6.15 8.82 10.77
N THR I 62 6.27 7.63 10.19
CA THR I 62 6.40 7.45 8.75
C THR I 62 5.11 6.83 8.22
N VAL I 63 4.93 6.93 6.89
CA VAL I 63 3.77 6.30 6.27
C VAL I 63 3.70 4.82 6.61
N ASP I 64 4.84 4.17 6.76
CA ASP I 64 4.85 2.73 7.02
C ASP I 64 4.37 2.40 8.43
N ASP I 65 4.32 3.38 9.34
CA ASP I 65 3.76 3.15 10.68
C ASP I 65 2.23 3.08 10.68
N SER I 66 1.59 3.41 9.56
CA SER I 66 0.16 3.17 9.42
C SER I 66 -0.13 1.69 9.61
N GLY I 67 -1.38 1.39 9.96
CA GLY I 67 -1.80 0.01 10.07
C GLY I 67 -2.44 -0.26 11.41
N GLU I 68 -2.47 -1.54 11.76
CA GLU I 68 -3.16 -2.03 12.95
C GLU I 68 -2.16 -2.25 14.08
N TYR I 69 -2.55 -1.89 15.30
CA TYR I 69 -1.74 -2.11 16.49
C TYR I 69 -2.55 -2.91 17.49
N ARG I 70 -1.89 -3.88 18.13
CA ARG I 70 -2.48 -4.70 19.17
C ARG I 70 -1.48 -4.85 20.31
N CYS I 71 -1.98 -5.07 21.51
CA CYS I 71 -1.09 -5.38 22.61
C CYS I 71 -1.63 -6.57 23.38
N GLN I 72 -0.78 -7.17 24.20
CA GLN I 72 -1.22 -8.25 25.09
C GLN I 72 -0.35 -8.24 26.35
N THR I 73 -0.93 -8.71 27.44
CA THR I 73 -0.20 -9.20 28.61
C THR I 73 -0.56 -10.67 28.80
N GLN I 74 0.11 -11.32 29.76
CA GLN I 74 -0.20 -12.72 29.98
C GLN I 74 -1.65 -12.91 30.45
N LEU I 75 -2.12 -12.05 31.35
CA LEU I 75 -3.48 -12.16 31.89
C LEU I 75 -4.54 -11.50 31.01
N SER I 76 -4.15 -10.51 30.22
CA SER I 76 -5.08 -9.75 29.37
C SER I 76 -4.70 -10.04 27.93
N THR I 77 -5.52 -10.84 27.25
CA THR I 77 -5.13 -11.43 25.98
C THR I 77 -5.22 -10.40 24.85
N LEU I 78 -4.60 -10.76 23.73
CA LEU I 78 -4.46 -9.90 22.55
C LEU I 78 -5.64 -8.98 22.29
N SER I 79 -5.38 -7.67 22.35
CA SER I 79 -6.40 -6.65 22.19
C SER I 79 -7.04 -6.70 20.80
N ASP I 80 -8.24 -6.14 20.72
CA ASP I 80 -8.76 -5.76 19.43
C ASP I 80 -7.81 -4.74 18.81
N PRO I 81 -7.69 -4.73 17.49
CA PRO I 81 -6.73 -3.82 16.86
C PRO I 81 -7.22 -2.38 16.89
N VAL I 82 -6.26 -1.46 16.95
CA VAL I 82 -6.53 -0.04 16.81
C VAL I 82 -5.77 0.43 15.58
N GLN I 83 -6.46 1.18 14.72
CA GLN I 83 -5.94 1.57 13.42
C GLN I 83 -5.26 2.94 13.48
N LEU I 84 -4.11 3.06 12.82
CA LEU I 84 -3.40 4.32 12.74
C LEU I 84 -3.14 4.65 11.26
N GLU I 85 -3.44 5.88 10.87
CA GLU I 85 -3.23 6.37 9.51
C GLU I 85 -2.20 7.48 9.56
N VAL I 86 -1.09 7.33 8.84
CA VAL I 86 -0.06 8.36 8.75
C VAL I 86 -0.13 8.96 7.35
N HIS I 87 -0.46 10.24 7.27
CA HIS I 87 -0.68 10.87 5.97
C HIS I 87 0.51 11.75 5.60
N ILE I 88 0.67 11.94 4.30
CA ILE I 88 1.64 12.85 3.75
C ILE I 88 0.95 14.19 3.54
N GLY I 89 1.66 15.28 3.82
CA GLY I 89 1.14 16.58 3.43
C GLY I 89 1.41 17.65 4.46
N TRP I 90 1.00 18.88 4.16
CA TRP I 90 1.31 20.00 5.03
C TRP I 90 0.22 20.27 6.07
N LEU I 91 -1.04 19.98 5.76
CA LEU I 91 -2.17 20.29 6.62
C LEU I 91 -3.07 19.08 6.62
N LEU I 92 -3.65 18.78 7.79
CA LEU I 92 -4.49 17.61 7.97
C LEU I 92 -5.59 17.95 8.95
N LEU I 93 -6.84 17.65 8.60
CA LEU I 93 -7.93 17.74 9.56
C LEU I 93 -7.97 16.45 10.37
N GLN I 94 -7.70 16.55 11.67
CA GLN I 94 -7.66 15.38 12.54
C GLN I 94 -8.98 15.16 13.27
N ALA I 95 -9.31 13.89 13.50
CA ALA I 95 -10.48 13.45 14.24
C ALA I 95 -10.04 12.31 15.14
N PRO I 96 -10.68 12.14 16.31
CA PRO I 96 -10.25 11.09 17.24
C PRO I 96 -10.87 9.73 16.94
N ARG I 97 -11.98 9.73 16.22
CA ARG I 97 -12.69 8.49 15.88
C ARG I 97 -13.47 8.71 14.58
N TRP I 98 -14.07 7.62 14.07
CA TRP I 98 -14.81 7.64 12.80
C TRP I 98 -16.26 8.11 12.93
N VAL I 99 -17.02 7.54 13.88
CA VAL I 99 -18.45 7.82 14.00
C VAL I 99 -18.73 8.59 15.28
N PHE I 100 -19.75 9.45 15.22
CA PHE I 100 -20.15 10.34 16.30
C PHE I 100 -21.65 10.23 16.50
N LYS I 101 -22.10 9.90 17.71
CA LYS I 101 -23.52 9.83 18.01
C LYS I 101 -24.05 11.22 18.36
N GLU I 102 -25.34 11.43 18.11
CA GLU I 102 -25.97 12.69 18.49
C GLU I 102 -25.73 13.00 19.95
N GLU I 103 -25.65 14.29 20.26
CA GLU I 103 -25.38 14.88 21.59
C GLU I 103 -23.95 14.62 22.11
N ASP I 104 -23.11 13.82 21.40
CA ASP I 104 -21.70 13.64 21.75
C ASP I 104 -20.86 14.79 21.19
N PRO I 105 -19.74 15.13 21.81
CA PRO I 105 -18.93 16.22 21.27
C PRO I 105 -18.20 15.80 20.00
N ILE I 106 -17.95 16.79 19.15
CA ILE I 106 -17.16 16.60 17.94
C ILE I 106 -15.88 17.43 18.10
N HIS I 107 -14.75 16.76 18.14
CA HIS I 107 -13.47 17.44 18.38
C HIS I 107 -12.61 17.28 17.13
N LEU I 108 -12.34 18.39 16.44
CA LEU I 108 -11.50 18.40 15.24
C LEU I 108 -10.32 19.34 15.43
N ARG I 109 -9.23 19.07 14.70
CA ARG I 109 -8.05 19.91 14.80
C ARG I 109 -7.46 20.10 13.43
N CYS I 110 -7.20 21.35 13.06
CA CYS I 110 -6.45 21.66 11.85
C CYS I 110 -4.97 21.54 12.19
N HIS I 111 -4.35 20.41 11.83
CA HIS I 111 -3.01 20.08 12.28
C HIS I 111 -1.99 20.36 11.18
N SER I 112 -0.93 21.07 11.51
CA SER I 112 0.09 21.39 10.54
C SER I 112 1.32 20.51 10.75
N TRP I 113 2.08 20.36 9.67
CA TRP I 113 3.31 19.57 9.66
C TRP I 113 4.28 20.11 10.70
N LYS I 114 4.75 19.21 11.58
CA LYS I 114 5.62 19.56 12.68
C LYS I 114 5.02 20.63 13.58
N ASN I 115 3.69 20.76 13.60
CA ASN I 115 3.03 21.80 14.40
C ASN I 115 3.54 23.20 14.07
N THR I 116 3.92 23.41 12.81
CA THR I 116 4.28 24.74 12.34
C THR I 116 3.12 25.72 12.52
N ALA I 117 3.44 26.93 12.98
CA ALA I 117 2.40 27.88 13.39
C ALA I 117 1.44 28.20 12.24
N LEU I 118 0.15 28.28 12.58
CA LEU I 118 -0.93 28.50 11.62
C LEU I 118 -1.75 29.73 12.03
N HIS I 119 -2.05 30.59 11.07
CA HIS I 119 -2.79 31.83 11.31
C HIS I 119 -4.04 31.83 10.42
N LYS I 120 -5.05 32.59 10.83
CA LYS I 120 -6.24 32.81 10.00
C LYS I 120 -6.82 31.47 9.51
N VAL I 121 -7.33 30.69 10.48
CA VAL I 121 -7.74 29.31 10.27
C VAL I 121 -9.27 29.23 10.12
N THR I 122 -9.74 28.54 9.08
CA THR I 122 -11.16 28.30 8.85
C THR I 122 -11.42 26.80 8.84
N TYR I 123 -12.45 26.36 9.57
CA TYR I 123 -12.99 25.02 9.42
C TYR I 123 -14.26 25.12 8.59
N LEU I 124 -14.35 24.31 7.54
CA LEU I 124 -15.47 24.36 6.62
C LEU I 124 -16.28 23.08 6.67
N GLN I 125 -17.60 23.23 6.57
CA GLN I 125 -18.50 22.11 6.41
C GLN I 125 -19.29 22.26 5.11
N ASN I 126 -19.26 21.23 4.27
CA ASN I 126 -19.92 21.20 2.97
C ASN I 126 -19.67 22.49 2.18
N GLY I 127 -18.42 22.98 2.23
CA GLY I 127 -18.02 24.12 1.44
C GLY I 127 -18.17 25.47 2.10
N LYS I 128 -18.83 25.55 3.25
CA LYS I 128 -19.15 26.83 3.89
C LYS I 128 -18.32 27.01 5.15
N GLY I 129 -17.68 28.17 5.27
CA GLY I 129 -17.07 28.60 6.51
C GLY I 129 -17.97 28.34 7.70
N ARG I 130 -17.47 27.58 8.66
CA ARG I 130 -18.22 27.24 9.85
C ARG I 130 -17.68 27.92 11.10
N LYS I 131 -16.37 28.13 11.17
CA LYS I 131 -15.71 28.71 12.32
C LYS I 131 -14.36 29.26 11.88
N TYR I 132 -13.94 30.39 12.49
CA TYR I 132 -12.73 31.11 12.11
C TYR I 132 -11.98 31.56 13.36
N PHE I 133 -10.65 31.42 13.32
CA PHE I 133 -9.76 31.93 14.36
C PHE I 133 -8.60 32.65 13.70
N HIS I 134 -8.12 33.71 14.36
CA HIS I 134 -6.87 34.32 13.89
C HIS I 134 -5.66 33.48 14.28
N HIS I 135 -5.74 32.77 15.40
CA HIS I 135 -4.68 31.87 15.83
C HIS I 135 -5.26 30.46 15.93
N ASN I 136 -4.48 29.48 15.47
CA ASN I 136 -5.01 28.12 15.35
C ASN I 136 -5.59 27.62 16.66
N SER I 137 -6.91 27.38 16.68
CA SER I 137 -7.59 26.70 17.77
C SER I 137 -8.20 25.42 17.24
N ASP I 138 -8.54 24.52 18.15
CA ASP I 138 -9.30 23.35 17.80
C ASP I 138 -10.76 23.71 17.49
N PHE I 139 -11.41 22.85 16.72
CA PHE I 139 -12.83 22.92 16.42
C PHE I 139 -13.55 21.98 17.37
N TYR I 140 -14.45 22.53 18.19
CA TYR I 140 -15.10 21.73 19.22
C TYR I 140 -16.59 22.02 19.18
N ILE I 141 -17.37 21.06 18.67
CA ILE I 141 -18.82 21.10 18.73
C ILE I 141 -19.26 20.39 20.01
N PRO I 142 -19.81 21.11 21.00
CA PRO I 142 -20.13 20.45 22.29
C PRO I 142 -21.17 19.35 22.20
N LYS I 143 -22.24 19.55 21.43
CA LYS I 143 -23.33 18.59 21.34
C LYS I 143 -23.66 18.38 19.87
N ALA I 144 -23.39 17.16 19.36
CA ALA I 144 -23.50 16.91 17.93
C ALA I 144 -24.96 16.76 17.53
N THR I 145 -25.36 17.46 16.46
CA THR I 145 -26.68 17.24 15.87
C THR I 145 -26.50 16.61 14.50
N LEU I 146 -27.59 16.04 14.00
CA LEU I 146 -27.50 15.38 12.70
C LEU I 146 -27.18 16.38 11.57
N LYS I 147 -27.45 17.68 11.77
CA LYS I 147 -27.05 18.69 10.80
C LYS I 147 -25.54 18.87 10.72
N ASP I 148 -24.79 18.26 11.64
CA ASP I 148 -23.33 18.35 11.65
C ASP I 148 -22.67 17.39 10.68
N SER I 149 -23.40 16.42 10.12
CA SER I 149 -22.84 15.54 9.11
C SER I 149 -22.44 16.34 7.87
N GLY I 150 -21.39 15.89 7.20
CA GLY I 150 -20.93 16.58 6.01
C GLY I 150 -19.46 16.32 5.73
N SER I 151 -18.98 16.95 4.65
CA SER I 151 -17.58 16.92 4.26
C SER I 151 -16.90 18.12 4.90
N TYR I 152 -15.87 17.86 5.69
CA TYR I 152 -15.15 18.92 6.38
C TYR I 152 -13.72 19.00 5.84
N PHE I 153 -13.20 20.23 5.79
CA PHE I 153 -11.76 20.43 5.64
C PHE I 153 -11.39 21.74 6.34
N CYS I 154 -10.08 21.99 6.46
CA CYS I 154 -9.66 23.22 7.09
C CYS I 154 -8.62 23.88 6.21
N ARG I 155 -8.39 25.16 6.48
CA ARG I 155 -7.46 25.96 5.69
C ARG I 155 -6.94 27.11 6.55
N GLY I 156 -5.70 27.46 6.32
CA GLY I 156 -5.03 28.45 7.15
C GLY I 156 -3.89 29.07 6.38
N LEU I 157 -3.43 30.21 6.88
CA LEU I 157 -2.32 30.93 6.28
C LEU I 157 -1.02 30.51 6.95
N PHE I 158 -0.06 30.06 6.15
CA PHE I 158 1.31 29.77 6.62
C PHE I 158 2.17 30.90 6.10
N GLY I 159 2.41 31.90 6.94
CA GLY I 159 3.20 33.03 6.49
C GLY I 159 2.48 33.81 5.39
N SER I 160 2.92 33.60 4.13
CA SER I 160 2.29 34.24 2.99
C SER I 160 1.67 33.25 2.01
N LYS I 161 1.34 32.03 2.44
CA LYS I 161 0.74 31.03 1.55
C LYS I 161 -0.37 30.25 2.27
N ASN I 162 -1.58 30.28 1.70
CA ASN I 162 -2.71 29.49 2.19
C ASN I 162 -2.56 28.04 1.78
N VAL I 163 -2.95 27.14 2.69
CA VAL I 163 -2.95 25.71 2.46
C VAL I 163 -4.29 25.18 2.95
N SER I 164 -4.83 24.21 2.23
CA SER I 164 -6.07 23.51 2.58
C SER I 164 -5.75 22.06 2.88
N SER I 165 -6.42 21.50 3.89
CA SER I 165 -6.34 20.06 4.08
C SER I 165 -7.28 19.35 3.10
N GLU I 166 -7.04 18.05 2.93
CA GLU I 166 -8.01 17.22 2.23
C GLU I 166 -9.27 17.06 3.09
N THR I 167 -10.36 16.66 2.44
CA THR I 167 -11.67 16.53 3.10
C THR I 167 -11.76 15.25 3.89
N VAL I 168 -12.61 15.29 4.92
CA VAL I 168 -12.95 14.12 5.72
C VAL I 168 -14.47 14.07 5.87
N GLN I 169 -15.03 12.88 5.78
CA GLN I 169 -16.46 12.69 5.95
C GLN I 169 -16.76 12.46 7.43
N ILE I 170 -17.56 13.34 8.02
CA ILE I 170 -18.01 13.24 9.41
C ILE I 170 -19.47 12.82 9.40
N THR I 171 -19.76 11.67 10.01
CA THR I 171 -21.10 11.09 10.05
C THR I 171 -21.63 11.11 11.47
N ILE I 172 -22.76 11.76 11.67
CA ILE I 172 -23.47 11.75 12.94
C ILE I 172 -24.44 10.58 12.92
N THR I 173 -24.23 9.62 13.81
CA THR I 173 -25.05 8.41 13.92
C THR I 173 -25.95 8.49 15.14
N GLN I 174 -26.34 7.33 15.70
CA GLN I 174 -27.14 7.29 16.94
C GLN I 174 -26.43 6.57 18.07
N LEU J 5 -33.01 -33.93 -54.20
CA LEU J 5 -33.07 -33.34 -55.54
C LEU J 5 -32.25 -32.03 -55.69
N PRO J 6 -32.44 -31.04 -54.81
CA PRO J 6 -31.69 -29.80 -54.96
C PRO J 6 -30.31 -29.89 -54.32
N LYS J 7 -29.38 -29.07 -54.82
CA LYS J 7 -28.04 -29.01 -54.26
C LYS J 7 -28.09 -28.24 -52.94
N ALA J 8 -27.76 -28.93 -51.83
CA ALA J 8 -27.63 -28.25 -50.55
C ALA J 8 -26.47 -27.25 -50.61
N VAL J 9 -26.45 -26.33 -49.65
CA VAL J 9 -25.49 -25.25 -49.63
C VAL J 9 -25.00 -25.05 -48.21
N VAL J 10 -23.68 -24.98 -48.03
CA VAL J 10 -23.07 -24.70 -46.73
C VAL J 10 -22.71 -23.23 -46.68
N PHE J 11 -23.06 -22.58 -45.57
CA PHE J 11 -22.69 -21.20 -45.31
C PHE J 11 -21.87 -21.13 -44.02
N LEU J 12 -21.10 -20.04 -43.89
CA LEU J 12 -20.26 -19.79 -42.73
C LEU J 12 -20.77 -18.61 -41.94
N GLU J 13 -20.82 -18.77 -40.62
CA GLU J 13 -21.11 -17.67 -39.68
C GLU J 13 -19.96 -17.54 -38.69
N PRO J 14 -19.21 -16.44 -38.70
CA PRO J 14 -19.28 -15.36 -39.70
C PRO J 14 -18.68 -15.87 -41.01
N GLN J 15 -18.68 -15.08 -42.09
CA GLN J 15 -18.38 -15.64 -43.40
C GLN J 15 -16.89 -15.80 -43.67
N TRP J 16 -16.03 -15.49 -42.70
CA TRP J 16 -14.59 -15.65 -42.89
C TRP J 16 -14.23 -17.11 -43.09
N TYR J 17 -13.56 -17.43 -44.20
CA TYR J 17 -13.09 -18.79 -44.36
C TYR J 17 -11.66 -18.97 -43.85
N ARG J 18 -10.97 -17.87 -43.56
CA ARG J 18 -9.68 -17.89 -42.87
C ARG J 18 -9.91 -17.46 -41.43
N VAL J 19 -9.63 -18.36 -40.49
CA VAL J 19 -9.80 -18.09 -39.08
C VAL J 19 -8.53 -18.50 -38.35
N LEU J 20 -8.43 -18.06 -37.10
CA LEU J 20 -7.30 -18.40 -36.24
C LEU J 20 -7.70 -19.49 -35.26
N GLU J 21 -6.70 -20.19 -34.74
CA GLU J 21 -6.95 -21.11 -33.63
C GLU J 21 -7.69 -20.38 -32.51
N LYS J 22 -8.58 -21.10 -31.84
CA LYS J 22 -9.45 -20.62 -30.77
C LYS J 22 -10.59 -19.73 -31.26
N ASP J 23 -10.68 -19.43 -32.57
CA ASP J 23 -11.88 -18.82 -33.11
C ASP J 23 -13.04 -19.79 -33.08
N SER J 24 -14.25 -19.26 -33.03
CA SER J 24 -15.46 -20.07 -33.16
C SER J 24 -16.05 -19.90 -34.56
N VAL J 25 -16.56 -20.99 -35.12
CA VAL J 25 -17.18 -20.98 -36.44
C VAL J 25 -18.49 -21.76 -36.39
N THR J 26 -19.51 -21.28 -37.11
CA THR J 26 -20.76 -22.02 -37.29
C THR J 26 -20.95 -22.35 -38.77
N LEU J 27 -21.17 -23.63 -39.07
CA LEU J 27 -21.57 -24.05 -40.40
C LEU J 27 -23.07 -24.33 -40.41
N LYS J 28 -23.72 -24.01 -41.54
CA LYS J 28 -25.16 -24.21 -41.68
C LYS J 28 -25.48 -24.89 -43.01
N CYS J 29 -26.53 -25.73 -42.99
CA CYS J 29 -27.09 -26.37 -44.18
C CYS J 29 -28.33 -25.63 -44.66
N GLN J 30 -28.56 -25.65 -45.96
CA GLN J 30 -29.78 -25.08 -46.54
C GLN J 30 -30.29 -26.00 -47.65
N GLY J 31 -30.54 -27.26 -47.28
CA GLY J 31 -31.18 -28.20 -48.19
C GLY J 31 -32.69 -28.22 -48.03
N ALA J 32 -33.34 -28.97 -48.92
CA ALA J 32 -34.80 -29.04 -48.98
C ALA J 32 -35.41 -29.43 -47.63
N GLN J 38 -37.62 -33.84 -41.85
CA GLN J 38 -36.59 -34.61 -41.15
C GLN J 38 -35.43 -33.69 -40.71
N SER J 39 -34.20 -34.10 -40.99
CA SER J 39 -33.02 -33.37 -40.53
C SER J 39 -31.91 -33.44 -41.59
N THR J 40 -30.72 -32.97 -41.23
CA THR J 40 -29.61 -32.77 -42.15
C THR J 40 -28.48 -33.78 -41.87
N GLN J 41 -27.31 -33.50 -42.44
CA GLN J 41 -26.15 -34.39 -42.34
C GLN J 41 -24.90 -33.62 -42.74
N TRP J 42 -23.82 -33.84 -42.00
CA TRP J 42 -22.58 -33.09 -42.18
C TRP J 42 -21.44 -34.01 -42.58
N PHE J 43 -20.49 -33.45 -43.33
CA PHE J 43 -19.33 -34.18 -43.82
C PHE J 43 -18.09 -33.32 -43.63
N HIS J 44 -17.01 -33.94 -43.13
CA HIS J 44 -15.76 -33.28 -42.81
C HIS J 44 -14.61 -34.08 -43.39
N ASN J 45 -13.87 -33.48 -44.33
CA ASN J 45 -12.83 -34.18 -45.09
C ASN J 45 -13.40 -35.46 -45.72
N GLU J 46 -14.56 -35.32 -46.36
CA GLU J 46 -15.28 -36.41 -47.01
C GLU J 46 -15.71 -37.52 -46.04
N SER J 47 -15.86 -37.20 -44.75
CA SER J 47 -16.26 -38.19 -43.75
C SER J 47 -17.24 -37.56 -42.78
N LEU J 48 -18.34 -38.28 -42.49
CA LEU J 48 -19.48 -37.71 -41.75
C LEU J 48 -19.03 -37.06 -40.46
N ILE J 49 -19.78 -36.03 -40.05
CA ILE J 49 -19.42 -35.17 -38.92
C ILE J 49 -20.52 -35.17 -37.86
N SER J 50 -21.76 -34.87 -38.24
CA SER J 50 -22.86 -34.76 -37.28
C SER J 50 -23.98 -35.72 -37.63
N SER J 51 -25.15 -35.49 -37.04
CA SER J 51 -26.28 -36.38 -37.23
C SER J 51 -27.51 -35.63 -37.71
N GLN J 52 -27.99 -34.67 -36.91
CA GLN J 52 -29.20 -33.93 -37.24
C GLN J 52 -29.05 -32.43 -37.09
N ALA J 53 -27.97 -31.94 -36.47
CA ALA J 53 -27.75 -30.51 -36.30
C ALA J 53 -27.77 -29.81 -37.65
N SER J 54 -28.78 -28.97 -37.90
CA SER J 54 -28.77 -28.17 -39.12
C SER J 54 -27.62 -27.19 -39.14
N SER J 55 -27.05 -26.89 -37.97
CA SER J 55 -25.91 -25.99 -37.84
C SER J 55 -24.89 -26.64 -36.90
N TYR J 56 -23.79 -27.12 -37.48
CA TYR J 56 -22.71 -27.70 -36.71
C TYR J 56 -21.77 -26.60 -36.23
N PHE J 57 -21.27 -26.74 -35.00
CA PHE J 57 -20.59 -25.65 -34.30
C PHE J 57 -19.17 -26.04 -33.90
N ILE J 58 -18.20 -25.23 -34.32
CA ILE J 58 -16.80 -25.37 -33.91
C ILE J 58 -16.55 -24.35 -32.82
N ASP J 59 -16.31 -24.82 -31.60
CA ASP J 59 -16.22 -23.91 -30.46
C ASP J 59 -14.90 -23.15 -30.43
N ALA J 60 -13.78 -23.84 -30.53
CA ALA J 60 -12.44 -23.23 -30.49
C ALA J 60 -11.58 -23.98 -31.49
N ALA J 61 -11.34 -23.36 -32.65
CA ALA J 61 -10.84 -24.08 -33.79
C ALA J 61 -9.42 -24.58 -33.55
N THR J 62 -9.18 -25.83 -33.91
CA THR J 62 -7.85 -26.40 -34.02
C THR J 62 -7.49 -26.53 -35.51
N VAL J 63 -6.20 -26.78 -35.77
CA VAL J 63 -5.74 -26.97 -37.14
C VAL J 63 -6.46 -28.14 -37.79
N ASP J 64 -6.76 -29.17 -37.02
CA ASP J 64 -7.44 -30.34 -37.56
C ASP J 64 -8.85 -30.02 -38.01
N ASP J 65 -9.44 -28.93 -37.51
CA ASP J 65 -10.74 -28.48 -37.99
C ASP J 65 -10.68 -27.89 -39.40
N SER J 66 -9.50 -27.81 -40.00
CA SER J 66 -9.40 -27.35 -41.38
C SER J 66 -9.92 -28.43 -42.33
N GLY J 67 -9.93 -28.10 -43.61
CA GLY J 67 -10.35 -29.02 -44.66
C GLY J 67 -11.64 -28.60 -45.33
N GLU J 68 -12.31 -29.58 -45.94
CA GLU J 68 -13.52 -29.34 -46.69
C GLU J 68 -14.72 -29.91 -45.96
N TYR J 69 -15.87 -29.24 -46.14
CA TYR J 69 -17.11 -29.63 -45.48
C TYR J 69 -18.22 -29.67 -46.51
N ARG J 70 -18.93 -30.80 -46.57
CA ARG J 70 -20.09 -30.98 -47.43
C ARG J 70 -21.30 -31.28 -46.56
N CYS J 71 -22.48 -31.24 -47.17
CA CYS J 71 -23.71 -31.22 -46.40
C CYS J 71 -24.87 -31.74 -47.26
N GLN J 72 -25.71 -32.59 -46.66
CA GLN J 72 -26.91 -33.11 -47.31
C GLN J 72 -28.01 -33.29 -46.25
N THR J 73 -29.26 -33.10 -46.67
CA THR J 73 -30.40 -33.00 -45.76
C THR J 73 -31.56 -33.91 -46.18
N GLN J 74 -32.76 -33.55 -45.73
CA GLN J 74 -34.00 -34.15 -46.19
C GLN J 74 -34.15 -33.98 -47.70
N LEU J 75 -34.22 -35.11 -48.41
CA LEU J 75 -34.51 -35.13 -49.85
C LEU J 75 -33.78 -34.03 -50.62
N SER J 76 -32.46 -34.14 -50.69
CA SER J 76 -31.62 -33.15 -51.36
C SER J 76 -30.30 -33.86 -51.68
N THR J 77 -29.49 -33.23 -52.54
CA THR J 77 -28.25 -33.87 -52.93
C THR J 77 -27.11 -33.32 -52.07
N LEU J 78 -25.87 -33.66 -52.41
CA LEU J 78 -24.71 -33.25 -51.64
C LEU J 78 -24.23 -31.87 -52.09
N SER J 79 -23.76 -31.09 -51.13
CA SER J 79 -23.42 -29.70 -51.37
C SER J 79 -22.06 -29.56 -52.04
N ASP J 80 -21.92 -28.53 -52.87
CA ASP J 80 -20.60 -28.07 -53.25
C ASP J 80 -19.74 -27.90 -51.99
N PRO J 81 -18.49 -28.34 -52.00
CA PRO J 81 -17.69 -28.27 -50.77
C PRO J 81 -17.32 -26.83 -50.43
N VAL J 82 -17.03 -26.61 -49.15
CA VAL J 82 -16.62 -25.32 -48.63
C VAL J 82 -15.34 -25.50 -47.83
N GLN J 83 -14.35 -24.65 -48.07
CA GLN J 83 -13.04 -24.79 -47.45
C GLN J 83 -12.97 -23.94 -46.19
N LEU J 84 -12.50 -24.54 -45.09
CA LEU J 84 -12.17 -23.84 -43.86
C LEU J 84 -10.67 -23.92 -43.61
N GLU J 85 -10.03 -22.76 -43.44
CA GLU J 85 -8.61 -22.67 -43.11
C GLU J 85 -8.45 -22.18 -41.69
N VAL J 86 -7.79 -22.97 -40.84
CA VAL J 86 -7.52 -22.61 -39.45
C VAL J 86 -6.03 -22.35 -39.31
N HIS J 87 -5.67 -21.08 -39.08
CA HIS J 87 -4.29 -20.64 -39.13
C HIS J 87 -3.70 -20.48 -37.73
N ILE J 88 -2.37 -20.38 -37.69
CA ILE J 88 -1.59 -20.24 -36.47
C ILE J 88 -0.99 -18.86 -36.46
N GLY J 89 -0.98 -18.24 -35.30
CA GLY J 89 -0.22 -17.03 -35.15
C GLY J 89 -1.04 -15.98 -34.46
N TRP J 90 -0.52 -14.76 -34.50
CA TRP J 90 -1.17 -13.65 -33.81
C TRP J 90 -2.01 -12.76 -34.71
N LEU J 91 -1.64 -12.60 -35.98
CA LEU J 91 -2.38 -11.77 -36.92
C LEU J 91 -2.80 -12.61 -38.12
N LEU J 92 -4.02 -12.35 -38.61
CA LEU J 92 -4.53 -13.07 -39.77
C LEU J 92 -5.38 -12.10 -40.56
N LEU J 93 -5.07 -11.95 -41.85
CA LEU J 93 -5.91 -11.17 -42.76
C LEU J 93 -7.01 -12.10 -43.27
N GLN J 94 -8.23 -11.92 -42.80
CA GLN J 94 -9.33 -12.78 -43.21
C GLN J 94 -10.13 -12.12 -44.32
N ALA J 95 -10.75 -12.97 -45.13
CA ALA J 95 -11.58 -12.57 -46.25
C ALA J 95 -12.78 -13.51 -46.31
N PRO J 96 -13.93 -13.01 -46.80
CA PRO J 96 -15.11 -13.90 -46.91
C PRO J 96 -14.99 -14.94 -48.00
N ARG J 97 -14.38 -14.59 -49.13
CA ARG J 97 -14.06 -15.53 -50.19
C ARG J 97 -12.76 -15.08 -50.85
N TRP J 98 -12.31 -15.82 -51.87
CA TRP J 98 -11.07 -15.49 -52.55
C TRP J 98 -11.28 -14.88 -53.94
N VAL J 99 -12.43 -15.08 -54.56
CA VAL J 99 -12.73 -14.55 -55.88
C VAL J 99 -13.77 -13.46 -55.73
N PHE J 100 -13.41 -12.24 -56.14
CA PHE J 100 -14.28 -11.07 -56.10
C PHE J 100 -14.62 -10.62 -57.52
N LYS J 101 -15.91 -10.41 -57.78
CA LYS J 101 -16.32 -9.83 -59.06
C LYS J 101 -16.22 -8.30 -59.00
N GLU J 102 -15.98 -7.69 -60.16
CA GLU J 102 -15.94 -6.23 -60.24
C GLU J 102 -17.22 -5.62 -59.71
N GLU J 103 -17.13 -4.37 -59.27
CA GLU J 103 -18.22 -3.58 -58.70
C GLU J 103 -18.79 -4.13 -57.39
N ASP J 104 -18.40 -5.34 -56.95
CA ASP J 104 -18.78 -5.90 -55.66
C ASP J 104 -17.95 -5.29 -54.53
N PRO J 105 -18.36 -5.45 -53.27
CA PRO J 105 -17.53 -4.94 -52.18
C PRO J 105 -16.36 -5.87 -51.86
N ILE J 106 -15.32 -5.27 -51.28
CA ILE J 106 -14.16 -6.00 -50.79
C ILE J 106 -14.09 -5.76 -49.28
N HIS J 107 -14.27 -6.83 -48.51
CA HIS J 107 -14.41 -6.72 -47.06
C HIS J 107 -13.32 -7.59 -46.44
N LEU J 108 -12.39 -6.95 -45.76
CA LEU J 108 -11.28 -7.67 -45.17
C LEU J 108 -11.17 -7.31 -43.70
N ARG J 109 -10.58 -8.23 -42.93
CA ARG J 109 -10.37 -7.96 -41.52
C ARG J 109 -9.00 -8.40 -41.06
N CYS J 110 -8.31 -7.49 -40.38
CA CYS J 110 -7.06 -7.80 -39.68
C CYS J 110 -7.41 -8.35 -38.30
N HIS J 111 -7.35 -9.67 -38.17
CA HIS J 111 -7.89 -10.39 -37.03
C HIS J 111 -6.76 -10.84 -36.11
N SER J 112 -6.90 -10.60 -34.82
CA SER J 112 -5.89 -10.99 -33.85
C SER J 112 -6.35 -12.20 -33.03
N TRP J 113 -5.38 -12.96 -32.54
CA TRP J 113 -5.63 -14.09 -31.65
C TRP J 113 -6.51 -13.67 -30.48
N LYS J 114 -7.66 -14.32 -30.34
CA LYS J 114 -8.64 -14.04 -29.29
C LYS J 114 -9.10 -12.59 -29.30
N ASN J 115 -9.00 -11.93 -30.45
CA ASN J 115 -9.45 -10.54 -30.59
C ASN J 115 -8.70 -9.61 -29.65
N THR J 116 -7.44 -9.92 -29.36
CA THR J 116 -6.64 -9.02 -28.53
C THR J 116 -6.57 -7.65 -29.21
N ALA J 117 -6.69 -6.60 -28.41
CA ALA J 117 -6.89 -5.27 -28.97
C ALA J 117 -5.70 -4.83 -29.81
N LEU J 118 -6.01 -4.23 -30.96
CA LEU J 118 -5.01 -3.77 -31.91
C LEU J 118 -5.15 -2.27 -32.11
N HIS J 119 -4.04 -1.59 -32.36
CA HIS J 119 -4.08 -0.19 -32.77
C HIS J 119 -2.97 0.08 -33.80
N LYS J 120 -3.06 1.24 -34.45
CA LYS J 120 -2.14 1.59 -35.53
C LYS J 120 -2.08 0.50 -36.59
N VAL J 121 -3.25 0.10 -37.11
CA VAL J 121 -3.32 -0.97 -38.09
C VAL J 121 -3.27 -0.35 -39.48
N THR J 122 -2.55 -1.03 -40.39
CA THR J 122 -2.51 -0.68 -41.80
C THR J 122 -2.82 -1.92 -42.59
N TYR J 123 -3.61 -1.76 -43.65
CA TYR J 123 -3.81 -2.78 -44.66
C TYR J 123 -2.93 -2.42 -45.85
N LEU J 124 -2.24 -3.41 -46.42
CA LEU J 124 -1.28 -3.19 -47.49
C LEU J 124 -1.64 -3.99 -48.72
N GLN J 125 -1.47 -3.35 -49.88
CA GLN J 125 -1.65 -3.98 -51.18
C GLN J 125 -0.32 -3.90 -51.93
N ASN J 126 0.18 -5.05 -52.37
CA ASN J 126 1.42 -5.19 -53.15
C ASN J 126 2.63 -4.55 -52.48
N GLY J 127 2.59 -4.34 -51.17
CA GLY J 127 3.67 -3.79 -50.42
C GLY J 127 3.47 -2.36 -49.95
N LYS J 128 2.40 -1.70 -50.35
CA LYS J 128 2.19 -0.29 -50.02
C LYS J 128 0.92 -0.09 -49.21
N GLY J 129 0.98 0.80 -48.24
CA GLY J 129 -0.15 1.14 -47.41
C GLY J 129 -1.35 1.60 -48.20
N ARG J 130 -2.52 1.03 -47.91
CA ARG J 130 -3.77 1.41 -48.56
C ARG J 130 -4.76 2.03 -47.60
N LYS J 131 -4.76 1.61 -46.34
CA LYS J 131 -5.71 2.10 -45.33
C LYS J 131 -5.04 2.03 -43.96
N TYR J 132 -5.18 3.11 -43.17
CA TYR J 132 -4.62 3.17 -41.83
C TYR J 132 -5.69 3.57 -40.83
N PHE J 133 -5.71 2.89 -39.68
CA PHE J 133 -6.64 3.18 -38.60
C PHE J 133 -5.91 3.38 -37.28
N HIS J 134 -6.31 4.39 -36.53
CA HIS J 134 -5.79 4.55 -35.18
C HIS J 134 -6.25 3.42 -34.28
N HIS J 135 -7.52 3.02 -34.42
CA HIS J 135 -8.13 1.92 -33.68
C HIS J 135 -8.59 0.85 -34.65
N ASN J 136 -8.31 -0.41 -34.33
CA ASN J 136 -8.51 -1.49 -35.29
C ASN J 136 -9.91 -1.47 -35.87
N SER J 137 -9.99 -1.60 -37.20
CA SER J 137 -11.25 -1.54 -37.92
C SER J 137 -11.16 -2.44 -39.14
N ASP J 138 -12.30 -2.69 -39.77
CA ASP J 138 -12.29 -3.50 -40.97
C ASP J 138 -11.88 -2.66 -42.18
N PHE J 139 -11.43 -3.35 -43.21
CA PHE J 139 -11.11 -2.75 -44.50
C PHE J 139 -12.28 -3.02 -45.43
N TYR J 140 -12.97 -1.97 -45.87
CA TYR J 140 -14.17 -2.13 -46.69
C TYR J 140 -14.05 -1.26 -47.94
N ILE J 141 -13.91 -1.90 -49.09
CA ILE J 141 -13.89 -1.24 -50.39
C ILE J 141 -15.29 -1.36 -50.98
N PRO J 142 -16.09 -0.28 -51.03
CA PRO J 142 -17.48 -0.40 -51.53
C PRO J 142 -17.63 -1.07 -52.90
N LYS J 143 -16.92 -0.57 -53.92
CA LYS J 143 -17.01 -1.10 -55.28
C LYS J 143 -15.63 -1.55 -55.73
N ALA J 144 -15.51 -2.82 -56.10
CA ALA J 144 -14.23 -3.38 -56.47
C ALA J 144 -13.85 -2.99 -57.89
N THR J 145 -12.57 -2.77 -58.11
CA THR J 145 -12.00 -2.49 -59.42
C THR J 145 -10.86 -3.46 -59.70
N LEU J 146 -10.46 -3.56 -60.97
CA LEU J 146 -9.32 -4.40 -61.30
C LEU J 146 -8.03 -3.93 -60.63
N LYS J 147 -7.93 -2.64 -60.28
CA LYS J 147 -6.75 -2.10 -59.62
C LYS J 147 -6.63 -2.56 -58.18
N ASP J 148 -7.66 -3.22 -57.66
CA ASP J 148 -7.69 -3.72 -56.29
C ASP J 148 -7.12 -5.12 -56.17
N SER J 149 -6.81 -5.76 -57.30
CA SER J 149 -6.15 -7.06 -57.21
C SER J 149 -4.73 -6.88 -56.69
N GLY J 150 -4.19 -7.93 -56.09
CA GLY J 150 -2.83 -7.86 -55.57
C GLY J 150 -2.67 -8.65 -54.28
N SER J 151 -1.42 -8.64 -53.79
CA SER J 151 -1.08 -9.32 -52.55
C SER J 151 -1.36 -8.39 -51.39
N TYR J 152 -2.13 -8.86 -50.42
CA TYR J 152 -2.56 -8.05 -49.29
C TYR J 152 -2.02 -8.65 -47.99
N PHE J 153 -1.70 -7.77 -47.04
CA PHE J 153 -1.49 -8.19 -45.66
C PHE J 153 -1.77 -7.00 -44.77
N CYS J 154 -1.82 -7.24 -43.45
CA CYS J 154 -2.03 -6.16 -42.50
C CYS J 154 -0.97 -6.23 -41.41
N ARG J 155 -0.88 -5.15 -40.64
CA ARG J 155 0.09 -5.04 -39.57
C ARG J 155 -0.43 -4.05 -38.54
N GLY J 156 -0.13 -4.30 -37.27
CA GLY J 156 -0.55 -3.37 -36.24
C GLY J 156 0.27 -3.57 -34.98
N LEU J 157 0.09 -2.62 -34.06
CA LEU J 157 0.84 -2.57 -32.81
C LEU J 157 0.11 -3.34 -31.70
N PHE J 158 0.76 -4.36 -31.13
CA PHE J 158 0.26 -5.04 -29.93
C PHE J 158 1.11 -4.51 -28.78
N GLY J 159 0.61 -3.49 -28.10
CA GLY J 159 1.39 -2.86 -27.06
C GLY J 159 2.68 -2.27 -27.58
N SER J 160 3.82 -2.92 -27.33
CA SER J 160 5.10 -2.42 -27.79
C SER J 160 5.72 -3.29 -28.88
N LYS J 161 4.97 -4.22 -29.45
CA LYS J 161 5.48 -5.12 -30.48
C LYS J 161 4.60 -5.02 -31.72
N ASN J 162 5.22 -4.63 -32.84
CA ASN J 162 4.54 -4.68 -34.12
C ASN J 162 4.46 -6.11 -34.63
N VAL J 163 3.34 -6.48 -35.24
CA VAL J 163 3.18 -7.79 -35.84
C VAL J 163 2.49 -7.61 -37.18
N SER J 164 2.85 -8.45 -38.15
CA SER J 164 2.24 -8.40 -39.46
C SER J 164 1.81 -9.81 -39.86
N SER J 165 0.75 -9.88 -40.66
CA SER J 165 0.15 -11.14 -41.07
C SER J 165 0.82 -11.68 -42.34
N GLU J 166 0.60 -12.96 -42.60
CA GLU J 166 0.94 -13.53 -43.90
C GLU J 166 0.09 -12.87 -44.99
N THR J 167 0.59 -12.92 -46.23
CA THR J 167 -0.11 -12.30 -47.35
C THR J 167 -1.22 -13.18 -47.88
N VAL J 168 -2.23 -12.54 -48.48
CA VAL J 168 -3.29 -13.23 -49.21
C VAL J 168 -3.40 -12.57 -50.57
N GLN J 169 -3.66 -13.38 -51.59
CA GLN J 169 -3.81 -12.87 -52.95
C GLN J 169 -5.28 -12.62 -53.25
N ILE J 170 -5.64 -11.36 -53.52
CA ILE J 170 -7.00 -10.97 -53.87
C ILE J 170 -7.03 -10.74 -55.37
N THR J 171 -7.82 -11.55 -56.09
CA THR J 171 -7.97 -11.43 -57.53
C THR J 171 -9.37 -10.95 -57.86
N ILE J 172 -9.46 -9.76 -58.47
CA ILE J 172 -10.72 -9.16 -58.88
C ILE J 172 -11.07 -9.65 -60.28
N THR J 173 -12.11 -10.47 -60.39
CA THR J 173 -12.54 -11.05 -61.65
C THR J 173 -13.76 -10.33 -62.20
N GLN J 174 -14.27 -10.85 -63.32
CA GLN J 174 -15.33 -10.21 -64.10
C GLN J 174 -16.57 -11.10 -64.20
N PRO K 6 47.45 5.59 -4.76
CA PRO K 6 46.73 6.64 -4.04
C PRO K 6 45.91 6.11 -2.87
N LYS K 7 46.31 6.41 -1.63
CA LYS K 7 45.59 5.98 -0.45
C LYS K 7 44.68 7.10 0.06
N ALA K 8 43.54 6.71 0.63
CA ALA K 8 42.57 7.68 1.12
C ALA K 8 42.83 8.05 2.58
N VAL K 9 42.24 9.17 2.99
CA VAL K 9 42.38 9.68 4.36
C VAL K 9 40.99 9.88 4.94
N VAL K 10 40.81 9.49 6.20
CA VAL K 10 39.57 9.71 6.93
C VAL K 10 39.78 10.84 7.93
N PHE K 11 38.82 11.76 7.99
CA PHE K 11 38.85 12.86 8.93
C PHE K 11 37.67 12.76 9.89
N LEU K 12 37.88 13.17 11.13
CA LEU K 12 36.83 13.30 12.11
C LEU K 12 36.36 14.74 12.17
N GLU K 13 35.05 14.93 12.30
CA GLU K 13 34.49 16.26 12.47
C GLU K 13 33.41 16.22 13.53
N PRO K 14 33.59 16.89 14.69
CA PRO K 14 34.78 17.63 15.11
C PRO K 14 35.95 16.68 15.34
N GLN K 15 37.15 17.19 15.55
CA GLN K 15 38.34 16.35 15.46
C GLN K 15 38.62 15.52 16.70
N TRP K 16 37.76 15.57 17.72
CA TRP K 16 37.99 14.78 18.93
C TRP K 16 37.85 13.30 18.64
N TYR K 17 38.90 12.52 18.94
CA TYR K 17 38.78 11.07 18.80
C TYR K 17 38.29 10.39 20.06
N ARG K 18 38.23 11.09 21.19
CA ARG K 18 37.59 10.60 22.41
C ARG K 18 36.29 11.37 22.57
N VAL K 19 35.17 10.65 22.67
CA VAL K 19 33.86 11.29 22.81
C VAL K 19 33.05 10.51 23.84
N LEU K 20 31.95 11.13 24.26
CA LEU K 20 31.04 10.53 25.21
C LEU K 20 29.85 9.92 24.48
N GLU K 21 29.17 9.01 25.18
CA GLU K 21 27.90 8.52 24.67
C GLU K 21 26.96 9.70 24.45
N LYS K 22 26.17 9.61 23.38
CA LYS K 22 25.20 10.60 22.88
C LYS K 22 25.86 11.78 22.19
N ASP K 23 27.18 11.82 22.05
CA ASP K 23 27.81 12.81 21.19
C ASP K 23 27.60 12.47 19.72
N SER K 24 27.65 13.49 18.88
CA SER K 24 27.54 13.31 17.44
C SER K 24 28.93 13.37 16.83
N VAL K 25 29.22 12.44 15.93
CA VAL K 25 30.49 12.40 15.22
C VAL K 25 30.19 12.34 13.73
N THR K 26 30.99 13.06 12.94
CA THR K 26 30.96 12.97 11.49
C THR K 26 32.30 12.42 11.02
N LEU K 27 32.26 11.35 10.22
CA LEU K 27 33.44 10.79 9.62
C LEU K 27 33.44 11.13 8.13
N LYS K 28 34.55 11.65 7.64
CA LYS K 28 34.65 12.14 6.27
C LYS K 28 35.78 11.43 5.56
N CYS K 29 35.58 11.10 4.29
CA CYS K 29 36.60 10.43 3.49
C CYS K 29 36.92 11.27 2.27
N GLN K 30 38.21 11.48 2.03
CA GLN K 30 38.66 12.28 0.89
C GLN K 30 39.48 11.41 -0.07
N GLN K 38 31.87 8.52 -7.15
CA GLN K 38 31.77 8.68 -5.69
C GLN K 38 31.30 7.38 -5.05
N SER K 39 32.20 6.41 -4.92
CA SER K 39 31.92 5.10 -4.35
C SER K 39 32.80 4.91 -3.13
N THR K 40 32.29 5.33 -1.96
CA THR K 40 33.06 5.30 -0.72
C THR K 40 32.66 4.07 0.09
N GLN K 41 33.61 3.14 0.26
CA GLN K 41 33.36 1.88 0.95
C GLN K 41 33.64 2.07 2.44
N TRP K 42 32.62 2.60 3.14
CA TRP K 42 32.71 2.84 4.58
C TRP K 42 32.85 1.53 5.34
N PHE K 43 34.02 1.29 5.92
CA PHE K 43 34.33 0.03 6.61
C PHE K 43 34.69 0.32 8.06
N HIS K 44 33.80 -0.04 8.97
CA HIS K 44 34.03 0.09 10.41
C HIS K 44 34.37 -1.28 10.97
N ASN K 45 35.48 -1.36 11.70
CA ASN K 45 35.94 -2.62 12.32
C ASN K 45 36.19 -3.71 11.27
N GLU K 46 36.60 -3.32 10.06
CA GLU K 46 36.77 -4.25 8.93
C GLU K 46 35.44 -4.94 8.60
N SER K 47 34.43 -4.12 8.32
CA SER K 47 33.10 -4.55 7.88
C SER K 47 32.32 -3.35 7.37
N LEU K 48 31.67 -3.48 6.22
CA LEU K 48 31.05 -2.34 5.56
C LEU K 48 29.65 -2.06 6.11
N ILE K 49 29.24 -0.79 6.02
CA ILE K 49 27.94 -0.33 6.49
C ILE K 49 27.27 0.53 5.42
N SER K 50 28.04 1.46 4.86
CA SER K 50 27.53 2.32 3.78
C SER K 50 28.68 2.80 2.90
N GLN K 52 27.63 3.79 -0.32
CA GLN K 52 28.72 4.68 -0.70
C GLN K 52 28.48 6.10 -0.20
N ALA K 53 28.14 6.22 1.08
CA ALA K 53 27.86 7.53 1.66
C ALA K 53 29.13 8.38 1.69
N SER K 54 28.98 9.67 1.41
CA SER K 54 30.12 10.58 1.40
C SER K 54 30.63 10.82 2.82
N SER K 55 29.79 11.38 3.68
CA SER K 55 30.09 11.61 5.08
C SER K 55 29.17 10.74 5.94
N TYR K 56 29.77 9.90 6.78
CA TYR K 56 29.01 9.02 7.66
C TYR K 56 28.82 9.69 9.01
N PHE K 57 27.55 9.77 9.44
CA PHE K 57 27.15 10.55 10.62
C PHE K 57 26.73 9.60 11.73
N ILE K 58 27.36 9.73 12.89
CA ILE K 58 26.91 9.07 14.11
C ILE K 58 26.10 10.08 14.89
N ASP K 59 24.80 9.83 15.01
CA ASP K 59 23.91 10.84 15.58
C ASP K 59 24.00 10.90 17.11
N ALA K 60 24.18 9.74 17.75
CA ALA K 60 24.11 9.64 19.22
C ALA K 60 25.02 8.47 19.63
N ALA K 61 26.30 8.79 19.77
CA ALA K 61 27.37 7.80 19.85
C ALA K 61 27.13 6.76 20.93
N THR K 62 27.13 5.51 20.52
CA THR K 62 27.05 4.39 21.44
C THR K 62 28.43 3.80 21.62
N VAL K 63 28.67 3.20 22.78
CA VAL K 63 29.95 2.54 23.04
C VAL K 63 30.26 1.51 21.97
N ASP K 64 29.24 0.94 21.33
CA ASP K 64 29.49 0.00 20.24
C ASP K 64 30.03 0.69 18.98
N ASP K 65 29.84 2.01 18.84
CA ASP K 65 30.30 2.71 17.65
C ASP K 65 31.82 2.93 17.62
N SER K 66 32.53 2.64 18.70
CA SER K 66 33.96 2.90 18.73
C SER K 66 34.73 1.85 17.92
N GLY K 67 36.05 1.81 18.10
CA GLY K 67 36.91 0.94 17.32
C GLY K 67 37.65 1.68 16.22
N GLU K 68 38.02 0.98 15.15
CA GLU K 68 38.72 1.59 14.03
C GLU K 68 37.74 1.89 12.89
N TYR K 69 38.11 2.86 12.06
CA TYR K 69 37.31 3.24 10.90
C TYR K 69 38.22 3.42 9.69
N ARG K 70 37.76 2.91 8.55
CA ARG K 70 38.49 3.00 7.29
C ARG K 70 37.47 3.18 6.17
N CYS K 71 37.97 3.38 4.95
CA CYS K 71 37.11 3.59 3.79
C CYS K 71 37.95 3.39 2.53
N GLN K 72 37.29 3.45 1.36
CA GLN K 72 37.97 3.34 0.08
C GLN K 72 37.12 4.02 -0.99
N THR K 73 37.76 4.57 -2.03
CA THR K 73 37.01 5.09 -3.17
C THR K 73 37.53 4.58 -4.51
N LEU K 75 38.86 6.44 -7.10
CA LEU K 75 40.13 5.97 -7.66
C LEU K 75 41.26 6.03 -6.61
N SER K 76 40.91 5.86 -5.35
CA SER K 76 41.87 5.74 -4.26
C SER K 76 41.90 4.28 -3.78
N THR K 77 42.71 4.02 -2.75
CA THR K 77 42.96 2.67 -2.30
C THR K 77 42.35 2.53 -0.91
N LEU K 78 43.10 2.74 0.16
CA LEU K 78 42.65 2.43 1.51
C LEU K 78 42.73 3.67 2.39
N SER K 79 41.64 3.94 3.11
CA SER K 79 41.66 4.96 4.16
C SER K 79 42.28 4.33 5.40
N ASP K 80 43.37 4.94 5.88
CA ASP K 80 44.07 4.41 7.03
C ASP K 80 43.14 4.31 8.24
N PRO K 81 43.51 3.50 9.24
CA PRO K 81 42.67 3.40 10.43
C PRO K 81 42.78 4.66 11.28
N VAL K 82 41.62 5.17 11.69
CA VAL K 82 41.54 6.20 12.72
C VAL K 82 40.78 5.60 13.90
N GLN K 83 41.27 5.89 15.09
CA GLN K 83 40.68 5.38 16.32
C GLN K 83 39.60 6.31 16.81
N LEU K 84 38.42 5.76 17.10
CA LEU K 84 37.35 6.50 17.74
C LEU K 84 37.01 5.80 19.05
N GLU K 85 37.08 6.52 20.15
CA GLU K 85 36.79 5.98 21.47
C GLU K 85 35.54 6.65 22.04
N VAL K 86 34.44 5.90 22.08
CA VAL K 86 33.21 6.33 22.74
C VAL K 86 33.26 5.84 24.18
N HIS K 87 33.31 6.79 25.13
CA HIS K 87 33.47 6.48 26.54
C HIS K 87 32.17 6.66 27.30
N ILE K 88 32.20 6.29 28.57
CA ILE K 88 31.06 6.39 29.45
C ILE K 88 31.44 7.29 30.62
N GLY K 89 30.58 8.24 30.95
CA GLY K 89 30.76 9.02 32.16
C GLY K 89 30.11 10.38 32.02
N TRP K 90 30.33 11.20 33.05
CA TRP K 90 29.84 12.57 32.98
C TRP K 90 30.87 13.56 32.46
N LEU K 91 32.17 13.32 32.70
CA LEU K 91 33.24 14.21 32.23
C LEU K 91 34.31 13.40 31.52
N LEU K 92 34.79 13.97 30.41
CA LEU K 92 35.80 13.34 29.58
C LEU K 92 36.78 14.43 29.15
N LEU K 93 38.08 14.16 29.29
CA LEU K 93 39.10 15.06 28.79
C LEU K 93 39.37 14.68 27.33
N GLN K 94 38.95 15.53 26.40
CA GLN K 94 39.05 15.23 24.99
C GLN K 94 40.34 15.77 24.41
N ALA K 95 40.89 15.04 23.45
CA ALA K 95 42.03 15.45 22.66
C ALA K 95 41.74 15.12 21.20
N PRO K 96 42.35 15.87 20.26
CA PRO K 96 42.14 15.59 18.82
C PRO K 96 43.08 14.53 18.28
N ARG K 97 44.22 14.35 18.94
CA ARG K 97 45.20 13.35 18.56
C ARG K 97 45.90 12.89 19.82
N TRP K 98 46.72 11.84 19.71
CA TRP K 98 47.49 11.39 20.86
C TRP K 98 48.98 11.63 20.70
N VAL K 99 49.42 12.16 19.55
CA VAL K 99 50.82 12.53 19.35
C VAL K 99 50.86 14.02 19.07
N PHE K 100 51.42 14.77 20.02
CA PHE K 100 51.63 16.20 19.87
C PHE K 100 53.12 16.46 19.68
N LYS K 101 53.49 17.11 18.59
CA LYS K 101 54.90 17.38 18.42
C LYS K 101 55.24 18.77 18.94
N GLU K 102 56.51 18.93 19.29
CA GLU K 102 57.04 20.18 19.80
C GLU K 102 56.76 21.33 18.84
N GLU K 103 56.42 22.49 19.42
CA GLU K 103 56.09 23.75 18.77
C GLU K 103 54.66 23.79 18.22
N ASP K 104 53.90 22.67 18.23
CA ASP K 104 52.51 22.62 17.78
C ASP K 104 51.55 22.91 18.93
N PRO K 105 50.34 23.40 18.66
CA PRO K 105 49.40 23.67 19.75
C PRO K 105 48.94 22.39 20.42
N ILE K 106 48.58 22.51 21.70
CA ILE K 106 47.96 21.43 22.45
C ILE K 106 46.54 21.91 22.76
N HIS K 107 45.55 21.24 22.19
CA HIS K 107 44.15 21.62 22.31
C HIS K 107 43.39 20.51 23.03
N LEU K 108 42.90 20.81 24.23
CA LEU K 108 42.14 19.83 25.02
C LEU K 108 40.80 20.43 25.42
N ARG K 109 39.83 19.55 25.71
CA ARG K 109 38.53 20.05 26.15
C ARG K 109 37.98 19.17 27.27
N CYS K 110 37.47 19.83 28.29
CA CYS K 110 36.80 19.18 29.40
C CYS K 110 35.33 19.05 29.04
N HIS K 111 34.96 17.89 28.52
CA HIS K 111 33.66 17.71 27.88
C HIS K 111 32.69 17.01 28.81
N SER K 112 31.52 17.59 28.98
CA SER K 112 30.48 17.06 29.84
C SER K 112 29.42 16.34 29.02
N TRP K 113 28.75 15.40 29.67
CA TRP K 113 27.69 14.63 29.03
C TRP K 113 26.64 15.56 28.47
N LYS K 114 26.38 15.45 27.17
CA LYS K 114 25.34 16.24 26.51
C LYS K 114 25.60 17.74 26.64
N ASN K 115 26.88 18.11 26.81
CA ASN K 115 27.29 19.50 26.96
C ASN K 115 26.59 20.20 28.12
N THR K 116 26.24 19.44 29.16
CA THR K 116 25.70 20.07 30.36
C THR K 116 26.68 21.09 30.90
N ALA K 117 26.18 22.29 31.17
CA ALA K 117 27.03 23.40 31.54
C ALA K 117 27.87 23.09 32.78
N LEU K 118 29.00 23.78 32.87
CA LEU K 118 30.04 23.43 33.82
C LEU K 118 30.68 24.72 34.31
N HIS K 119 31.01 24.76 35.60
CA HIS K 119 31.64 25.91 36.23
C HIS K 119 32.91 25.47 36.94
N LYS K 120 33.79 26.45 37.16
CA LYS K 120 35.02 26.28 37.94
C LYS K 120 35.80 25.05 37.47
N VAL K 121 36.24 25.10 36.21
CA VAL K 121 36.96 24.02 35.56
C VAL K 121 38.46 24.23 35.78
N THR K 122 39.16 23.16 36.17
CA THR K 122 40.61 23.17 36.21
C THR K 122 41.12 21.98 35.42
N TYR K 123 42.14 22.22 34.59
CA TYR K 123 42.89 21.18 33.90
C TYR K 123 44.15 20.89 34.72
N LEU K 124 44.41 19.62 35.00
CA LEU K 124 45.54 19.21 35.84
C LEU K 124 46.61 18.54 35.00
N GLN K 125 47.87 18.86 35.27
CA GLN K 125 49.00 18.16 34.71
C GLN K 125 49.79 17.52 35.84
N ASN K 126 49.91 16.20 35.82
CA ASN K 126 50.67 15.42 36.79
C ASN K 126 50.24 15.68 38.23
N GLY K 127 49.01 16.11 38.43
CA GLY K 127 48.47 16.31 39.77
C GLY K 127 48.28 17.76 40.17
N LYS K 128 48.87 18.71 39.45
CA LYS K 128 48.77 20.11 39.83
C LYS K 128 48.01 20.92 38.78
N GLY K 129 47.29 21.93 39.26
CA GLY K 129 46.50 22.78 38.37
C GLY K 129 47.36 23.59 37.42
N ARG K 130 47.07 23.47 36.12
CA ARG K 130 47.72 24.28 35.10
C ARG K 130 46.90 25.47 34.66
N LYS K 131 45.59 25.31 34.48
CA LYS K 131 44.76 26.46 34.17
C LYS K 131 43.38 26.26 34.78
N TYR K 132 42.76 27.37 35.16
CA TYR K 132 41.46 27.36 35.81
C TYR K 132 40.58 28.42 35.15
N PHE K 133 39.30 28.10 34.95
CA PHE K 133 38.33 29.07 34.45
C PHE K 133 37.07 29.03 35.31
N HIS K 134 36.39 30.18 35.41
CA HIS K 134 35.09 30.24 36.06
C HIS K 134 34.04 29.50 35.23
N HIS K 135 33.79 29.97 34.01
CA HIS K 135 32.93 29.25 33.07
C HIS K 135 33.79 28.37 32.19
N ASN K 136 33.23 27.22 31.77
CA ASN K 136 34.03 26.25 31.06
C ASN K 136 34.64 26.86 29.80
N SER K 137 35.87 26.44 29.52
CA SER K 137 36.61 26.91 28.36
C SER K 137 37.60 25.83 28.00
N ASP K 138 38.09 25.89 26.77
CA ASP K 138 39.02 24.88 26.28
C ASP K 138 40.41 25.12 26.86
N PHE K 139 41.19 24.06 26.88
CA PHE K 139 42.63 24.15 27.20
C PHE K 139 43.39 24.28 25.89
N TYR K 140 44.16 25.35 25.73
CA TYR K 140 44.89 25.62 24.49
C TYR K 140 46.26 26.18 24.84
N ILE K 141 47.29 25.37 24.66
CA ILE K 141 48.69 25.81 24.74
C ILE K 141 49.13 26.09 23.30
N PRO K 142 49.48 27.32 22.95
CA PRO K 142 49.86 27.61 21.56
C PRO K 142 51.12 26.87 21.07
N LYS K 143 52.11 26.64 21.93
CA LYS K 143 53.40 26.09 21.51
C LYS K 143 53.86 24.99 22.45
N ALA K 144 53.78 23.73 22.01
CA ALA K 144 54.07 22.61 22.89
C ALA K 144 55.55 22.55 23.22
N THR K 145 55.87 22.38 24.50
CA THR K 145 57.23 22.15 24.96
C THR K 145 57.30 20.78 25.63
N LEU K 146 58.53 20.28 25.82
CA LEU K 146 58.67 18.98 26.47
C LEU K 146 58.15 19.01 27.88
N LYS K 147 58.17 20.17 28.54
CA LYS K 147 57.62 20.30 29.87
C LYS K 147 56.12 20.05 29.91
N ASP K 148 55.42 20.21 28.78
CA ASP K 148 53.98 19.96 28.77
C ASP K 148 53.63 18.48 28.81
N SER K 149 54.61 17.59 28.78
CA SER K 149 54.28 16.17 28.79
C SER K 149 53.78 15.76 30.18
N GLY K 150 52.90 14.76 30.23
CA GLY K 150 52.45 14.21 31.49
C GLY K 150 51.01 13.75 31.44
N SER K 151 50.51 13.42 32.64
CA SER K 151 49.18 12.86 32.81
C SER K 151 48.22 14.01 33.12
N TYR K 152 47.20 14.16 32.27
CA TYR K 152 46.23 15.23 32.39
C TYR K 152 44.86 14.69 32.73
N PHE K 153 44.11 15.46 33.50
CA PHE K 153 42.68 15.22 33.64
C PHE K 153 42.03 16.56 33.96
N CYS K 154 40.69 16.57 34.01
CA CYS K 154 40.02 17.82 34.33
C CYS K 154 38.95 17.59 35.39
N ARG K 155 38.50 18.69 35.97
CA ARG K 155 37.58 18.64 37.08
C ARG K 155 36.76 19.92 37.06
N GLY K 156 35.47 19.78 37.31
CA GLY K 156 34.59 20.94 37.26
C GLY K 156 33.39 20.73 38.16
N LEU K 157 32.72 21.84 38.46
CA LEU K 157 31.56 21.84 39.35
C LEU K 157 30.29 21.75 38.50
N PHE K 158 29.52 20.69 38.72
CA PHE K 158 28.19 20.56 38.09
C PHE K 158 27.20 20.91 39.17
N GLY K 159 26.98 22.19 39.35
CA GLY K 159 26.03 22.64 40.39
C GLY K 159 26.58 22.49 41.79
N SER K 160 26.30 21.37 42.43
CA SER K 160 26.72 21.17 43.85
C SER K 160 27.74 20.04 43.92
N LYS K 161 28.09 19.46 42.78
CA LYS K 161 28.96 18.27 42.84
C LYS K 161 30.19 18.35 41.92
N ASN K 162 31.38 18.53 42.50
CA ASN K 162 32.61 18.38 41.74
C ASN K 162 32.61 17.04 41.02
N VAL K 163 33.03 17.03 39.77
CA VAL K 163 33.23 15.78 39.03
C VAL K 163 34.61 15.85 38.39
N SER K 164 35.28 14.70 38.32
CA SER K 164 36.62 14.58 37.77
C SER K 164 36.61 13.57 36.64
N SER K 165 37.35 13.87 35.58
CA SER K 165 37.49 12.99 34.44
C SER K 165 38.60 11.99 34.68
N GLU K 166 38.63 10.95 33.84
CA GLU K 166 39.78 10.07 33.79
C GLU K 166 41.00 10.82 33.23
N THR K 167 42.19 10.32 33.56
CA THR K 167 43.42 10.91 33.07
C THR K 167 43.73 10.43 31.66
N VAL K 168 44.45 11.27 30.92
CA VAL K 168 45.02 10.92 29.63
C VAL K 168 46.49 11.31 29.65
N GLN K 169 47.34 10.47 29.08
CA GLN K 169 48.76 10.79 29.00
C GLN K 169 48.98 11.59 27.71
N ILE K 170 49.54 12.79 27.85
CA ILE K 170 49.90 13.63 26.71
C ILE K 170 51.41 13.60 26.58
N THR K 171 51.91 13.10 25.46
CA THR K 171 53.34 12.97 25.23
C THR K 171 53.78 13.88 24.08
N ILE K 172 54.68 14.81 24.39
CA ILE K 172 55.17 15.77 23.40
C ILE K 172 56.38 15.13 22.71
N THR K 173 56.19 14.72 21.46
CA THR K 173 57.28 14.17 20.68
C THR K 173 58.02 15.29 19.95
N GLN K 174 59.07 14.94 19.22
CA GLN K 174 59.94 15.98 18.62
C GLN K 174 60.56 15.52 17.31
N LEU L 5 4.31 -49.32 4.59
CA LEU L 5 4.62 -48.58 3.36
C LEU L 5 3.98 -47.18 3.35
N PRO L 6 4.80 -46.13 3.29
CA PRO L 6 4.28 -44.77 3.33
C PRO L 6 3.28 -44.49 2.21
N LYS L 7 2.20 -43.77 2.54
CA LYS L 7 1.07 -43.59 1.66
C LYS L 7 1.03 -42.18 1.06
N ALA L 8 0.72 -42.10 -0.23
CA ALA L 8 0.33 -40.83 -0.82
C ALA L 8 -1.00 -40.40 -0.22
N VAL L 9 -1.28 -39.10 -0.30
CA VAL L 9 -2.52 -38.53 0.23
C VAL L 9 -3.16 -37.62 -0.82
N VAL L 10 -4.48 -37.70 -0.94
CA VAL L 10 -5.25 -36.87 -1.87
C VAL L 10 -5.82 -35.70 -1.09
N PHE L 11 -5.69 -34.50 -1.65
CA PHE L 11 -6.34 -33.31 -1.10
C PHE L 11 -7.26 -32.69 -2.15
N LEU L 12 -8.33 -32.06 -1.68
CA LEU L 12 -9.25 -31.35 -2.57
C LEU L 12 -9.02 -29.84 -2.48
N GLU L 13 -9.05 -29.18 -3.63
CA GLU L 13 -9.04 -27.72 -3.71
C GLU L 13 -10.17 -27.28 -4.61
N PRO L 14 -11.17 -26.59 -4.10
CA PRO L 14 -11.41 -26.26 -2.69
C PRO L 14 -11.78 -27.52 -1.92
N GLN L 15 -11.82 -27.45 -0.60
CA GLN L 15 -11.94 -28.64 0.22
C GLN L 15 -13.33 -29.22 0.25
N TRP L 16 -14.31 -28.59 -0.39
CA TRP L 16 -15.66 -29.13 -0.42
C TRP L 16 -15.68 -30.48 -1.13
N TYR L 17 -16.20 -31.51 -0.45
CA TYR L 17 -16.33 -32.80 -1.10
C TYR L 17 -17.70 -32.99 -1.73
N ARG L 18 -18.63 -32.08 -1.46
CA ARG L 18 -19.94 -32.00 -2.11
C ARG L 18 -19.93 -30.79 -3.02
N VAL L 19 -20.13 -31.00 -4.31
CA VAL L 19 -20.09 -29.92 -5.29
C VAL L 19 -21.29 -30.07 -6.21
N LEU L 20 -21.59 -29.01 -6.95
CA LEU L 20 -22.64 -29.07 -7.97
C LEU L 20 -22.04 -29.32 -9.35
N GLU L 21 -22.87 -29.90 -10.23
CA GLU L 21 -22.51 -29.93 -11.65
C GLU L 21 -22.04 -28.56 -12.11
N LYS L 22 -21.02 -28.57 -12.96
CA LYS L 22 -20.33 -27.45 -13.58
C LYS L 22 -19.36 -26.75 -12.63
N ASP L 23 -19.31 -27.12 -11.35
CA ASP L 23 -18.22 -26.66 -10.48
C ASP L 23 -16.89 -27.22 -10.96
N SER L 24 -15.81 -26.48 -10.69
CA SER L 24 -14.44 -26.94 -10.92
C SER L 24 -13.86 -27.53 -9.64
N VAL L 25 -13.09 -28.60 -9.78
CA VAL L 25 -12.42 -29.25 -8.66
C VAL L 25 -11.01 -29.61 -9.07
N THR L 26 -10.04 -29.32 -8.20
CA THR L 26 -8.68 -29.78 -8.37
C THR L 26 -8.36 -30.81 -7.30
N LEU L 27 -7.87 -31.96 -7.74
CA LEU L 27 -7.42 -33.00 -6.82
C LEU L 27 -5.91 -33.00 -6.85
N LYS L 28 -5.30 -32.96 -5.67
CA LYS L 28 -3.85 -32.83 -5.56
C LYS L 28 -3.29 -34.06 -4.88
N CYS L 29 -2.17 -34.55 -5.38
CA CYS L 29 -1.57 -35.76 -4.85
C CYS L 29 -0.32 -35.38 -4.08
N GLN L 30 -0.30 -35.69 -2.80
CA GLN L 30 0.91 -35.54 -2.01
C GLN L 30 1.68 -36.85 -2.07
N GLY L 31 2.86 -36.83 -2.65
CA GLY L 31 3.63 -38.05 -2.83
C GLY L 31 5.07 -37.73 -3.13
N ALA L 32 5.92 -38.72 -2.87
CA ALA L 32 7.37 -38.57 -3.00
C ALA L 32 7.84 -39.17 -4.32
N TYR L 33 8.65 -38.41 -5.05
CA TYR L 33 9.30 -38.86 -6.26
C TYR L 33 10.73 -39.32 -5.95
N SER L 34 11.25 -40.18 -6.79
CA SER L 34 12.63 -40.61 -6.76
C SER L 34 13.37 -39.94 -7.90
N PRO L 35 14.70 -39.98 -7.90
CA PRO L 35 15.43 -39.43 -9.05
C PRO L 35 15.02 -40.15 -10.32
N GLU L 36 14.49 -39.38 -11.28
CA GLU L 36 13.94 -39.88 -12.54
C GLU L 36 12.55 -40.51 -12.38
N ASP L 37 12.21 -40.99 -11.18
CA ASP L 37 10.90 -41.58 -10.92
C ASP L 37 9.89 -40.45 -10.73
N GLN L 38 9.30 -40.02 -11.83
CA GLN L 38 8.79 -38.66 -11.98
C GLN L 38 7.27 -38.53 -11.79
N SER L 39 6.48 -39.48 -12.28
CA SER L 39 5.08 -39.26 -12.54
C SER L 39 4.23 -39.40 -11.28
N THR L 40 2.94 -39.06 -11.43
CA THR L 40 1.88 -39.38 -10.47
C THR L 40 0.78 -40.12 -11.21
N GLN L 41 0.25 -41.16 -10.57
CA GLN L 41 -0.82 -41.97 -11.13
C GLN L 41 -2.11 -41.72 -10.37
N TRP L 42 -3.20 -41.52 -11.11
CA TRP L 42 -4.49 -41.17 -10.54
C TRP L 42 -5.50 -42.28 -10.83
N PHE L 43 -6.35 -42.57 -9.85
CA PHE L 43 -7.34 -43.64 -9.97
C PHE L 43 -8.70 -43.11 -9.56
N HIS L 44 -9.68 -43.26 -10.46
CA HIS L 44 -11.07 -42.91 -10.18
C HIS L 44 -11.91 -44.18 -10.17
N ASN L 45 -12.56 -44.47 -9.04
CA ASN L 45 -13.35 -45.70 -8.90
C ASN L 45 -12.50 -46.94 -9.15
N GLU L 46 -11.21 -46.88 -8.78
CA GLU L 46 -10.22 -47.95 -8.95
C GLU L 46 -9.75 -48.13 -10.39
N SER L 47 -9.90 -47.11 -11.25
CA SER L 47 -9.45 -47.20 -12.64
C SER L 47 -8.53 -46.04 -12.98
N LEU L 48 -7.40 -46.35 -13.62
CA LEU L 48 -6.42 -45.34 -13.99
C LEU L 48 -7.06 -44.29 -14.91
N ILE L 49 -6.55 -43.06 -14.82
CA ILE L 49 -7.05 -41.97 -15.65
C ILE L 49 -5.90 -41.08 -16.13
N SER L 50 -5.13 -40.53 -15.21
CA SER L 50 -3.94 -39.75 -15.51
C SER L 50 -2.72 -40.48 -15.00
N SER L 51 -1.62 -40.41 -15.74
CA SER L 51 -0.43 -41.17 -15.40
C SER L 51 0.82 -40.31 -15.40
N GLN L 52 0.66 -38.99 -15.25
CA GLN L 52 1.82 -38.11 -15.12
C GLN L 52 1.59 -37.01 -14.09
N ALA L 53 0.51 -36.24 -14.24
CA ALA L 53 0.40 -34.95 -13.55
C ALA L 53 0.08 -35.11 -12.07
N SER L 54 0.70 -34.25 -11.23
CA SER L 54 0.50 -34.34 -9.80
C SER L 54 -0.88 -33.86 -9.38
N SER L 55 -1.47 -32.92 -10.13
CA SER L 55 -2.85 -32.47 -9.90
C SER L 55 -3.73 -32.97 -11.02
N TYR L 56 -4.98 -33.29 -10.68
CA TYR L 56 -6.01 -33.67 -11.63
C TYR L 56 -7.13 -32.64 -11.54
N PHE L 57 -7.40 -31.97 -12.66
CA PHE L 57 -8.37 -30.88 -12.70
C PHE L 57 -9.66 -31.34 -13.37
N ILE L 58 -10.79 -31.08 -12.70
CA ILE L 58 -12.11 -31.31 -13.27
C ILE L 58 -12.68 -29.93 -13.60
N ASP L 59 -12.70 -29.57 -14.90
CA ASP L 59 -13.12 -28.21 -15.25
C ASP L 59 -14.61 -27.98 -14.97
N ALA L 60 -15.45 -28.96 -15.27
CA ALA L 60 -16.90 -28.75 -15.18
C ALA L 60 -17.51 -30.07 -14.76
N ALA L 61 -17.71 -30.24 -13.46
CA ALA L 61 -18.06 -31.53 -12.91
C ALA L 61 -19.39 -32.04 -13.45
N THR L 62 -19.42 -33.33 -13.78
CA THR L 62 -20.65 -34.04 -14.09
C THR L 62 -20.89 -35.08 -13.01
N VAL L 63 -22.12 -35.60 -12.96
CA VAL L 63 -22.50 -36.58 -11.95
C VAL L 63 -21.58 -37.80 -12.01
N ASP L 64 -21.07 -38.13 -13.20
CA ASP L 64 -20.18 -39.28 -13.33
C ASP L 64 -18.82 -39.04 -12.72
N ASP L 65 -18.47 -37.80 -12.39
CA ASP L 65 -17.20 -37.53 -11.73
C ASP L 65 -17.24 -37.84 -10.24
N SER L 66 -18.42 -38.19 -9.71
CA SER L 66 -18.53 -38.64 -8.34
C SER L 66 -17.78 -39.96 -8.15
N GLY L 67 -17.50 -40.30 -6.89
CA GLY L 67 -16.88 -41.55 -6.55
C GLY L 67 -15.62 -41.33 -5.74
N GLU L 68 -14.74 -42.33 -5.75
CA GLU L 68 -13.52 -42.33 -4.96
C GLU L 68 -12.31 -42.04 -5.83
N TYR L 69 -11.40 -41.21 -5.31
CA TYR L 69 -10.15 -40.89 -5.97
C TYR L 69 -8.98 -41.32 -5.11
N ARG L 70 -7.99 -41.93 -5.74
CA ARG L 70 -6.73 -42.27 -5.07
C ARG L 70 -5.59 -41.88 -5.99
N CYS L 71 -4.39 -41.72 -5.42
CA CYS L 71 -3.22 -41.43 -6.21
C CYS L 71 -2.04 -42.18 -5.62
N GLN L 72 -0.97 -42.24 -6.40
CA GLN L 72 0.24 -42.91 -5.96
C GLN L 72 1.42 -42.36 -6.74
N THR L 73 2.60 -42.46 -6.13
CA THR L 73 3.86 -42.05 -6.74
C THR L 73 4.86 -43.19 -6.56
N GLN L 74 6.07 -43.00 -7.07
CA GLN L 74 7.09 -44.02 -6.97
C GLN L 74 7.37 -44.41 -5.52
N LEU L 75 7.50 -43.41 -4.62
CA LEU L 75 7.87 -43.66 -3.24
C LEU L 75 6.71 -43.58 -2.26
N SER L 76 5.50 -43.26 -2.73
CA SER L 76 4.31 -43.21 -1.89
C SER L 76 3.26 -44.13 -2.47
N THR L 77 2.85 -45.13 -1.71
CA THR L 77 1.94 -46.16 -2.21
C THR L 77 0.51 -45.62 -2.29
N LEU L 78 -0.37 -46.45 -2.87
CA LEU L 78 -1.73 -46.05 -3.15
C LEU L 78 -2.39 -45.38 -1.95
N SER L 79 -2.95 -44.20 -2.19
CA SER L 79 -3.52 -43.38 -1.14
C SER L 79 -4.81 -43.99 -0.63
N ASP L 80 -5.16 -43.64 0.63
CA ASP L 80 -6.54 -43.79 1.07
C ASP L 80 -7.47 -43.13 0.06
N PRO L 81 -8.69 -43.63 -0.11
CA PRO L 81 -9.64 -43.00 -1.05
C PRO L 81 -10.24 -41.71 -0.50
N VAL L 82 -10.46 -40.74 -1.39
CA VAL L 82 -11.18 -39.51 -1.06
C VAL L 82 -12.46 -39.49 -1.88
N GLN L 83 -13.57 -39.14 -1.22
CA GLN L 83 -14.89 -39.18 -1.84
C GLN L 83 -15.24 -37.82 -2.41
N LEU L 84 -15.78 -37.81 -3.63
CA LEU L 84 -16.31 -36.60 -4.25
C LEU L 84 -17.77 -36.90 -4.62
N GLU L 85 -18.69 -36.05 -4.20
CA GLU L 85 -20.10 -36.16 -4.57
C GLU L 85 -20.48 -34.97 -5.45
N VAL L 86 -20.97 -35.24 -6.66
CA VAL L 86 -21.40 -34.21 -7.61
C VAL L 86 -22.92 -34.26 -7.69
N HIS L 87 -23.58 -33.22 -7.22
CA HIS L 87 -25.01 -33.17 -7.02
C HIS L 87 -25.70 -32.45 -8.17
N ILE L 88 -26.97 -32.78 -8.39
CA ILE L 88 -27.80 -32.02 -9.32
C ILE L 88 -28.58 -30.98 -8.53
N GLY L 89 -29.06 -29.95 -9.21
CA GLY L 89 -29.97 -29.01 -8.59
C GLY L 89 -29.39 -27.62 -8.50
N TRP L 90 -30.16 -26.75 -7.85
CA TRP L 90 -29.85 -25.33 -7.80
C TRP L 90 -29.04 -24.91 -6.55
N LEU L 91 -29.27 -25.57 -5.41
CA LEU L 91 -28.67 -25.15 -4.15
C LEU L 91 -28.13 -26.35 -3.39
N LEU L 92 -26.97 -26.19 -2.75
CA LEU L 92 -26.30 -27.32 -2.14
C LEU L 92 -25.58 -26.83 -0.90
N LEU L 93 -25.82 -27.51 0.23
CA LEU L 93 -25.07 -27.23 1.45
C LEU L 93 -23.75 -27.98 1.38
N GLN L 94 -22.65 -27.23 1.29
CA GLN L 94 -21.33 -27.83 1.12
C GLN L 94 -20.66 -28.01 2.47
N ALA L 95 -19.91 -29.10 2.60
CA ALA L 95 -19.08 -29.38 3.76
C ALA L 95 -17.72 -29.88 3.28
N PRO L 96 -16.67 -29.68 4.06
CA PRO L 96 -15.35 -30.16 3.63
C PRO L 96 -14.99 -31.55 4.14
N ARG L 97 -15.82 -32.13 5.01
CA ARG L 97 -15.58 -33.45 5.58
C ARG L 97 -16.89 -33.91 6.19
N TRP L 98 -16.93 -35.18 6.60
CA TRP L 98 -18.07 -35.66 7.37
C TRP L 98 -17.72 -36.03 8.81
N VAL L 99 -16.46 -35.96 9.19
CA VAL L 99 -16.05 -36.20 10.57
C VAL L 99 -15.61 -34.87 11.17
N PHE L 100 -16.42 -34.31 12.06
CA PHE L 100 -16.08 -33.07 12.76
C PHE L 100 -15.80 -33.37 14.23
N LYS L 101 -14.60 -33.08 14.70
CA LYS L 101 -14.25 -33.31 16.08
C LYS L 101 -14.65 -32.12 16.96
N GLU L 102 -15.07 -32.44 18.19
CA GLU L 102 -15.29 -31.44 19.23
C GLU L 102 -14.10 -30.48 19.33
N GLU L 103 -14.40 -29.19 19.55
CA GLU L 103 -13.43 -28.08 19.62
C GLU L 103 -12.85 -27.65 18.29
N ASP L 104 -13.16 -28.34 17.20
CA ASP L 104 -12.69 -27.97 15.87
C ASP L 104 -13.76 -27.17 15.12
N PRO L 105 -13.36 -26.37 14.14
CA PRO L 105 -14.33 -25.55 13.42
C PRO L 105 -15.34 -26.37 12.64
N ILE L 106 -16.53 -25.78 12.47
CA ILE L 106 -17.52 -26.31 11.55
C ILE L 106 -17.71 -25.25 10.47
N HIS L 107 -17.33 -25.57 9.24
CA HIS L 107 -17.36 -24.63 8.12
C HIS L 107 -18.26 -25.19 7.04
N LEU L 108 -19.36 -24.50 6.76
CA LEU L 108 -20.29 -24.92 5.72
C LEU L 108 -20.55 -23.77 4.76
N ARG L 109 -21.06 -24.10 3.57
CA ARG L 109 -21.37 -23.06 2.59
C ARG L 109 -22.64 -23.41 1.82
N CYS L 110 -23.54 -22.44 1.75
CA CYS L 110 -24.74 -22.53 0.93
C CYS L 110 -24.37 -22.14 -0.50
N HIS L 111 -24.22 -23.13 -1.37
CA HIS L 111 -23.64 -22.95 -2.71
C HIS L 111 -24.72 -23.05 -3.77
N SER L 112 -24.71 -22.13 -4.72
CA SER L 112 -25.68 -22.12 -5.80
C SER L 112 -25.02 -22.51 -7.13
N TRP L 113 -25.85 -23.01 -8.04
CA TRP L 113 -25.40 -23.36 -9.38
C TRP L 113 -24.72 -22.17 -10.04
N LYS L 114 -23.49 -22.39 -10.51
CA LYS L 114 -22.67 -21.36 -11.17
C LYS L 114 -22.35 -20.17 -10.28
N ASN L 115 -22.45 -20.35 -8.96
CA ASN L 115 -22.26 -19.25 -8.01
C ASN L 115 -23.23 -18.10 -8.29
N THR L 116 -24.42 -18.41 -8.81
CA THR L 116 -25.45 -17.39 -8.98
C THR L 116 -25.72 -16.70 -7.64
N ALA L 117 -25.78 -15.37 -7.67
CA ALA L 117 -25.83 -14.59 -6.44
C ALA L 117 -27.05 -14.94 -5.61
N LEU L 118 -26.87 -14.93 -4.30
CA LEU L 118 -27.89 -15.38 -3.35
C LEU L 118 -28.10 -14.33 -2.27
N HIS L 119 -29.33 -14.22 -1.76
CA HIS L 119 -29.65 -13.25 -0.72
C HIS L 119 -30.53 -13.90 0.35
N LYS L 120 -30.51 -13.30 1.53
CA LYS L 120 -31.42 -13.68 2.61
C LYS L 120 -31.28 -15.19 2.90
N VAL L 121 -30.03 -15.57 3.18
CA VAL L 121 -29.65 -16.97 3.32
C VAL L 121 -29.84 -17.38 4.76
N THR L 122 -30.39 -18.57 4.97
CA THR L 122 -30.50 -19.14 6.30
C THR L 122 -29.83 -20.50 6.33
N TYR L 123 -28.99 -20.73 7.35
CA TYR L 123 -28.55 -22.06 7.70
C TYR L 123 -29.45 -22.60 8.81
N LEU L 124 -29.98 -23.79 8.63
CA LEU L 124 -30.91 -24.39 9.58
C LEU L 124 -30.30 -25.67 10.16
N GLN L 125 -30.48 -25.85 11.47
CA GLN L 125 -30.10 -27.07 12.17
C GLN L 125 -31.37 -27.71 12.72
N ASN L 126 -31.63 -28.97 12.34
CA ASN L 126 -32.77 -29.73 12.84
C ASN L 126 -34.08 -28.98 12.68
N GLY L 127 -34.18 -28.22 11.59
CA GLY L 127 -35.39 -27.52 11.24
C GLY L 127 -35.49 -26.11 11.79
N LYS L 128 -34.50 -25.64 12.52
CA LYS L 128 -34.58 -24.32 13.11
C LYS L 128 -33.49 -23.43 12.53
N GLY L 129 -33.89 -22.22 12.12
CA GLY L 129 -32.97 -21.17 11.76
C GLY L 129 -31.87 -21.03 12.78
N ARG L 130 -30.64 -21.17 12.32
CA ARG L 130 -29.49 -21.09 13.18
C ARG L 130 -28.64 -19.86 12.89
N LYS L 131 -28.48 -19.48 11.62
CA LYS L 131 -27.76 -18.27 11.25
C LYS L 131 -28.42 -17.67 10.01
N TYR L 132 -28.63 -16.35 10.04
CA TYR L 132 -29.24 -15.63 8.92
C TYR L 132 -28.29 -14.55 8.43
N PHE L 133 -28.12 -14.47 7.11
CA PHE L 133 -27.31 -13.44 6.47
C PHE L 133 -28.14 -12.69 5.44
N HIS L 134 -28.04 -11.37 5.44
CA HIS L 134 -28.68 -10.61 4.36
C HIS L 134 -27.99 -10.87 3.03
N HIS L 135 -26.66 -10.94 3.02
CA HIS L 135 -25.89 -11.24 1.83
C HIS L 135 -25.15 -12.54 2.03
N ASN L 136 -25.07 -13.34 0.98
CA ASN L 136 -24.57 -14.70 1.10
C ASN L 136 -23.22 -14.76 1.82
N SER L 137 -23.13 -15.60 2.84
CA SER L 137 -21.90 -15.79 3.59
C SER L 137 -21.79 -17.25 4.03
N ASP L 138 -20.56 -17.67 4.38
CA ASP L 138 -20.33 -19.02 4.86
C ASP L 138 -20.81 -19.19 6.30
N PHE L 139 -21.16 -20.42 6.64
CA PHE L 139 -21.45 -20.83 8.01
C PHE L 139 -20.14 -21.26 8.66
N TYR L 140 -19.80 -20.67 9.82
CA TYR L 140 -18.51 -20.95 10.44
C TYR L 140 -18.69 -20.93 11.95
N ILE L 141 -18.70 -22.12 12.56
CA ILE L 141 -18.72 -22.27 14.01
C ILE L 141 -17.27 -22.46 14.46
N PRO L 142 -16.66 -21.53 15.20
CA PRO L 142 -15.24 -21.67 15.56
C PRO L 142 -14.89 -22.92 16.33
N LYS L 143 -15.71 -23.35 17.30
CA LYS L 143 -15.41 -24.49 18.17
C LYS L 143 -16.64 -25.36 18.26
N ALA L 144 -16.59 -26.54 17.65
CA ALA L 144 -17.74 -27.43 17.65
C ALA L 144 -18.00 -27.96 19.05
N THR L 145 -19.26 -28.03 19.44
CA THR L 145 -19.68 -28.83 20.60
C THR L 145 -20.65 -29.90 20.13
N LEU L 146 -20.93 -30.85 21.03
CA LEU L 146 -21.83 -31.95 20.69
C LEU L 146 -23.22 -31.44 20.34
N LYS L 147 -23.63 -30.28 20.88
CA LYS L 147 -24.93 -29.75 20.52
C LYS L 147 -25.02 -29.36 19.05
N ASP L 148 -23.88 -29.20 18.38
CA ASP L 148 -23.90 -28.83 16.96
C ASP L 148 -24.24 -30.01 16.06
N SER L 149 -24.41 -31.21 16.62
CA SER L 149 -24.83 -32.34 15.80
C SER L 149 -26.24 -32.14 15.32
N GLY L 150 -26.54 -32.60 14.11
CA GLY L 150 -27.90 -32.57 13.62
C GLY L 150 -27.98 -32.50 12.10
N SER L 151 -29.22 -32.32 11.64
CA SER L 151 -29.54 -32.28 10.21
C SER L 151 -29.51 -30.83 9.75
N TYR L 152 -28.67 -30.53 8.76
CA TYR L 152 -28.47 -29.15 8.33
C TYR L 152 -28.93 -29.00 6.89
N PHE L 153 -29.52 -27.85 6.58
CA PHE L 153 -29.71 -27.46 5.19
C PHE L 153 -29.71 -25.95 5.14
N CYS L 154 -29.71 -25.38 3.93
CA CYS L 154 -29.75 -23.93 3.79
C CYS L 154 -30.81 -23.54 2.80
N ARG L 155 -31.20 -22.28 2.87
CA ARG L 155 -32.23 -21.78 1.97
C ARG L 155 -31.92 -20.32 1.70
N GLY L 156 -32.24 -19.88 0.49
CA GLY L 156 -31.96 -18.50 0.15
C GLY L 156 -32.87 -18.04 -0.96
N LEU L 157 -32.90 -16.73 -1.15
CA LEU L 157 -33.77 -16.09 -2.13
C LEU L 157 -32.99 -15.82 -3.39
N PHE L 158 -33.49 -16.32 -4.52
CA PHE L 158 -32.95 -15.99 -5.83
C PHE L 158 -33.99 -15.15 -6.55
N GLY L 159 -33.80 -13.83 -6.52
CA GLY L 159 -34.76 -12.92 -7.10
C GLY L 159 -36.11 -13.02 -6.41
N SER L 160 -37.07 -13.64 -7.09
CA SER L 160 -38.39 -13.82 -6.49
C SER L 160 -38.70 -15.25 -6.08
N LYS L 161 -37.70 -16.14 -6.05
CA LYS L 161 -37.93 -17.56 -5.77
C LYS L 161 -37.02 -18.06 -4.67
N ASN L 162 -37.60 -18.50 -3.55
CA ASN L 162 -36.86 -19.18 -2.50
C ASN L 162 -36.52 -20.61 -2.92
N VAL L 163 -35.30 -21.03 -2.60
CA VAL L 163 -34.86 -22.40 -2.87
C VAL L 163 -34.23 -22.96 -1.61
N SER L 164 -34.49 -24.23 -1.33
CA SER L 164 -33.87 -24.97 -0.23
C SER L 164 -32.92 -26.03 -0.75
N SER L 165 -31.80 -26.23 -0.03
CA SER L 165 -30.92 -27.35 -0.32
C SER L 165 -31.43 -28.62 0.35
N GLU L 166 -30.96 -29.77 -0.13
CA GLU L 166 -31.22 -31.00 0.61
C GLU L 166 -30.43 -30.98 1.92
N THR L 167 -30.75 -31.92 2.81
CA THR L 167 -30.10 -31.92 4.10
C THR L 167 -28.84 -32.77 4.08
N VAL L 168 -27.97 -32.49 5.04
CA VAL L 168 -26.77 -33.29 5.26
C VAL L 168 -26.60 -33.42 6.77
N GLN L 169 -26.33 -34.63 7.23
CA GLN L 169 -26.19 -34.89 8.66
C GLN L 169 -24.76 -34.55 9.09
N ILE L 170 -24.65 -33.68 10.09
CA ILE L 170 -23.37 -33.26 10.65
C ILE L 170 -23.27 -33.87 12.04
N THR L 171 -22.25 -34.71 12.25
CA THR L 171 -22.07 -35.37 13.54
C THR L 171 -20.74 -34.97 14.14
N ILE L 172 -20.78 -34.52 15.39
CA ILE L 172 -19.60 -34.09 16.13
C ILE L 172 -19.13 -35.27 16.97
N THR L 173 -17.90 -35.71 16.73
CA THR L 173 -17.31 -36.81 17.45
C THR L 173 -16.43 -36.28 18.57
N GLN L 174 -16.53 -36.88 19.75
CA GLN L 174 -15.75 -36.43 20.89
C GLN L 174 -14.27 -36.72 20.73
N GLY L 175 -13.89 -37.55 19.75
CA GLY L 175 -12.49 -37.84 19.47
C GLY L 175 -12.30 -38.81 18.32
#